data_9MWX
#
_entry.id   9MWX
#
_cell.length_a   59.525
_cell.length_b   153.031
_cell.length_c   108.520
_cell.angle_alpha   90.00
_cell.angle_beta   90.63
_cell.angle_gamma   90.00
#
_symmetry.space_group_name_H-M   'P 1 21 1'
#
loop_
_entity.id
_entity.type
_entity.pdbx_description
1 polymer 'Nitric oxide synthase, endothelial'
2 non-polymer 'PROTOPORPHYRIN IX CONTAINING FE'
3 non-polymer 5,6,7,8-TETRAHYDROBIOPTERIN
4 non-polymer N-[3-({[2-(4-{[(Z)-imino(1,3-thiazol-5-yl)methyl]amino}phenyl)ethyl]amino}methyl)phenyl]-1,3-thiazole-5-carboximidamide
5 non-polymer 2-[BIS-(2-HYDROXY-ETHYL)-AMINO]-2-HYDROXYMETHYL-PROPANE-1,3-DIOL
6 non-polymer GLYCEROL
7 non-polymer 'CHLORIDE ION'
8 non-polymer 'GADOLINIUM ATOM'
9 non-polymer 'ZINC ION'
10 non-polymer 'CALCIUM ION'
11 water water
#
_entity_poly.entity_id   1
_entity_poly.type   'polypeptide(L)'
_entity_poly.pdbx_seq_one_letter_code
;APASLLPPAPEHSPPSSPLTQPPEGPKFPRVKNWEVGSITYDTLSAQAQQDGPCTPRRCLGSLVFPRKLQGRPSPGPPAP
EQLLSQARDFINQYYSSIKRSGSQAHEQRLQEVEAEVAATGTYQLRESELVFGAKQAWRNAPRCVGRIQWGKLQVFDARD
CRSAQEMFTYICNHIKYATNRGNLRSAITVFPQRCPGRGDFRIWNSQLVRYAGYRQQDGSVRGDPANVEITELCIQHGWT
PGNGRFDVLPLLLQAPDEPPELFLLPPELVLEVPLEHPTLEWFAALGLRWYALPAVSNMLLEIGGLEFPAAPFSGWYMST
EIGTRNLCDPHRYNILEDVAVCMDLDTRTTSSLWKDKAAVEINVAVLHSYQLAKVTIVDHHAATASFMKHLENEQKARGG
CPADWAWIVPPISGSLTPVFHQEMVNYFLSPAFRYQPDPW
;
_entity_poly.pdbx_strand_id   A,B,C,D
#
loop_
_chem_comp.id
_chem_comp.type
_chem_comp.name
_chem_comp.formula
A1BT5 non-polymer N-[3-({[2-(4-{[(Z)-imino(1,3-thiazol-5-yl)methyl]amino}phenyl)ethyl]amino}methyl)phenyl]-1,3-thiazole-5-carboximidamide 'C23 H23 N7 S2'
BTB non-polymer 2-[BIS-(2-HYDROXY-ETHYL)-AMINO]-2-HYDROXYMETHYL-PROPANE-1,3-DIOL 'C8 H19 N O5'
CA non-polymer 'CALCIUM ION' 'Ca 2'
CL non-polymer 'CHLORIDE ION' 'Cl -1'
GD non-polymer 'GADOLINIUM ATOM' Gd
GOL non-polymer GLYCEROL 'C3 H8 O3'
H4B non-polymer 5,6,7,8-TETRAHYDROBIOPTERIN 'C9 H15 N5 O3'
HEM non-polymer 'PROTOPORPHYRIN IX CONTAINING FE' 'C34 H32 Fe N4 O4'
ZN non-polymer 'ZINC ION' 'Zn 2'
#
# COMPACT_ATOMS: atom_id res chain seq x y z
N PHE A 28 -49.55 -17.92 -15.42
CA PHE A 28 -49.02 -17.97 -14.06
C PHE A 28 -47.69 -18.71 -14.05
N PRO A 29 -46.62 -17.97 -13.73
CA PRO A 29 -45.29 -18.58 -13.74
C PRO A 29 -45.15 -19.62 -12.64
N ARG A 30 -44.55 -20.74 -13.00
CA ARG A 30 -44.22 -21.81 -12.05
C ARG A 30 -42.84 -21.53 -11.44
N VAL A 31 -42.77 -21.60 -10.11
CA VAL A 31 -41.55 -21.25 -9.40
C VAL A 31 -41.19 -22.41 -8.46
N LYS A 32 -39.94 -22.84 -8.51
CA LYS A 32 -39.47 -24.03 -7.82
C LYS A 32 -38.41 -23.67 -6.79
N ASN A 33 -38.40 -24.42 -5.68
CA ASN A 33 -37.31 -24.39 -4.71
C ASN A 33 -36.42 -25.60 -4.97
N TRP A 34 -35.16 -25.37 -5.31
CA TRP A 34 -34.31 -26.47 -5.74
C TRP A 34 -33.68 -27.24 -4.59
N GLU A 35 -33.74 -26.71 -3.37
CA GLU A 35 -33.25 -27.45 -2.21
C GLU A 35 -34.28 -28.47 -1.72
N VAL A 36 -35.57 -28.09 -1.74
CA VAL A 36 -36.63 -28.92 -1.19
C VAL A 36 -37.40 -29.62 -2.31
N GLY A 37 -37.41 -29.00 -3.49
CA GLY A 37 -38.12 -29.52 -4.63
C GLY A 37 -39.56 -29.06 -4.76
N SER A 38 -40.04 -28.21 -3.86
CA SER A 38 -41.44 -27.81 -3.89
C SER A 38 -41.73 -26.85 -5.05
N ILE A 39 -43.01 -26.80 -5.42
CA ILE A 39 -43.50 -26.05 -6.57
C ILE A 39 -44.67 -25.17 -6.14
N THR A 40 -44.63 -23.89 -6.49
CA THR A 40 -45.75 -22.97 -6.32
C THR A 40 -45.96 -22.19 -7.61
N TYR A 41 -47.12 -21.53 -7.70
CA TYR A 41 -47.44 -20.70 -8.86
C TYR A 41 -47.69 -19.27 -8.39
N ASP A 42 -47.04 -18.30 -9.03
CA ASP A 42 -47.25 -16.90 -8.65
C ASP A 42 -48.42 -16.34 -9.45
N THR A 43 -49.60 -16.29 -8.81
CA THR A 43 -50.78 -15.72 -9.45
C THR A 43 -50.86 -14.22 -9.27
N LEU A 44 -50.19 -13.66 -8.25
CA LEU A 44 -50.24 -12.23 -8.01
C LEU A 44 -49.55 -11.43 -9.11
N SER A 45 -48.56 -12.03 -9.80
CA SER A 45 -47.81 -11.28 -10.81
C SER A 45 -48.71 -10.83 -11.95
N ALA A 46 -49.81 -11.55 -12.19
CA ALA A 46 -50.78 -11.14 -13.21
C ALA A 46 -51.37 -9.76 -12.92
N GLN A 47 -51.31 -9.30 -11.67
CA GLN A 47 -51.83 -8.00 -11.28
C GLN A 47 -50.83 -6.87 -11.42
N ALA A 48 -49.60 -7.17 -11.82
CA ALA A 48 -48.54 -6.16 -11.87
C ALA A 48 -49.03 -4.89 -12.56
N GLN A 49 -48.94 -3.77 -11.83
CA GLN A 49 -49.40 -2.48 -12.32
C GLN A 49 -48.55 -1.95 -13.46
N GLN A 50 -47.32 -1.57 -13.14
CA GLN A 50 -46.43 -0.89 -14.07
C GLN A 50 -45.49 -1.89 -14.74
N ASP A 51 -44.78 -1.41 -15.76
CA ASP A 51 -43.95 -2.27 -16.58
C ASP A 51 -42.48 -2.14 -16.19
N GLY A 52 -41.83 -3.29 -16.02
CA GLY A 52 -40.41 -3.34 -15.75
C GLY A 52 -39.61 -3.34 -17.03
N PRO A 53 -38.30 -3.44 -16.91
CA PRO A 53 -37.41 -3.23 -18.06
C PRO A 53 -37.19 -4.46 -18.95
N CYS A 54 -37.73 -5.61 -18.58
CA CYS A 54 -37.42 -6.86 -19.28
C CYS A 54 -38.35 -7.08 -20.46
N THR A 55 -37.83 -7.74 -21.50
CA THR A 55 -38.67 -8.15 -22.62
C THR A 55 -38.34 -9.59 -22.98
N PRO A 56 -39.15 -10.27 -23.80
CA PRO A 56 -38.78 -11.63 -24.23
C PRO A 56 -37.44 -11.68 -24.93
N ARG A 57 -36.97 -10.57 -25.49
CA ARG A 57 -35.69 -10.57 -26.19
C ARG A 57 -34.51 -10.50 -25.23
N ARG A 58 -34.66 -9.84 -24.08
CA ARG A 58 -33.51 -9.68 -23.20
C ARG A 58 -33.98 -9.38 -21.79
N CYS A 59 -33.29 -9.95 -20.80
CA CYS A 59 -33.58 -9.70 -19.40
C CYS A 59 -32.64 -8.64 -18.85
N LEU A 60 -33.23 -7.63 -18.20
CA LEU A 60 -32.50 -6.54 -17.56
C LEU A 60 -32.74 -6.51 -16.05
N GLY A 61 -33.02 -7.68 -15.46
CA GLY A 61 -33.25 -7.77 -14.02
C GLY A 61 -32.08 -7.37 -13.14
N SER A 62 -30.85 -7.37 -13.67
CA SER A 62 -29.69 -7.00 -12.87
C SER A 62 -29.44 -5.49 -12.79
N LEU A 63 -30.19 -4.66 -13.53
CA LEU A 63 -29.98 -3.22 -13.51
C LEU A 63 -30.50 -2.62 -12.21
N VAL A 64 -29.71 -1.74 -11.59
CA VAL A 64 -30.13 -1.11 -10.32
C VAL A 64 -31.34 -0.21 -10.53
N PHE A 65 -31.35 0.53 -11.63
CA PHE A 65 -32.47 1.39 -11.99
C PHE A 65 -33.24 0.74 -13.13
N PRO A 66 -34.39 0.11 -12.87
CA PRO A 66 -35.22 -0.38 -13.97
C PRO A 66 -35.79 0.72 -14.83
N ARG A 67 -35.51 1.99 -14.50
CA ARG A 67 -35.64 3.13 -15.39
C ARG A 67 -37.06 3.66 -15.36
N LYS A 68 -37.29 4.96 -15.62
CA LYS A 68 -36.29 6.03 -15.59
C LYS A 68 -36.74 7.09 -14.61
N ALA A 79 -53.94 14.61 -16.73
CA ALA A 79 -53.55 13.98 -15.46
C ALA A 79 -54.71 13.50 -14.53
N PRO A 80 -55.87 14.22 -14.47
CA PRO A 80 -56.85 13.87 -13.43
C PRO A 80 -57.58 12.57 -13.71
N GLU A 81 -57.86 12.27 -14.97
CA GLU A 81 -58.45 10.98 -15.29
C GLU A 81 -57.46 9.85 -15.05
N GLN A 82 -56.15 10.14 -15.12
CA GLN A 82 -55.15 9.16 -14.77
C GLN A 82 -55.02 9.02 -13.26
N LEU A 83 -54.92 10.14 -12.54
CA LEU A 83 -54.86 10.11 -11.08
C LEU A 83 -56.05 9.37 -10.49
N LEU A 84 -57.24 9.54 -11.07
CA LEU A 84 -58.43 8.93 -10.50
C LEU A 84 -58.38 7.41 -10.63
N SER A 85 -57.83 6.91 -11.74
CA SER A 85 -57.77 5.47 -11.97
C SER A 85 -56.88 4.77 -10.95
N GLN A 86 -55.76 5.39 -10.59
CA GLN A 86 -54.92 4.81 -9.54
C GLN A 86 -55.59 4.97 -8.18
N ALA A 87 -56.25 6.11 -7.96
CA ALA A 87 -56.91 6.37 -6.69
C ALA A 87 -58.04 5.38 -6.45
N ARG A 88 -58.85 5.11 -7.48
CA ARG A 88 -59.94 4.16 -7.30
C ARG A 88 -59.41 2.78 -6.92
N ASP A 89 -58.39 2.30 -7.64
CA ASP A 89 -57.96 0.94 -7.42
C ASP A 89 -57.26 0.78 -6.07
N PHE A 90 -56.59 1.82 -5.58
CA PHE A 90 -56.10 1.76 -4.21
C PHE A 90 -57.25 1.66 -3.20
N ILE A 91 -58.33 2.42 -3.44
CA ILE A 91 -59.45 2.35 -2.51
C ILE A 91 -60.08 0.96 -2.51
N ASN A 92 -60.21 0.36 -3.70
CA ASN A 92 -60.75 -1.01 -3.77
C ASN A 92 -59.86 -1.99 -3.02
N GLN A 93 -58.54 -1.85 -3.18
CA GLN A 93 -57.60 -2.63 -2.38
C GLN A 93 -57.87 -2.50 -0.89
N TYR A 94 -57.98 -1.25 -0.42
CA TYR A 94 -58.11 -1.01 1.00
C TYR A 94 -59.36 -1.70 1.56
N TYR A 95 -60.52 -1.47 0.93
CA TYR A 95 -61.74 -2.01 1.48
C TYR A 95 -61.78 -3.53 1.38
N SER A 96 -61.17 -4.09 0.33
CA SER A 96 -61.04 -5.55 0.25
C SER A 96 -60.21 -6.10 1.40
N SER A 97 -59.20 -5.35 1.86
CA SER A 97 -58.32 -5.88 2.90
C SER A 97 -59.01 -5.93 4.26
N ILE A 98 -60.11 -5.19 4.43
CA ILE A 98 -60.83 -5.15 5.69
C ILE A 98 -62.21 -5.79 5.57
N LYS A 99 -62.48 -6.50 4.46
CA LYS A 99 -63.71 -7.26 4.20
C LYS A 99 -64.84 -6.33 3.74
N ARG A 100 -64.67 -5.02 3.83
CA ARG A 100 -65.79 -4.14 3.50
C ARG A 100 -65.96 -4.01 1.99
N SER A 101 -65.74 -5.11 1.29
CA SER A 101 -65.77 -5.17 -0.17
C SER A 101 -67.11 -4.72 -0.75
N GLY A 102 -67.12 -3.52 -1.34
CA GLY A 102 -68.30 -3.00 -2.01
C GLY A 102 -69.39 -2.47 -1.09
N SER A 103 -69.10 -2.29 0.19
CA SER A 103 -70.14 -1.95 1.16
C SER A 103 -70.40 -0.45 1.17
N GLN A 104 -71.18 0.01 2.17
CA GLN A 104 -71.65 1.39 2.20
C GLN A 104 -70.50 2.37 2.22
N ALA A 105 -69.54 2.18 3.14
CA ALA A 105 -68.40 3.09 3.21
C ALA A 105 -67.60 3.08 1.92
N HIS A 106 -67.55 1.94 1.23
CA HIS A 106 -66.75 1.82 0.02
C HIS A 106 -67.20 2.84 -1.04
N GLU A 107 -68.48 2.81 -1.42
CA GLU A 107 -68.93 3.68 -2.49
C GLU A 107 -68.84 5.15 -2.12
N GLN A 108 -68.99 5.47 -0.83
CA GLN A 108 -68.94 6.87 -0.43
C GLN A 108 -67.51 7.41 -0.47
N ARG A 109 -66.55 6.59 -0.04
CA ARG A 109 -65.15 6.99 -0.19
C ARG A 109 -64.82 7.27 -1.65
N LEU A 110 -65.29 6.42 -2.56
CA LEU A 110 -65.04 6.64 -3.98
C LEU A 110 -65.60 7.98 -4.45
N GLN A 111 -66.88 8.23 -4.18
CA GLN A 111 -67.50 9.48 -4.60
C GLN A 111 -66.85 10.68 -3.91
N GLU A 112 -66.31 10.48 -2.70
CA GLU A 112 -65.57 11.55 -2.04
C GLU A 112 -64.34 11.95 -2.84
N VAL A 113 -63.53 10.96 -3.27
CA VAL A 113 -62.30 11.25 -3.99
C VAL A 113 -62.61 11.89 -5.34
N GLU A 114 -63.67 11.41 -6.03
CA GLU A 114 -64.10 12.03 -7.28
C GLU A 114 -64.30 13.53 -7.12
N ALA A 115 -65.08 13.95 -6.11
CA ALA A 115 -65.37 15.37 -5.93
C ALA A 115 -64.12 16.16 -5.54
N GLU A 116 -63.28 15.60 -4.66
CA GLU A 116 -62.05 16.29 -4.25
C GLU A 116 -61.17 16.60 -5.45
N VAL A 117 -61.02 15.64 -6.36
CA VAL A 117 -60.12 15.83 -7.50
C VAL A 117 -60.75 16.79 -8.50
N ALA A 118 -62.07 16.75 -8.65
CA ALA A 118 -62.76 17.71 -9.51
C ALA A 118 -62.59 19.13 -8.98
N ALA A 119 -62.53 19.28 -7.65
CA ALA A 119 -62.41 20.59 -7.03
C ALA A 119 -60.97 21.08 -6.96
N THR A 120 -60.02 20.21 -6.61
CA THR A 120 -58.66 20.64 -6.34
C THR A 120 -57.60 20.07 -7.29
N GLY A 121 -57.90 19.01 -8.03
CA GLY A 121 -56.89 18.36 -8.84
C GLY A 121 -56.09 17.30 -8.12
N THR A 122 -56.39 17.06 -6.84
CA THR A 122 -55.75 16.06 -6.01
C THR A 122 -56.77 15.61 -4.98
N TYR A 123 -56.36 14.75 -4.06
CA TYR A 123 -57.22 14.40 -2.94
C TYR A 123 -56.38 14.04 -1.73
N GLN A 124 -57.06 13.96 -0.58
CA GLN A 124 -56.46 13.66 0.71
C GLN A 124 -56.82 12.24 1.12
N LEU A 125 -55.84 11.53 1.69
CA LEU A 125 -56.04 10.18 2.22
C LEU A 125 -56.57 10.25 3.64
N ARG A 126 -57.45 9.31 3.99
CA ARG A 126 -57.78 9.09 5.39
C ARG A 126 -56.59 8.48 6.12
N GLU A 127 -56.47 8.79 7.42
CA GLU A 127 -55.29 8.40 8.17
C GLU A 127 -55.09 6.89 8.18
N SER A 128 -56.18 6.12 8.15
CA SER A 128 -56.02 4.67 8.10
C SER A 128 -55.61 4.21 6.71
N GLU A 129 -56.15 4.84 5.66
CA GLU A 129 -55.70 4.55 4.30
C GLU A 129 -54.21 4.80 4.14
N LEU A 130 -53.69 5.86 4.78
CA LEU A 130 -52.27 6.17 4.69
C LEU A 130 -51.43 5.11 5.41
N VAL A 131 -51.85 4.70 6.60
CA VAL A 131 -51.16 3.63 7.31
C VAL A 131 -51.16 2.36 6.46
N PHE A 132 -52.34 1.97 5.98
CA PHE A 132 -52.45 0.82 5.08
C PHE A 132 -51.53 0.95 3.86
N GLY A 133 -51.48 2.15 3.27
CA GLY A 133 -50.69 2.34 2.06
C GLY A 133 -49.19 2.27 2.32
N ALA A 134 -48.75 2.84 3.44
CA ALA A 134 -47.34 2.75 3.82
C ALA A 134 -46.92 1.31 4.06
N LYS A 135 -47.76 0.51 4.73
CA LYS A 135 -47.43 -0.89 4.98
C LYS A 135 -47.43 -1.71 3.69
N GLN A 136 -48.43 -1.50 2.82
CA GLN A 136 -48.46 -2.25 1.57
C GLN A 136 -47.25 -1.93 0.69
N ALA A 137 -46.80 -0.68 0.71
CA ALA A 137 -45.66 -0.30 -0.12
C ALA A 137 -44.39 -1.02 0.36
N TRP A 138 -44.23 -1.16 1.68
CA TRP A 138 -43.16 -1.99 2.22
C TRP A 138 -43.35 -3.44 1.78
N ARG A 139 -44.55 -3.97 2.03
CA ARG A 139 -44.94 -5.32 1.63
C ARG A 139 -44.63 -5.61 0.16
N ASN A 140 -44.71 -4.59 -0.69
CA ASN A 140 -44.55 -4.79 -2.13
C ASN A 140 -43.12 -4.59 -2.61
N ALA A 141 -42.19 -4.15 -1.75
CA ALA A 141 -40.84 -3.83 -2.16
C ALA A 141 -40.06 -5.10 -2.51
N PRO A 142 -39.80 -5.36 -3.80
CA PRO A 142 -39.19 -6.65 -4.16
C PRO A 142 -37.78 -6.84 -3.65
N ARG A 143 -37.05 -5.76 -3.36
CA ARG A 143 -35.66 -5.89 -2.96
C ARG A 143 -35.45 -5.92 -1.44
N CYS A 144 -36.52 -5.97 -0.64
CA CYS A 144 -36.42 -5.95 0.82
C CYS A 144 -36.48 -7.37 1.38
N VAL A 145 -35.38 -7.81 2.01
CA VAL A 145 -35.39 -9.13 2.64
C VAL A 145 -36.09 -9.11 3.99
N GLY A 146 -36.34 -7.93 4.56
CA GLY A 146 -36.89 -7.82 5.90
C GLY A 146 -38.40 -7.77 5.99
N ARG A 147 -39.11 -8.21 4.94
CA ARG A 147 -40.55 -7.97 4.87
C ARG A 147 -41.40 -8.86 5.78
N ILE A 148 -40.81 -9.86 6.45
CA ILE A 148 -41.56 -10.62 7.45
C ILE A 148 -42.14 -9.67 8.49
N GLN A 149 -41.56 -8.48 8.63
CA GLN A 149 -41.94 -7.47 9.61
C GLN A 149 -42.98 -6.47 9.09
N TRP A 150 -43.55 -6.69 7.90
CA TRP A 150 -44.21 -5.60 7.19
C TRP A 150 -45.47 -5.12 7.89
N GLY A 151 -46.09 -5.96 8.69
CA GLY A 151 -47.32 -5.55 9.37
C GLY A 151 -47.09 -4.69 10.57
N LYS A 152 -45.84 -4.54 11.00
CA LYS A 152 -45.46 -3.78 12.19
C LYS A 152 -44.63 -2.58 11.74
N LEU A 153 -45.28 -1.43 11.60
CA LEU A 153 -44.63 -0.19 11.18
C LEU A 153 -45.37 0.98 11.81
N GLN A 154 -44.61 1.89 12.44
CA GLN A 154 -45.19 3.08 13.06
C GLN A 154 -45.21 4.22 12.04
N VAL A 155 -46.40 4.69 11.71
CA VAL A 155 -46.56 5.76 10.74
C VAL A 155 -46.74 7.06 11.51
N PHE A 156 -45.86 8.03 11.24
CA PHE A 156 -45.98 9.38 11.77
C PHE A 156 -46.49 10.28 10.67
N ASP A 157 -47.64 10.92 10.90
CA ASP A 157 -48.29 11.73 9.88
C ASP A 157 -47.80 13.17 10.01
N ALA A 158 -46.93 13.57 9.08
CA ALA A 158 -46.37 14.92 9.01
C ALA A 158 -46.98 15.73 7.89
N ARG A 159 -48.19 15.39 7.44
CA ARG A 159 -48.77 16.02 6.26
C ARG A 159 -49.17 17.47 6.50
N ASP A 160 -49.27 17.91 7.76
CA ASP A 160 -49.53 19.30 8.05
C ASP A 160 -48.26 20.14 8.09
N CYS A 161 -47.14 19.62 7.60
CA CYS A 161 -45.85 20.26 7.80
C CYS A 161 -45.68 21.46 6.89
N ARG A 162 -44.93 22.44 7.39
CA ARG A 162 -44.54 23.63 6.67
C ARG A 162 -43.19 24.06 7.24
N SER A 163 -42.36 24.65 6.37
CA SER A 163 -41.01 25.11 6.74
C SER A 163 -40.06 23.96 7.10
N ALA A 164 -38.77 24.21 6.88
CA ALA A 164 -37.76 23.16 7.10
C ALA A 164 -37.53 22.91 8.59
N GLN A 165 -37.75 23.91 9.44
CA GLN A 165 -37.55 23.70 10.88
C GLN A 165 -38.59 22.73 11.44
N GLU A 166 -39.79 22.70 10.87
CA GLU A 166 -40.78 21.72 11.30
C GLU A 166 -40.42 20.33 10.79
N MET A 167 -40.00 20.24 9.53
CA MET A 167 -39.41 19.00 9.01
C MET A 167 -38.40 18.44 9.99
N PHE A 168 -37.44 19.27 10.37
CA PHE A 168 -36.36 18.84 11.26
C PHE A 168 -36.89 18.29 12.57
N THR A 169 -38.01 18.84 13.06
CA THR A 169 -38.59 18.39 14.33
C THR A 169 -39.37 17.09 14.16
N TYR A 170 -40.17 16.97 13.10
CA TYR A 170 -40.72 15.68 12.72
C TYR A 170 -39.63 14.64 12.56
N ILE A 171 -38.49 15.03 11.98
CA ILE A 171 -37.41 14.07 11.74
C ILE A 171 -36.77 13.65 13.05
N CYS A 172 -36.52 14.63 13.93
CA CYS A 172 -35.85 14.31 15.19
C CYS A 172 -36.72 13.44 16.08
N ASN A 173 -38.04 13.57 15.96
CA ASN A 173 -38.95 12.71 16.69
C ASN A 173 -38.97 11.31 16.10
N HIS A 174 -38.87 11.21 14.77
CA HIS A 174 -38.71 9.91 14.14
C HIS A 174 -37.47 9.20 14.69
N ILE A 175 -36.32 9.86 14.61
CA ILE A 175 -35.07 9.23 15.04
C ILE A 175 -35.16 8.76 16.48
N LYS A 176 -35.67 9.60 17.40
CA LYS A 176 -35.73 9.20 18.80
C LYS A 176 -36.68 8.02 19.01
N TYR A 177 -37.85 8.02 18.37
CA TYR A 177 -38.75 6.89 18.51
C TYR A 177 -38.12 5.62 17.94
N ALA A 178 -37.52 5.73 16.77
CA ALA A 178 -37.03 4.54 16.07
C ALA A 178 -35.78 3.97 16.75
N THR A 179 -34.88 4.84 17.22
CA THR A 179 -33.68 4.34 17.89
C THR A 179 -34.05 3.64 19.21
N ASN A 180 -34.94 4.23 20.01
CA ASN A 180 -35.43 3.61 21.25
C ASN A 180 -34.29 3.03 22.10
N ARG A 181 -33.22 3.81 22.21
CA ARG A 181 -32.05 3.43 23.01
C ARG A 181 -31.38 2.16 22.51
N GLY A 182 -31.60 1.79 21.24
CA GLY A 182 -31.03 0.59 20.69
C GLY A 182 -32.03 -0.51 20.40
N ASN A 183 -33.22 -0.46 21.01
CA ASN A 183 -34.25 -1.46 20.69
C ASN A 183 -35.08 -0.92 19.53
N LEU A 184 -34.51 -1.08 18.32
CA LEU A 184 -35.00 -0.38 17.14
C LEU A 184 -36.41 -0.82 16.77
N ARG A 185 -37.18 0.15 16.27
CA ARG A 185 -38.59 -0.01 15.92
C ARG A 185 -38.84 0.61 14.56
N SER A 186 -39.51 -0.13 13.69
CA SER A 186 -39.75 0.34 12.33
C SER A 186 -40.72 1.53 12.33
N ALA A 187 -40.41 2.54 11.53
CA ALA A 187 -41.21 3.76 11.50
C ALA A 187 -41.06 4.42 10.13
N ILE A 188 -42.09 5.17 9.75
CA ILE A 188 -42.05 6.03 8.58
C ILE A 188 -42.72 7.35 8.94
N THR A 189 -42.18 8.46 8.45
CA THR A 189 -42.75 9.78 8.63
C THR A 189 -43.16 10.31 7.27
N VAL A 190 -44.44 10.61 7.09
CA VAL A 190 -44.97 11.00 5.78
C VAL A 190 -45.18 12.51 5.77
N PHE A 191 -44.38 13.20 4.96
CA PHE A 191 -44.52 14.65 4.78
C PHE A 191 -45.56 14.93 3.71
N PRO A 192 -45.93 16.20 3.48
CA PRO A 192 -47.03 16.48 2.54
C PRO A 192 -46.76 16.00 1.13
N GLN A 193 -47.84 15.57 0.46
CA GLN A 193 -47.74 15.04 -0.88
C GLN A 193 -47.40 16.13 -1.89
N ARG A 194 -46.95 15.69 -3.06
CA ARG A 194 -46.83 16.57 -4.21
C ARG A 194 -48.22 16.98 -4.69
N CYS A 195 -48.35 18.22 -5.14
CA CYS A 195 -49.59 18.72 -5.70
C CYS A 195 -49.26 19.80 -6.73
N PRO A 196 -50.19 20.09 -7.65
CA PRO A 196 -49.86 20.96 -8.79
C PRO A 196 -49.46 22.36 -8.37
N GLY A 197 -48.57 22.95 -9.17
CA GLY A 197 -48.17 24.35 -8.98
C GLY A 197 -47.31 24.61 -7.77
N ARG A 198 -47.28 23.66 -6.84
CA ARG A 198 -46.51 23.77 -5.61
C ARG A 198 -45.16 23.09 -5.77
N GLY A 199 -44.15 23.64 -5.08
CA GLY A 199 -42.86 22.99 -4.97
C GLY A 199 -42.96 21.65 -4.27
N ASP A 200 -41.85 21.08 -3.83
CA ASP A 200 -41.87 19.79 -3.17
C ASP A 200 -41.13 19.86 -1.84
N PHE A 201 -41.60 19.06 -0.89
CA PHE A 201 -40.81 18.74 0.30
C PHE A 201 -39.80 17.67 -0.08
N ARG A 202 -38.51 17.94 0.16
CA ARG A 202 -37.48 16.97 -0.14
C ARG A 202 -36.46 16.91 0.98
N ILE A 203 -35.96 15.72 1.25
CA ILE A 203 -34.77 15.52 2.06
C ILE A 203 -33.62 15.23 1.10
N TRP A 204 -32.62 16.12 1.07
CA TRP A 204 -31.55 15.96 0.10
C TRP A 204 -30.62 14.79 0.44
N ASN A 205 -30.43 14.51 1.72
CA ASN A 205 -29.61 13.38 2.13
C ASN A 205 -30.28 12.07 1.74
N SER A 206 -29.48 11.08 1.33
CA SER A 206 -30.04 9.79 0.96
C SER A 206 -30.45 8.98 2.18
N GLN A 207 -29.85 9.28 3.33
CA GLN A 207 -30.27 8.72 4.61
C GLN A 207 -30.20 9.81 5.67
N LEU A 208 -30.94 9.59 6.76
CA LEU A 208 -30.88 10.53 7.89
C LEU A 208 -29.51 10.53 8.54
N VAL A 209 -28.86 9.36 8.62
CA VAL A 209 -27.51 9.27 9.15
C VAL A 209 -26.58 8.84 8.03
N ARG A 210 -25.60 9.68 7.74
CA ARG A 210 -24.58 9.41 6.73
C ARG A 210 -23.26 9.98 7.21
N TYR A 211 -22.17 9.32 6.83
CA TYR A 211 -20.83 9.84 7.10
C TYR A 211 -20.37 10.66 5.90
N ALA A 212 -19.64 11.74 6.19
CA ALA A 212 -19.13 12.60 5.13
C ALA A 212 -18.04 11.88 4.32
N GLY A 213 -17.89 12.30 3.07
CA GLY A 213 -16.78 11.90 2.24
C GLY A 213 -16.04 13.08 1.63
N TYR A 214 -14.74 13.21 1.90
CA TYR A 214 -13.96 14.36 1.47
C TYR A 214 -13.00 13.97 0.35
N ARG A 215 -13.18 14.59 -0.83
CA ARG A 215 -12.18 14.46 -1.89
C ARG A 215 -10.86 15.06 -1.43
N GLN A 216 -9.77 14.51 -1.93
CA GLN A 216 -8.49 15.01 -1.48
C GLN A 216 -7.46 14.96 -2.59
N GLN A 217 -6.38 15.71 -2.37
CA GLN A 217 -5.40 16.00 -3.40
C GLN A 217 -4.85 14.72 -4.00
N ASP A 218 -4.68 13.69 -3.18
CA ASP A 218 -4.15 12.41 -3.65
C ASP A 218 -5.21 11.68 -4.45
N GLY A 219 -6.36 12.32 -4.67
CA GLY A 219 -7.36 11.79 -5.57
C GLY A 219 -8.51 11.09 -4.87
N SER A 220 -8.23 10.41 -3.76
CA SER A 220 -9.21 9.53 -3.14
C SER A 220 -10.04 10.30 -2.11
N VAL A 221 -10.76 9.58 -1.27
CA VAL A 221 -11.74 10.13 -0.36
C VAL A 221 -11.40 9.71 1.06
N ARG A 222 -11.53 10.65 1.99
CA ARG A 222 -11.51 10.35 3.42
C ARG A 222 -12.97 10.34 3.90
N GLY A 223 -13.38 9.23 4.50
CA GLY A 223 -14.77 9.03 4.83
C GLY A 223 -15.47 8.12 3.83
N ASP A 224 -16.78 8.33 3.63
CA ASP A 224 -17.59 7.46 2.79
C ASP A 224 -17.64 8.01 1.37
N PRO A 225 -17.07 7.33 0.37
CA PRO A 225 -17.10 7.88 -0.99
C PRO A 225 -18.49 8.01 -1.57
N ALA A 226 -19.45 7.19 -1.10
CA ALA A 226 -20.83 7.32 -1.54
C ALA A 226 -21.37 8.73 -1.31
N ASN A 227 -20.86 9.43 -0.28
CA ASN A 227 -21.47 10.68 0.16
C ASN A 227 -20.66 11.91 -0.24
N VAL A 228 -19.83 11.80 -1.29
CA VAL A 228 -19.01 12.94 -1.69
C VAL A 228 -19.89 14.07 -2.23
N GLU A 229 -20.96 13.72 -2.94
CA GLU A 229 -21.83 14.72 -3.53
C GLU A 229 -22.57 15.51 -2.46
N ILE A 230 -23.21 14.81 -1.52
CA ILE A 230 -23.95 15.47 -0.44
C ILE A 230 -23.00 16.22 0.49
N THR A 231 -21.75 15.76 0.61
CA THR A 231 -20.83 16.41 1.53
C THR A 231 -20.41 17.78 0.99
N GLU A 232 -20.12 17.89 -0.31
CA GLU A 232 -19.79 19.19 -0.86
C GLU A 232 -21.01 20.11 -0.96
N LEU A 233 -22.22 19.55 -0.94
CA LEU A 233 -23.42 20.38 -0.91
C LEU A 233 -23.67 20.96 0.47
N CYS A 234 -23.44 20.17 1.53
CA CYS A 234 -23.48 20.72 2.87
C CYS A 234 -22.42 21.79 3.04
N ILE A 235 -21.23 21.58 2.48
CA ILE A 235 -20.18 22.58 2.56
C ILE A 235 -20.54 23.82 1.77
N GLN A 236 -21.09 23.63 0.56
CA GLN A 236 -21.56 24.77 -0.23
C GLN A 236 -22.56 25.61 0.56
N HIS A 237 -23.50 24.96 1.23
CA HIS A 237 -24.53 25.66 1.99
C HIS A 237 -24.06 26.03 3.38
N GLY A 238 -22.74 26.25 3.52
CA GLY A 238 -22.20 26.73 4.77
C GLY A 238 -22.26 25.72 5.92
N TRP A 239 -21.52 24.62 5.79
CA TRP A 239 -21.26 23.70 6.88
C TRP A 239 -19.75 23.55 6.99
N THR A 240 -19.19 23.91 8.13
CA THR A 240 -17.75 23.73 8.30
C THR A 240 -17.46 22.25 8.48
N PRO A 241 -16.62 21.65 7.63
CA PRO A 241 -16.43 20.21 7.66
C PRO A 241 -15.43 19.78 8.72
N GLY A 242 -15.42 18.48 9.01
CA GLY A 242 -14.44 17.87 9.85
C GLY A 242 -13.30 17.28 9.04
N ASN A 243 -12.55 16.36 9.67
CA ASN A 243 -11.50 15.65 8.94
C ASN A 243 -11.38 14.20 9.38
N GLY A 244 -12.47 13.60 9.86
CA GLY A 244 -12.49 12.21 10.23
C GLY A 244 -13.12 11.35 9.15
N ARG A 245 -12.90 10.04 9.25
CA ARG A 245 -13.52 9.07 8.35
C ARG A 245 -14.97 8.78 8.73
N PHE A 246 -15.45 9.30 9.86
CA PHE A 246 -16.78 8.98 10.37
C PHE A 246 -17.47 10.23 10.93
N ASP A 247 -17.44 11.32 10.17
CA ASP A 247 -18.12 12.56 10.55
C ASP A 247 -19.58 12.48 10.10
N VAL A 248 -20.50 12.53 11.06
CA VAL A 248 -21.92 12.51 10.72
C VAL A 248 -22.31 13.81 10.05
N LEU A 249 -23.01 13.70 8.90
CA LEU A 249 -23.39 14.82 8.08
C LEU A 249 -24.55 15.59 8.67
N PRO A 250 -24.66 16.89 8.37
CA PRO A 250 -25.90 17.62 8.65
C PRO A 250 -26.99 17.19 7.68
N LEU A 251 -28.21 17.66 7.96
CA LEU A 251 -29.35 17.44 7.08
C LEU A 251 -29.57 18.67 6.21
N LEU A 252 -29.88 18.44 4.94
CA LEU A 252 -30.26 19.49 3.99
C LEU A 252 -31.74 19.28 3.66
N LEU A 253 -32.60 19.96 4.41
CA LEU A 253 -34.05 19.82 4.27
C LEU A 253 -34.59 20.95 3.41
N GLN A 254 -35.61 20.64 2.61
CA GLN A 254 -36.12 21.56 1.62
C GLN A 254 -37.64 21.61 1.71
N ALA A 255 -38.16 22.78 2.07
CA ALA A 255 -39.58 23.09 2.05
C ALA A 255 -39.96 23.65 0.67
N PRO A 256 -41.24 23.55 0.27
CA PRO A 256 -41.62 23.90 -1.10
C PRO A 256 -41.22 25.31 -1.55
N ASP A 257 -40.49 25.37 -2.67
CA ASP A 257 -40.10 26.62 -3.32
C ASP A 257 -39.17 27.46 -2.45
N GLU A 258 -38.20 26.80 -1.82
CA GLU A 258 -37.20 27.46 -1.02
C GLU A 258 -35.88 26.71 -1.16
N PRO A 259 -34.75 27.41 -1.03
CA PRO A 259 -33.47 26.71 -0.91
C PRO A 259 -33.48 25.78 0.30
N PRO A 260 -32.62 24.77 0.30
CA PRO A 260 -32.56 23.89 1.46
C PRO A 260 -31.81 24.54 2.61
N GLU A 261 -32.21 24.18 3.82
CA GLU A 261 -31.60 24.71 5.03
C GLU A 261 -30.83 23.60 5.74
N LEU A 262 -29.69 23.98 6.31
CA LEU A 262 -28.72 23.03 6.85
C LEU A 262 -28.94 22.90 8.36
N PHE A 263 -29.38 21.73 8.80
CA PHE A 263 -29.60 21.43 10.21
C PHE A 263 -28.57 20.41 10.69
N LEU A 264 -28.10 20.59 11.93
CA LEU A 264 -27.21 19.65 12.58
C LEU A 264 -28.02 18.74 13.50
N LEU A 265 -27.83 17.44 13.36
CA LEU A 265 -28.51 16.50 14.25
C LEU A 265 -27.86 16.55 15.63
N PRO A 266 -28.64 16.62 16.71
CA PRO A 266 -28.07 16.56 18.05
C PRO A 266 -27.28 15.27 18.25
N PRO A 267 -25.99 15.38 18.58
CA PRO A 267 -25.16 14.16 18.64
C PRO A 267 -25.66 13.10 19.61
N GLU A 268 -26.45 13.47 20.63
CA GLU A 268 -27.03 12.45 21.49
C GLU A 268 -28.22 11.74 20.86
N LEU A 269 -28.70 12.22 19.71
CA LEU A 269 -29.75 11.54 18.96
C LEU A 269 -29.21 10.52 17.98
N VAL A 270 -27.93 10.56 17.67
CA VAL A 270 -27.33 9.69 16.66
C VAL A 270 -26.55 8.60 17.39
N LEU A 271 -27.19 7.45 17.58
CA LEU A 271 -26.55 6.33 18.27
C LEU A 271 -25.57 5.62 17.33
N GLU A 272 -24.34 5.43 17.80
CA GLU A 272 -23.28 4.83 17.01
C GLU A 272 -22.67 3.64 17.74
N VAL A 273 -22.17 2.68 16.96
CA VAL A 273 -21.58 1.47 17.51
C VAL A 273 -20.10 1.44 17.11
N PRO A 274 -19.18 1.63 18.04
CA PRO A 274 -17.76 1.40 17.73
C PRO A 274 -17.54 -0.09 17.51
N LEU A 275 -16.73 -0.42 16.49
CA LEU A 275 -16.57 -1.80 16.07
C LEU A 275 -15.35 -2.42 16.74
N GLU A 276 -15.57 -3.53 17.44
CA GLU A 276 -14.53 -4.36 17.98
C GLU A 276 -14.80 -5.82 17.62
N HIS A 277 -13.78 -6.66 17.79
CA HIS A 277 -13.87 -8.08 17.47
C HIS A 277 -13.73 -8.91 18.73
N PRO A 278 -14.47 -10.03 18.83
CA PRO A 278 -14.44 -10.82 20.08
C PRO A 278 -13.05 -11.31 20.46
N THR A 279 -12.20 -11.64 19.49
CA THR A 279 -10.91 -12.23 19.81
C THR A 279 -9.73 -11.53 19.19
N LEU A 280 -9.92 -10.68 18.17
CA LEU A 280 -8.81 -9.96 17.53
C LEU A 280 -8.72 -8.59 18.19
N GLU A 281 -7.80 -8.48 19.18
CA GLU A 281 -7.77 -7.29 20.03
C GLU A 281 -7.41 -6.04 19.24
N TRP A 282 -6.67 -6.19 18.14
CA TRP A 282 -6.27 -5.06 17.33
C TRP A 282 -7.40 -4.51 16.46
N PHE A 283 -8.53 -5.21 16.34
CA PHE A 283 -9.59 -4.70 15.47
C PHE A 283 -10.09 -3.35 15.93
N ALA A 284 -10.31 -3.21 17.24
CA ALA A 284 -10.75 -1.93 17.81
C ALA A 284 -9.81 -0.79 17.43
N ALA A 285 -8.49 -1.07 17.36
CA ALA A 285 -7.56 0.01 17.06
C ALA A 285 -7.74 0.56 15.64
N LEU A 286 -8.47 -0.13 14.77
CA LEU A 286 -8.70 0.41 13.43
C LEU A 286 -9.63 1.60 13.45
N GLY A 287 -10.32 1.84 14.57
CA GLY A 287 -11.20 3.00 14.70
C GLY A 287 -12.45 2.94 13.87
N LEU A 288 -12.91 1.76 13.47
CA LEU A 288 -14.12 1.67 12.67
C LEU A 288 -15.36 1.82 13.55
N ARG A 289 -16.41 2.38 12.96
CA ARG A 289 -17.70 2.48 13.64
C ARG A 289 -18.79 2.47 12.59
N TRP A 290 -20.03 2.31 13.04
CA TRP A 290 -21.17 2.59 12.17
C TRP A 290 -22.33 3.03 13.05
N TYR A 291 -23.39 3.51 12.41
CA TYR A 291 -24.53 4.08 13.11
C TYR A 291 -25.65 3.05 13.25
N ALA A 292 -26.47 3.26 14.29
CA ALA A 292 -27.48 2.28 14.65
C ALA A 292 -28.64 2.23 13.66
N LEU A 293 -29.05 3.38 13.13
CA LEU A 293 -30.37 3.50 12.51
C LEU A 293 -30.31 3.69 11.01
N PRO A 294 -30.75 2.70 10.21
CA PRO A 294 -30.85 2.91 8.76
C PRO A 294 -32.18 3.56 8.42
N ALA A 295 -32.12 4.81 7.96
CA ALA A 295 -33.33 5.61 7.74
C ALA A 295 -33.20 6.21 6.36
N VAL A 296 -33.86 5.57 5.40
CA VAL A 296 -33.76 5.95 4.00
C VAL A 296 -34.69 7.13 3.73
N SER A 297 -34.14 8.20 3.15
CA SER A 297 -34.82 9.48 3.11
C SER A 297 -34.90 10.10 1.71
N ASN A 298 -34.61 9.34 0.66
CA ASN A 298 -34.59 9.90 -0.68
C ASN A 298 -35.51 9.16 -1.64
N MET A 299 -36.23 8.16 -1.19
CA MET A 299 -37.18 7.48 -2.05
C MET A 299 -38.55 8.15 -1.97
N LEU A 300 -39.38 7.87 -2.96
CA LEU A 300 -40.70 8.45 -3.11
C LEU A 300 -41.74 7.38 -2.82
N LEU A 301 -42.71 7.72 -1.98
CA LEU A 301 -43.81 6.82 -1.63
C LEU A 301 -45.01 7.17 -2.50
N GLU A 302 -45.57 6.16 -3.16
CA GLU A 302 -46.72 6.33 -4.04
C GLU A 302 -47.90 5.56 -3.47
N ILE A 303 -49.00 6.26 -3.18
CA ILE A 303 -50.22 5.63 -2.68
C ILE A 303 -51.40 6.18 -3.48
N GLY A 304 -52.13 5.29 -4.15
CA GLY A 304 -53.32 5.65 -4.89
C GLY A 304 -53.18 6.83 -5.82
N GLY A 305 -52.07 6.87 -6.56
CA GLY A 305 -51.80 7.96 -7.46
C GLY A 305 -51.20 9.18 -6.80
N LEU A 306 -51.20 9.24 -5.47
CA LEU A 306 -50.54 10.32 -4.75
C LEU A 306 -49.07 9.99 -4.57
N GLU A 307 -48.25 11.04 -4.50
CA GLU A 307 -46.81 10.87 -4.47
C GLU A 307 -46.22 11.71 -3.33
N PHE A 308 -45.47 11.05 -2.46
CA PHE A 308 -44.88 11.69 -1.28
C PHE A 308 -43.38 11.68 -1.44
N PRO A 309 -42.78 12.74 -2.00
CA PRO A 309 -41.32 12.72 -2.25
C PRO A 309 -40.48 12.83 -1.00
N ALA A 310 -41.09 13.08 0.15
CA ALA A 310 -40.40 13.10 1.44
C ALA A 310 -41.20 12.21 2.40
N ALA A 311 -40.68 11.00 2.62
CA ALA A 311 -41.34 10.02 3.50
C ALA A 311 -40.28 9.07 4.04
N PRO A 312 -39.38 9.57 4.91
CA PRO A 312 -38.26 8.72 5.36
C PRO A 312 -38.78 7.54 6.17
N PHE A 313 -38.19 6.37 5.94
CA PHE A 313 -38.55 5.17 6.69
C PHE A 313 -37.30 4.56 7.29
N SER A 314 -37.48 3.84 8.38
CA SER A 314 -36.34 3.21 9.04
C SER A 314 -36.77 1.87 9.63
N GLY A 315 -35.79 0.99 9.77
CA GLY A 315 -35.97 -0.30 10.42
C GLY A 315 -34.74 -0.60 11.24
N TRP A 316 -34.09 -1.73 10.98
CA TRP A 316 -32.76 -2.01 11.51
C TRP A 316 -31.95 -2.68 10.41
N TYR A 317 -30.67 -2.87 10.70
CA TYR A 317 -29.71 -3.35 9.70
C TYR A 317 -29.61 -4.86 9.67
N MET A 318 -29.33 -5.39 8.47
CA MET A 318 -28.77 -6.73 8.34
C MET A 318 -27.25 -6.62 8.34
N SER A 319 -26.57 -7.54 9.02
CA SER A 319 -25.15 -7.35 9.34
C SER A 319 -24.30 -7.21 8.09
N THR A 320 -24.63 -7.94 7.02
CA THR A 320 -23.85 -7.85 5.78
C THR A 320 -23.93 -6.47 5.15
N GLU A 321 -25.01 -5.73 5.36
CA GLU A 321 -25.09 -4.38 4.82
C GLU A 321 -23.94 -3.53 5.32
N ILE A 322 -23.59 -3.68 6.59
CA ILE A 322 -22.50 -2.91 7.16
C ILE A 322 -21.16 -3.59 6.91
N GLY A 323 -21.03 -4.86 7.29
CA GLY A 323 -19.71 -5.48 7.30
C GLY A 323 -19.22 -5.93 5.93
N THR A 324 -20.12 -6.15 5.00
CA THR A 324 -19.70 -6.51 3.65
C THR A 324 -19.79 -5.35 2.67
N ARG A 325 -20.95 -4.71 2.55
CA ARG A 325 -21.11 -3.68 1.52
C ARG A 325 -20.48 -2.35 1.92
N ASN A 326 -20.83 -1.82 3.10
CA ASN A 326 -20.42 -0.45 3.42
C ASN A 326 -18.93 -0.39 3.77
N LEU A 327 -18.40 -1.45 4.39
CA LEU A 327 -17.00 -1.45 4.81
C LEU A 327 -16.10 -2.13 3.78
N CYS A 328 -16.61 -3.08 2.99
CA CYS A 328 -15.75 -3.85 2.09
C CYS A 328 -16.00 -3.60 0.60
N ASP A 329 -17.01 -2.83 0.20
CA ASP A 329 -17.11 -2.50 -1.22
C ASP A 329 -15.88 -1.72 -1.67
N PRO A 330 -15.33 -2.00 -2.85
CA PRO A 330 -14.15 -1.28 -3.34
C PRO A 330 -14.40 0.22 -3.50
N HIS A 331 -15.63 0.63 -3.74
CA HIS A 331 -16.00 2.02 -3.90
C HIS A 331 -16.63 2.59 -2.64
N ARG A 332 -16.56 1.88 -1.51
CA ARG A 332 -16.96 2.46 -0.22
C ARG A 332 -15.71 2.55 0.66
N TYR A 333 -15.78 2.11 1.93
CA TYR A 333 -14.63 2.25 2.82
C TYR A 333 -13.47 1.34 2.41
N ASN A 334 -13.76 0.24 1.72
CA ASN A 334 -12.73 -0.59 1.08
C ASN A 334 -11.62 -0.98 2.05
N ILE A 335 -12.02 -1.60 3.17
CA ILE A 335 -11.11 -1.89 4.28
C ILE A 335 -10.54 -3.29 4.23
N LEU A 336 -10.96 -4.11 3.26
CA LEU A 336 -10.74 -5.56 3.35
C LEU A 336 -9.27 -5.92 3.36
N GLU A 337 -8.44 -5.25 2.56
CA GLU A 337 -7.01 -5.58 2.58
C GLU A 337 -6.34 -5.13 3.88
N ASP A 338 -6.83 -4.04 4.47
CA ASP A 338 -6.30 -3.57 5.75
C ASP A 338 -6.49 -4.60 6.85
N VAL A 339 -7.70 -5.17 6.93
CA VAL A 339 -7.97 -6.24 7.89
C VAL A 339 -7.12 -7.47 7.59
N ALA A 340 -7.03 -7.88 6.31
CA ALA A 340 -6.26 -9.06 5.97
C ALA A 340 -4.79 -8.92 6.37
N VAL A 341 -4.22 -7.73 6.18
CA VAL A 341 -2.85 -7.48 6.64
C VAL A 341 -2.76 -7.68 8.15
N CYS A 342 -3.73 -7.14 8.90
CA CYS A 342 -3.70 -7.27 10.36
C CYS A 342 -3.85 -8.72 10.78
N MET A 343 -4.60 -9.52 10.01
CA MET A 343 -4.73 -10.94 10.28
C MET A 343 -3.53 -11.74 9.77
N ASP A 344 -2.53 -11.09 9.19
CA ASP A 344 -1.32 -11.74 8.67
C ASP A 344 -1.63 -12.78 7.59
N LEU A 345 -2.64 -12.53 6.76
CA LEU A 345 -2.95 -13.43 5.67
C LEU A 345 -2.05 -13.16 4.47
N ASP A 346 -1.97 -14.15 3.58
CA ASP A 346 -1.13 -14.06 2.39
C ASP A 346 -1.93 -13.36 1.28
N THR A 347 -1.68 -12.07 1.11
CA THR A 347 -2.46 -11.25 0.19
C THR A 347 -1.90 -11.25 -1.23
N ARG A 348 -0.88 -12.05 -1.53
CA ARG A 348 -0.26 -12.03 -2.84
C ARG A 348 -0.83 -13.05 -3.82
N THR A 349 -1.60 -14.04 -3.34
CA THR A 349 -2.35 -14.92 -4.23
C THR A 349 -3.83 -14.88 -3.83
N THR A 350 -4.71 -14.90 -4.84
CA THR A 350 -6.13 -14.97 -4.54
C THR A 350 -6.51 -16.31 -3.93
N SER A 351 -5.78 -17.38 -4.28
CA SER A 351 -6.20 -18.73 -3.94
C SER A 351 -6.02 -19.06 -2.47
N SER A 352 -5.43 -18.16 -1.69
CA SER A 352 -5.44 -18.30 -0.23
C SER A 352 -6.77 -17.86 0.37
N LEU A 353 -7.65 -17.25 -0.42
CA LEU A 353 -8.97 -16.80 0.03
C LEU A 353 -8.85 -15.80 1.18
N TRP A 354 -7.77 -15.00 1.15
CA TRP A 354 -7.59 -13.97 2.17
C TRP A 354 -8.75 -12.97 2.18
N LYS A 355 -9.34 -12.71 1.01
CA LYS A 355 -10.51 -11.81 0.94
C LYS A 355 -11.70 -12.40 1.67
N ASP A 356 -11.94 -13.70 1.48
CA ASP A 356 -13.06 -14.36 2.13
C ASP A 356 -12.86 -14.40 3.65
N LYS A 357 -11.65 -14.69 4.12
CA LYS A 357 -11.44 -14.80 5.57
C LYS A 357 -11.54 -13.44 6.25
N ALA A 358 -11.02 -12.38 5.60
CA ALA A 358 -11.13 -11.04 6.17
C ALA A 358 -12.59 -10.58 6.24
N ALA A 359 -13.37 -10.84 5.18
CA ALA A 359 -14.75 -10.39 5.20
C ALA A 359 -15.52 -11.06 6.34
N VAL A 360 -15.31 -12.35 6.55
CA VAL A 360 -16.03 -13.05 7.61
C VAL A 360 -15.76 -12.39 8.96
N GLU A 361 -14.48 -12.08 9.25
CA GLU A 361 -14.17 -11.51 10.56
C GLU A 361 -14.71 -10.10 10.72
N ILE A 362 -14.79 -9.32 9.63
CA ILE A 362 -15.42 -8.02 9.71
C ILE A 362 -16.91 -8.17 10.01
N ASN A 363 -17.57 -9.14 9.37
CA ASN A 363 -18.96 -9.40 9.68
C ASN A 363 -19.14 -9.88 11.11
N VAL A 364 -18.22 -10.73 11.59
CA VAL A 364 -18.24 -11.13 13.00
C VAL A 364 -18.12 -9.90 13.90
N ALA A 365 -17.16 -9.02 13.60
CA ALA A 365 -17.00 -7.80 14.39
C ALA A 365 -18.29 -6.98 14.42
N VAL A 366 -19.00 -6.88 13.30
CA VAL A 366 -20.23 -6.10 13.27
C VAL A 366 -21.28 -6.73 14.18
N LEU A 367 -21.51 -8.03 14.01
CA LEU A 367 -22.51 -8.71 14.85
C LEU A 367 -22.16 -8.58 16.34
N HIS A 368 -20.90 -8.86 16.68
CA HIS A 368 -20.45 -8.80 18.07
C HIS A 368 -20.64 -7.41 18.67
N SER A 369 -20.33 -6.37 17.89
CA SER A 369 -20.33 -5.00 18.43
C SER A 369 -21.74 -4.50 18.64
N TYR A 370 -22.64 -4.77 17.69
CA TYR A 370 -24.03 -4.37 17.83
C TYR A 370 -24.71 -5.11 18.98
N GLN A 371 -24.44 -6.42 19.13
CA GLN A 371 -25.05 -7.16 20.22
C GLN A 371 -24.51 -6.69 21.56
N LEU A 372 -23.21 -6.38 21.62
CA LEU A 372 -22.62 -5.90 22.85
C LEU A 372 -23.16 -4.53 23.22
N ALA A 373 -23.53 -3.72 22.23
CA ALA A 373 -24.10 -2.41 22.45
C ALA A 373 -25.61 -2.43 22.60
N LYS A 374 -26.23 -3.61 22.56
CA LYS A 374 -27.68 -3.76 22.63
C LYS A 374 -28.39 -2.94 21.56
N VAL A 375 -27.85 -2.97 20.34
CA VAL A 375 -28.51 -2.39 19.17
C VAL A 375 -29.01 -3.53 18.31
N THR A 376 -30.28 -3.46 17.92
CA THR A 376 -30.92 -4.43 17.04
C THR A 376 -30.14 -4.63 15.75
N ILE A 377 -29.82 -5.88 15.47
CA ILE A 377 -29.17 -6.26 14.22
C ILE A 377 -29.59 -7.69 13.91
N VAL A 378 -29.66 -8.03 12.62
CA VAL A 378 -30.00 -9.39 12.22
C VAL A 378 -28.91 -9.90 11.28
N ASP A 379 -28.45 -11.13 11.52
CA ASP A 379 -27.44 -11.67 10.63
C ASP A 379 -28.12 -12.18 9.35
N HIS A 380 -27.31 -12.45 8.31
CA HIS A 380 -27.90 -12.78 7.02
C HIS A 380 -28.56 -14.15 7.03
N HIS A 381 -28.11 -15.08 7.89
CA HIS A 381 -28.75 -16.39 7.95
C HIS A 381 -30.15 -16.28 8.53
N ALA A 382 -30.27 -15.57 9.66
CA ALA A 382 -31.58 -15.38 10.26
C ALA A 382 -32.53 -14.64 9.32
N ALA A 383 -32.04 -13.61 8.63
CA ALA A 383 -32.92 -12.77 7.81
C ALA A 383 -33.47 -13.54 6.63
N THR A 384 -32.60 -14.27 5.93
CA THR A 384 -33.05 -15.04 4.77
C THR A 384 -33.99 -16.17 5.20
N ALA A 385 -33.70 -16.82 6.33
CA ALA A 385 -34.63 -17.82 6.85
C ALA A 385 -36.01 -17.19 7.11
N SER A 386 -36.04 -15.98 7.67
CA SER A 386 -37.32 -15.31 7.91
CA SER A 386 -37.33 -15.33 7.90
C SER A 386 -38.00 -14.91 6.59
N PHE A 387 -37.21 -14.53 5.58
CA PHE A 387 -37.83 -14.18 4.31
C PHE A 387 -38.48 -15.40 3.67
N MET A 388 -37.88 -16.59 3.84
CA MET A 388 -38.52 -17.80 3.35
C MET A 388 -39.89 -17.97 3.99
N LYS A 389 -39.99 -17.71 5.30
CA LYS A 389 -41.29 -17.78 5.97
C LYS A 389 -42.24 -16.72 5.42
N HIS A 390 -41.71 -15.54 5.13
CA HIS A 390 -42.53 -14.52 4.49
C HIS A 390 -43.06 -14.99 3.15
N LEU A 391 -42.21 -15.65 2.34
CA LEU A 391 -42.67 -16.18 1.06
C LEU A 391 -43.84 -17.14 1.25
N GLU A 392 -43.75 -18.04 2.22
CA GLU A 392 -44.84 -18.98 2.47
C GLU A 392 -46.11 -18.27 2.93
N ASN A 393 -45.98 -17.29 3.83
CA ASN A 393 -47.14 -16.54 4.29
C ASN A 393 -47.85 -15.84 3.13
N GLU A 394 -47.06 -15.24 2.23
CA GLU A 394 -47.64 -14.46 1.15
C GLU A 394 -48.23 -15.34 0.07
N GLN A 395 -47.63 -16.52 -0.15
CA GLN A 395 -48.25 -17.48 -1.06
C GLN A 395 -49.70 -17.75 -0.65
N LYS A 396 -49.95 -17.84 0.65
CA LYS A 396 -51.32 -18.09 1.10
C LYS A 396 -52.13 -16.78 1.15
N ALA A 397 -51.52 -15.67 1.54
CA ALA A 397 -52.25 -14.42 1.64
C ALA A 397 -52.72 -13.94 0.28
N ARG A 398 -51.80 -13.89 -0.72
CA ARG A 398 -52.20 -13.31 -2.01
C ARG A 398 -51.67 -14.06 -3.23
N GLY A 399 -51.24 -15.31 -3.08
CA GLY A 399 -50.84 -16.11 -4.22
C GLY A 399 -49.49 -15.79 -4.85
N GLY A 400 -48.57 -15.19 -4.13
CA GLY A 400 -47.26 -14.90 -4.68
C GLY A 400 -46.61 -13.74 -3.94
N CYS A 401 -45.43 -13.38 -4.40
CA CYS A 401 -44.70 -12.31 -3.73
C CYS A 401 -43.63 -11.76 -4.66
N PRO A 402 -43.68 -10.48 -5.04
CA PRO A 402 -42.61 -9.93 -5.89
C PRO A 402 -41.30 -9.92 -5.13
N ALA A 403 -40.26 -10.48 -5.75
CA ALA A 403 -38.98 -10.64 -5.09
C ALA A 403 -37.87 -10.52 -6.12
N ASP A 404 -36.80 -9.83 -5.76
CA ASP A 404 -35.67 -9.57 -6.63
C ASP A 404 -34.51 -10.41 -6.13
N TRP A 405 -34.25 -11.53 -6.83
CA TRP A 405 -33.25 -12.52 -6.41
C TRP A 405 -31.88 -11.88 -6.16
N ALA A 406 -31.43 -11.00 -7.07
CA ALA A 406 -30.12 -10.35 -6.97
C ALA A 406 -29.96 -9.57 -5.68
N TRP A 407 -31.06 -9.03 -5.15
CA TRP A 407 -31.02 -8.22 -3.95
C TRP A 407 -31.44 -8.98 -2.70
N ILE A 408 -32.21 -10.06 -2.82
CA ILE A 408 -32.56 -10.88 -1.67
C ILE A 408 -31.38 -11.75 -1.23
N VAL A 409 -30.70 -12.40 -2.16
CA VAL A 409 -29.52 -13.21 -1.81
C VAL A 409 -28.44 -12.33 -1.21
N PRO A 410 -27.92 -12.66 -0.04
CA PRO A 410 -26.92 -11.81 0.64
C PRO A 410 -25.64 -11.70 -0.16
N PRO A 411 -24.85 -10.65 0.08
CA PRO A 411 -23.62 -10.43 -0.70
C PRO A 411 -22.42 -11.27 -0.27
N ILE A 412 -22.55 -12.07 0.79
CA ILE A 412 -21.61 -13.13 1.12
C ILE A 412 -22.41 -14.37 1.43
N SER A 413 -21.77 -15.51 1.28
CA SER A 413 -22.36 -16.81 1.64
C SER A 413 -23.69 -17.05 0.92
N GLY A 414 -23.82 -16.53 -0.29
CA GLY A 414 -25.05 -16.68 -1.08
C GLY A 414 -25.73 -18.02 -0.93
N SER A 415 -25.07 -19.10 -1.40
CA SER A 415 -25.67 -20.42 -1.46
C SER A 415 -25.75 -21.13 -0.12
N LEU A 416 -25.16 -20.55 0.93
CA LEU A 416 -25.36 -21.05 2.29
C LEU A 416 -26.69 -20.60 2.88
N THR A 417 -27.43 -19.65 2.18
CA THR A 417 -28.76 -19.22 2.65
C THR A 417 -29.84 -19.88 1.82
N PRO A 418 -31.04 -20.05 2.36
CA PRO A 418 -32.09 -20.76 1.62
C PRO A 418 -32.64 -19.98 0.43
N VAL A 419 -32.50 -18.65 0.43
CA VAL A 419 -33.08 -17.88 -0.67
C VAL A 419 -32.33 -18.11 -1.97
N PHE A 420 -31.07 -18.53 -1.89
CA PHE A 420 -30.30 -18.78 -3.12
C PHE A 420 -30.95 -19.83 -3.99
N HIS A 421 -31.50 -20.87 -3.37
CA HIS A 421 -32.09 -22.02 -4.04
C HIS A 421 -33.56 -21.82 -4.39
N GLN A 422 -34.10 -20.65 -4.13
CA GLN A 422 -35.53 -20.36 -4.34
C GLN A 422 -35.69 -19.50 -5.60
N GLU A 423 -36.38 -20.03 -6.60
CA GLU A 423 -36.71 -19.18 -7.73
C GLU A 423 -37.67 -18.07 -7.30
N MET A 424 -37.52 -16.90 -7.92
CA MET A 424 -38.32 -15.75 -7.53
C MET A 424 -38.88 -15.07 -8.77
N VAL A 425 -40.01 -14.39 -8.60
CA VAL A 425 -40.64 -13.61 -9.67
C VAL A 425 -40.61 -12.16 -9.25
N ASN A 426 -40.12 -11.29 -10.14
CA ASN A 426 -40.02 -9.86 -9.84
C ASN A 426 -41.06 -9.07 -10.63
N TYR A 427 -41.78 -8.17 -9.94
CA TYR A 427 -42.77 -7.33 -10.59
C TYR A 427 -43.11 -6.14 -9.68
N PHE A 428 -43.78 -5.15 -10.25
CA PHE A 428 -44.06 -3.89 -9.57
C PHE A 428 -45.54 -3.82 -9.20
N LEU A 429 -45.82 -3.71 -7.91
CA LEU A 429 -47.15 -3.44 -7.39
C LEU A 429 -47.17 -2.07 -6.74
N SER A 430 -48.38 -1.48 -6.67
CA SER A 430 -48.67 -0.25 -5.96
C SER A 430 -49.62 -0.52 -4.80
N PRO A 431 -49.50 0.19 -3.66
CA PRO A 431 -48.55 1.23 -3.25
C PRO A 431 -47.11 0.75 -3.33
N ALA A 432 -46.17 1.67 -3.53
CA ALA A 432 -44.78 1.28 -3.73
C ALA A 432 -43.85 2.39 -3.27
N PHE A 433 -42.62 1.98 -3.00
CA PHE A 433 -41.50 2.88 -2.84
C PHE A 433 -40.72 2.91 -4.15
N ARG A 434 -40.44 4.10 -4.66
CA ARG A 434 -39.81 4.29 -5.96
C ARG A 434 -38.61 5.20 -5.83
N TYR A 435 -37.66 5.02 -6.74
CA TYR A 435 -36.57 5.97 -6.91
C TYR A 435 -37.08 7.27 -7.50
N GLN A 436 -36.30 8.33 -7.32
CA GLN A 436 -36.70 9.61 -7.85
C GLN A 436 -35.45 10.42 -8.13
N PRO A 437 -35.51 11.35 -9.08
CA PRO A 437 -34.34 12.21 -9.34
C PRO A 437 -33.89 12.91 -8.07
N ASP A 438 -32.58 13.15 -7.97
CA ASP A 438 -32.09 14.01 -6.91
C ASP A 438 -32.71 15.40 -7.04
N PRO A 439 -32.90 16.11 -5.92
CA PRO A 439 -33.47 17.46 -6.04
C PRO A 439 -32.62 18.40 -6.88
N TRP A 440 -31.31 18.40 -6.66
CA TRP A 440 -30.42 19.27 -7.42
C TRP A 440 -30.20 18.72 -8.83
N PHE B 28 -30.64 1.04 -27.26
CA PHE B 28 -30.01 -0.12 -26.65
C PHE B 28 -29.87 0.09 -25.14
N PRO B 29 -30.02 -0.99 -24.36
CA PRO B 29 -29.93 -0.86 -22.90
C PRO B 29 -28.58 -0.34 -22.44
N ARG B 30 -28.62 0.66 -21.57
CA ARG B 30 -27.44 1.18 -20.88
C ARG B 30 -27.07 0.28 -19.71
N VAL B 31 -25.76 0.03 -19.54
CA VAL B 31 -25.22 -0.95 -18.60
C VAL B 31 -24.10 -0.30 -17.78
N LYS B 32 -24.24 -0.32 -16.45
CA LYS B 32 -23.32 0.40 -15.59
C LYS B 32 -22.48 -0.55 -14.74
N ASN B 33 -21.22 -0.22 -14.58
CA ASN B 33 -20.38 -0.83 -13.56
C ASN B 33 -20.37 0.10 -12.35
N TRP B 34 -20.85 -0.40 -11.21
CA TRP B 34 -21.00 0.45 -10.04
C TRP B 34 -19.71 0.57 -9.23
N GLU B 35 -18.73 -0.29 -9.49
CA GLU B 35 -17.44 -0.14 -8.83
C GLU B 35 -16.66 1.04 -9.41
N VAL B 36 -16.75 1.23 -10.72
CA VAL B 36 -15.96 2.20 -11.45
C VAL B 36 -16.79 3.40 -11.92
N GLY B 37 -18.09 3.24 -12.10
CA GLY B 37 -18.91 4.27 -12.69
C GLY B 37 -19.08 4.16 -14.19
N SER B 38 -18.33 3.28 -14.85
CA SER B 38 -18.32 3.25 -16.30
C SER B 38 -19.65 2.73 -16.87
N ILE B 39 -19.97 3.21 -18.07
CA ILE B 39 -21.24 2.94 -18.73
C ILE B 39 -20.94 2.42 -20.14
N THR B 40 -21.67 1.39 -20.55
CA THR B 40 -21.66 0.89 -21.91
C THR B 40 -23.10 0.66 -22.37
N TYR B 41 -23.26 0.35 -23.65
CA TYR B 41 -24.55 0.01 -24.21
C TYR B 41 -24.44 -1.34 -24.89
N ASP B 42 -25.35 -2.25 -24.57
CA ASP B 42 -25.32 -3.59 -25.15
C ASP B 42 -26.12 -3.58 -26.45
N THR B 43 -25.46 -3.21 -27.53
CA THR B 43 -26.08 -3.22 -28.85
C THR B 43 -26.19 -4.63 -29.42
N LEU B 44 -25.44 -5.59 -28.89
CA LEU B 44 -25.53 -6.97 -29.37
C LEU B 44 -26.88 -7.61 -29.00
N SER B 45 -27.47 -7.19 -27.88
CA SER B 45 -28.75 -7.78 -27.48
C SER B 45 -29.86 -7.54 -28.50
N ALA B 46 -29.77 -6.48 -29.30
CA ALA B 46 -30.79 -6.21 -30.30
C ALA B 46 -30.86 -7.32 -31.35
N GLN B 47 -29.82 -8.13 -31.47
CA GLN B 47 -29.77 -9.23 -32.41
C GLN B 47 -30.27 -10.55 -31.83
N ALA B 48 -30.75 -10.56 -30.58
CA ALA B 48 -31.15 -11.80 -29.95
C ALA B 48 -32.25 -12.48 -30.73
N GLN B 49 -31.98 -13.70 -31.18
CA GLN B 49 -32.98 -14.48 -31.88
C GLN B 49 -34.05 -14.94 -30.89
N GLN B 50 -33.80 -16.06 -30.22
CA GLN B 50 -34.88 -16.74 -29.51
C GLN B 50 -35.24 -16.02 -28.23
N ASP B 51 -36.51 -16.12 -27.87
CA ASP B 51 -37.07 -15.32 -26.80
C ASP B 51 -36.89 -16.02 -25.46
N GLY B 52 -36.68 -15.22 -24.42
CA GLY B 52 -36.61 -15.74 -23.09
C GLY B 52 -37.94 -15.63 -22.36
N PRO B 53 -37.91 -15.87 -21.05
CA PRO B 53 -39.16 -15.96 -20.26
C PRO B 53 -39.65 -14.65 -19.65
N CYS B 54 -38.92 -13.55 -19.75
CA CYS B 54 -39.35 -12.33 -19.10
C CYS B 54 -40.34 -11.57 -19.97
N THR B 55 -41.17 -10.75 -19.32
CA THR B 55 -42.00 -9.78 -20.02
C THR B 55 -41.89 -8.44 -19.29
N PRO B 56 -42.36 -7.34 -19.89
CA PRO B 56 -42.47 -6.09 -19.12
C PRO B 56 -43.31 -6.24 -17.86
N ARG B 57 -44.19 -7.22 -17.80
CA ARG B 57 -45.03 -7.43 -16.62
C ARG B 57 -44.28 -8.08 -15.47
N ARG B 58 -43.31 -8.95 -15.76
CA ARG B 58 -42.66 -9.73 -14.71
C ARG B 58 -41.36 -10.33 -15.25
N CYS B 59 -40.33 -10.25 -14.44
CA CYS B 59 -39.02 -10.82 -14.78
C CYS B 59 -38.88 -12.20 -14.16
N LEU B 60 -38.50 -13.18 -14.98
CA LEU B 60 -38.26 -14.56 -14.56
C LEU B 60 -36.80 -14.94 -14.67
N GLY B 61 -35.91 -13.96 -14.55
CA GLY B 61 -34.49 -14.21 -14.77
C GLY B 61 -33.89 -15.21 -13.81
N SER B 62 -34.51 -15.43 -12.64
CA SER B 62 -33.93 -16.34 -11.67
C SER B 62 -34.33 -17.80 -11.89
N LEU B 63 -35.14 -18.10 -12.89
CA LEU B 63 -35.57 -19.47 -13.09
C LEU B 63 -34.45 -20.30 -13.74
N VAL B 64 -34.27 -21.52 -13.25
CA VAL B 64 -33.21 -22.40 -13.71
C VAL B 64 -33.44 -22.82 -15.17
N PHE B 65 -34.68 -23.14 -15.52
CA PHE B 65 -35.03 -23.50 -16.89
C PHE B 65 -35.81 -22.36 -17.51
N PRO B 66 -35.17 -21.49 -18.31
CA PRO B 66 -35.92 -20.36 -18.88
C PRO B 66 -36.91 -20.77 -19.97
N ARG B 67 -36.72 -21.90 -20.63
CA ARG B 67 -37.59 -22.34 -21.71
C ARG B 67 -38.13 -23.74 -21.43
N LYS B 68 -39.23 -24.07 -22.10
CA LYS B 68 -39.83 -25.41 -22.04
C LYS B 68 -40.19 -25.82 -20.62
N ALA B 79 -39.73 -28.06 -42.90
CA ALA B 79 -39.27 -26.91 -42.13
C ALA B 79 -38.21 -26.05 -42.84
N PRO B 80 -38.22 -25.97 -44.17
CA PRO B 80 -37.00 -25.54 -44.87
C PRO B 80 -36.61 -24.09 -44.64
N GLU B 81 -37.57 -23.16 -44.69
CA GLU B 81 -37.21 -21.74 -44.71
C GLU B 81 -36.69 -21.25 -43.36
N GLN B 82 -37.15 -21.83 -42.26
CA GLN B 82 -36.58 -21.46 -40.97
C GLN B 82 -35.16 -21.99 -40.82
N LEU B 83 -34.91 -23.21 -41.29
CA LEU B 83 -33.54 -23.74 -41.25
C LEU B 83 -32.59 -22.85 -42.04
N LEU B 84 -33.02 -22.41 -43.22
CA LEU B 84 -32.18 -21.57 -44.08
C LEU B 84 -31.83 -20.25 -43.41
N SER B 85 -32.81 -19.58 -42.80
CA SER B 85 -32.50 -18.29 -42.19
C SER B 85 -31.50 -18.46 -41.05
N GLN B 86 -31.58 -19.57 -40.32
CA GLN B 86 -30.61 -19.83 -39.26
C GLN B 86 -29.25 -20.20 -39.85
N ALA B 87 -29.26 -20.96 -40.95
CA ALA B 87 -28.01 -21.36 -41.60
C ALA B 87 -27.33 -20.15 -42.24
N ARG B 88 -28.09 -19.34 -42.96
CA ARG B 88 -27.55 -18.11 -43.53
C ARG B 88 -26.92 -17.24 -42.46
N ASP B 89 -27.64 -17.02 -41.34
CA ASP B 89 -27.07 -16.20 -40.29
C ASP B 89 -25.75 -16.78 -39.81
N PHE B 90 -25.71 -18.10 -39.58
CA PHE B 90 -24.48 -18.72 -39.08
C PHE B 90 -23.34 -18.61 -40.09
N ILE B 91 -23.64 -18.85 -41.38
CA ILE B 91 -22.60 -18.71 -42.41
C ILE B 91 -22.08 -17.28 -42.43
N ASN B 92 -22.98 -16.31 -42.34
CA ASN B 92 -22.56 -14.90 -42.25
C ASN B 92 -21.61 -14.70 -41.06
N GLN B 93 -21.91 -15.34 -39.93
CA GLN B 93 -21.05 -15.20 -38.76
C GLN B 93 -19.67 -15.75 -39.04
N TYR B 94 -19.62 -16.94 -39.64
CA TYR B 94 -18.34 -17.57 -39.96
C TYR B 94 -17.50 -16.67 -40.86
N TYR B 95 -18.11 -16.15 -41.94
CA TYR B 95 -17.33 -15.33 -42.86
C TYR B 95 -16.94 -13.97 -42.28
N SER B 96 -17.74 -13.42 -41.34
CA SER B 96 -17.25 -12.25 -40.62
C SER B 96 -16.06 -12.59 -39.75
N SER B 97 -16.08 -13.75 -39.08
CA SER B 97 -15.02 -14.13 -38.17
C SER B 97 -13.66 -14.22 -38.87
N ILE B 98 -13.64 -14.57 -40.15
CA ILE B 98 -12.39 -14.68 -40.89
C ILE B 98 -12.12 -13.44 -41.74
N LYS B 99 -12.87 -12.36 -41.51
CA LYS B 99 -12.66 -11.10 -42.23
C LYS B 99 -12.73 -11.32 -43.74
N ARG B 100 -13.77 -12.03 -44.17
CA ARG B 100 -13.99 -12.33 -45.57
C ARG B 100 -15.47 -12.18 -45.93
N SER B 101 -16.17 -11.30 -45.23
CA SER B 101 -17.59 -11.06 -45.51
CA SER B 101 -17.59 -11.06 -45.51
C SER B 101 -17.78 -10.52 -46.91
N GLY B 102 -18.83 -10.99 -47.59
CA GLY B 102 -19.12 -10.58 -48.95
C GLY B 102 -18.20 -11.11 -50.00
N SER B 103 -17.25 -11.97 -49.65
CA SER B 103 -16.32 -12.52 -50.62
C SER B 103 -17.04 -13.50 -51.55
N GLN B 104 -16.33 -13.92 -52.60
CA GLN B 104 -16.81 -14.98 -53.47
C GLN B 104 -17.08 -16.26 -52.67
N ALA B 105 -16.12 -16.66 -51.83
CA ALA B 105 -16.29 -17.85 -51.00
C ALA B 105 -17.57 -17.76 -50.16
N HIS B 106 -17.85 -16.57 -49.63
CA HIS B 106 -19.02 -16.36 -48.78
C HIS B 106 -20.31 -16.61 -49.55
N GLU B 107 -20.47 -15.91 -50.69
CA GLU B 107 -21.67 -16.08 -51.51
C GLU B 107 -21.81 -17.52 -51.97
N GLN B 108 -20.72 -18.14 -52.42
CA GLN B 108 -20.79 -19.52 -52.89
C GLN B 108 -21.17 -20.50 -51.78
N ARG B 109 -20.74 -20.23 -50.54
CA ARG B 109 -21.12 -21.16 -49.50
C ARG B 109 -22.59 -21.03 -49.16
N LEU B 110 -23.11 -19.79 -49.15
CA LEU B 110 -24.55 -19.56 -48.96
C LEU B 110 -25.36 -20.30 -50.03
N GLN B 111 -25.01 -20.13 -51.30
CA GLN B 111 -25.71 -20.86 -52.36
C GLN B 111 -25.62 -22.38 -52.15
N GLU B 112 -24.44 -22.85 -51.71
CA GLU B 112 -24.23 -24.28 -51.54
C GLU B 112 -25.13 -24.84 -50.44
N VAL B 113 -25.24 -24.13 -49.31
CA VAL B 113 -26.15 -24.54 -48.27
C VAL B 113 -27.58 -24.51 -48.76
N GLU B 114 -27.94 -23.46 -49.51
CA GLU B 114 -29.29 -23.37 -50.09
C GLU B 114 -29.60 -24.58 -50.97
N ALA B 115 -28.63 -25.00 -51.79
CA ALA B 115 -28.87 -26.13 -52.68
C ALA B 115 -29.05 -27.43 -51.89
N GLU B 116 -28.22 -27.64 -50.85
CA GLU B 116 -28.32 -28.89 -50.10
C GLU B 116 -29.63 -28.97 -49.35
N VAL B 117 -30.06 -27.86 -48.74
CA VAL B 117 -31.33 -27.85 -48.03
C VAL B 117 -32.47 -28.11 -49.01
N ALA B 118 -32.42 -27.49 -50.19
CA ALA B 118 -33.46 -27.71 -51.19
C ALA B 118 -33.52 -29.18 -51.63
N ALA B 119 -32.36 -29.83 -51.71
CA ALA B 119 -32.32 -31.21 -52.18
C ALA B 119 -32.65 -32.22 -51.08
N THR B 120 -32.22 -31.95 -49.84
CA THR B 120 -32.29 -32.96 -48.79
C THR B 120 -33.03 -32.51 -47.54
N GLY B 121 -33.46 -31.26 -47.45
CA GLY B 121 -34.09 -30.77 -46.23
C GLY B 121 -33.12 -30.47 -45.10
N THR B 122 -31.83 -30.73 -45.28
CA THR B 122 -30.82 -30.48 -44.25
C THR B 122 -29.51 -30.12 -44.95
N TYR B 123 -28.45 -29.93 -44.16
CA TYR B 123 -27.15 -29.70 -44.77
C TYR B 123 -26.06 -30.15 -43.80
N GLN B 124 -24.82 -30.11 -44.28
CA GLN B 124 -23.67 -30.50 -43.47
C GLN B 124 -22.72 -29.33 -43.31
N LEU B 125 -22.22 -29.15 -42.10
CA LEU B 125 -21.21 -28.13 -41.89
C LEU B 125 -19.87 -28.58 -42.45
N ARG B 126 -19.13 -27.62 -43.00
CA ARG B 126 -17.73 -27.85 -43.24
C ARG B 126 -17.01 -28.04 -41.91
N GLU B 127 -15.85 -28.70 -41.96
CA GLU B 127 -15.07 -28.89 -40.73
C GLU B 127 -14.77 -27.56 -40.04
N SER B 128 -14.31 -26.56 -40.82
CA SER B 128 -13.96 -25.27 -40.23
CA SER B 128 -13.96 -25.26 -40.24
C SER B 128 -15.17 -24.61 -39.56
N GLU B 129 -16.36 -24.81 -40.11
CA GLU B 129 -17.57 -24.25 -39.54
C GLU B 129 -17.92 -24.92 -38.22
N LEU B 130 -17.72 -26.24 -38.14
CA LEU B 130 -17.99 -26.95 -36.89
C LEU B 130 -17.07 -26.45 -35.78
N VAL B 131 -15.79 -26.26 -36.09
CA VAL B 131 -14.87 -25.73 -35.08
C VAL B 131 -15.33 -24.34 -34.63
N PHE B 132 -15.58 -23.45 -35.59
CA PHE B 132 -16.05 -22.10 -35.28
C PHE B 132 -17.36 -22.11 -34.49
N GLY B 133 -18.32 -22.95 -34.90
CA GLY B 133 -19.62 -22.97 -34.24
C GLY B 133 -19.55 -23.45 -32.79
N ALA B 134 -18.70 -24.42 -32.51
CA ALA B 134 -18.55 -24.90 -31.13
C ALA B 134 -17.97 -23.81 -30.23
N LYS B 135 -16.95 -23.09 -30.74
CA LYS B 135 -16.35 -21.98 -29.99
C LYS B 135 -17.35 -20.86 -29.78
N GLN B 136 -18.18 -20.59 -30.80
CA GLN B 136 -19.19 -19.55 -30.68
C GLN B 136 -20.29 -19.93 -29.70
N ALA B 137 -20.61 -21.23 -29.62
CA ALA B 137 -21.60 -21.67 -28.64
C ALA B 137 -21.10 -21.43 -27.22
N TRP B 138 -19.84 -21.79 -26.96
CA TRP B 138 -19.23 -21.43 -25.68
C TRP B 138 -19.26 -19.92 -25.46
N ARG B 139 -18.78 -19.17 -26.44
CA ARG B 139 -18.72 -17.71 -26.35
C ARG B 139 -20.09 -17.12 -26.00
N ASN B 140 -21.16 -17.73 -26.50
CA ASN B 140 -22.50 -17.21 -26.32
C ASN B 140 -23.18 -17.68 -25.02
N ALA B 141 -22.56 -18.59 -24.25
CA ALA B 141 -23.26 -19.19 -23.11
C ALA B 141 -23.33 -18.21 -21.93
N PRO B 142 -24.51 -17.69 -21.62
CA PRO B 142 -24.58 -16.59 -20.64
C PRO B 142 -24.21 -17.00 -19.22
N ARG B 143 -24.34 -18.27 -18.85
CA ARG B 143 -24.08 -18.72 -17.50
C ARG B 143 -22.63 -19.13 -17.26
N CYS B 144 -21.76 -19.08 -18.26
CA CYS B 144 -20.36 -19.51 -18.12
C CYS B 144 -19.46 -18.33 -17.73
N VAL B 145 -18.83 -18.41 -16.55
CA VAL B 145 -17.85 -17.40 -16.18
C VAL B 145 -16.49 -17.64 -16.80
N GLY B 146 -16.23 -18.81 -17.37
CA GLY B 146 -14.93 -19.13 -17.94
C GLY B 146 -14.68 -18.69 -19.37
N ARG B 147 -15.50 -17.78 -19.91
CA ARG B 147 -15.48 -17.57 -21.36
C ARG B 147 -14.27 -16.79 -21.87
N ILE B 148 -13.40 -16.28 -20.98
CA ILE B 148 -12.17 -15.67 -21.46
C ILE B 148 -11.39 -16.67 -22.32
N GLN B 149 -11.58 -17.98 -22.08
CA GLN B 149 -10.87 -19.04 -22.78
C GLN B 149 -11.51 -19.47 -24.11
N TRP B 150 -12.61 -18.83 -24.54
CA TRP B 150 -13.50 -19.42 -25.55
C TRP B 150 -12.82 -19.72 -26.87
N GLY B 151 -11.74 -18.99 -27.20
CA GLY B 151 -11.01 -19.23 -28.41
C GLY B 151 -10.08 -20.43 -28.35
N LYS B 152 -9.72 -20.88 -27.16
CA LYS B 152 -8.84 -22.04 -26.98
C LYS B 152 -9.72 -23.24 -26.66
N LEU B 153 -10.13 -23.97 -27.71
CA LEU B 153 -11.00 -25.11 -27.54
C LEU B 153 -10.60 -26.14 -28.58
N GLN B 154 -10.34 -27.36 -28.15
CA GLN B 154 -9.96 -28.45 -29.03
C GLN B 154 -11.23 -29.17 -29.49
N VAL B 155 -11.47 -29.19 -30.79
CA VAL B 155 -12.74 -29.69 -31.31
C VAL B 155 -12.45 -31.03 -31.99
N PHE B 156 -12.94 -32.12 -31.39
CA PHE B 156 -12.86 -33.44 -31.98
C PHE B 156 -14.12 -33.73 -32.79
N ASP B 157 -13.94 -34.04 -34.08
CA ASP B 157 -15.07 -34.25 -34.98
C ASP B 157 -15.40 -35.74 -35.00
N ALA B 158 -16.52 -36.11 -34.37
CA ALA B 158 -16.97 -37.49 -34.31
C ALA B 158 -18.20 -37.73 -35.15
N ARG B 159 -18.41 -36.92 -36.19
CA ARG B 159 -19.69 -36.98 -36.92
C ARG B 159 -19.81 -38.22 -37.82
N ASP B 160 -18.74 -38.99 -37.99
CA ASP B 160 -18.83 -40.28 -38.65
C ASP B 160 -19.03 -41.43 -37.67
N CYS B 161 -19.24 -41.15 -36.38
CA CYS B 161 -19.42 -42.21 -35.40
C CYS B 161 -20.63 -43.06 -35.76
N ARG B 162 -20.52 -44.38 -35.61
CA ARG B 162 -21.61 -45.24 -36.05
C ARG B 162 -22.15 -46.22 -35.00
N SER B 163 -21.55 -46.31 -33.82
CA SER B 163 -22.05 -47.25 -32.83
C SER B 163 -21.74 -46.74 -31.44
N ALA B 164 -22.36 -47.36 -30.44
CA ALA B 164 -22.05 -47.01 -29.05
C ALA B 164 -20.60 -47.35 -28.72
N GLN B 165 -20.07 -48.43 -29.30
CA GLN B 165 -18.68 -48.80 -29.05
C GLN B 165 -17.72 -47.74 -29.58
N GLU B 166 -17.94 -47.24 -30.81
CA GLU B 166 -17.09 -46.16 -31.27
C GLU B 166 -17.30 -44.90 -30.45
N MET B 167 -18.52 -44.70 -29.94
CA MET B 167 -18.80 -43.58 -29.05
C MET B 167 -17.89 -43.61 -27.83
N PHE B 168 -17.74 -44.79 -27.22
CA PHE B 168 -16.92 -44.93 -26.02
C PHE B 168 -15.45 -44.63 -26.33
N THR B 169 -14.97 -45.05 -27.49
CA THR B 169 -13.60 -44.76 -27.90
C THR B 169 -13.38 -43.26 -28.09
N TYR B 170 -14.31 -42.58 -28.77
CA TYR B 170 -14.23 -41.12 -28.87
C TYR B 170 -14.21 -40.47 -27.49
N ILE B 171 -14.95 -41.04 -26.55
CA ILE B 171 -15.07 -40.40 -25.25
C ILE B 171 -13.80 -40.59 -24.45
N CYS B 172 -13.22 -41.78 -24.53
CA CYS B 172 -11.94 -42.05 -23.86
C CYS B 172 -10.83 -41.17 -24.43
N ASN B 173 -10.83 -40.96 -25.75
CA ASN B 173 -9.82 -40.09 -26.35
C ASN B 173 -9.98 -38.64 -25.89
N HIS B 174 -11.23 -38.17 -25.79
CA HIS B 174 -11.51 -36.85 -25.20
C HIS B 174 -10.95 -36.73 -23.79
N ILE B 175 -11.30 -37.68 -22.91
CA ILE B 175 -10.88 -37.60 -21.52
C ILE B 175 -9.36 -37.59 -21.42
N LYS B 176 -8.69 -38.44 -22.21
CA LYS B 176 -7.25 -38.51 -22.15
C LYS B 176 -6.61 -37.21 -22.59
N TYR B 177 -7.08 -36.65 -23.72
CA TYR B 177 -6.57 -35.36 -24.16
C TYR B 177 -6.86 -34.28 -23.12
N ALA B 178 -8.10 -34.20 -22.64
CA ALA B 178 -8.49 -33.06 -21.81
C ALA B 178 -7.80 -33.10 -20.46
N THR B 179 -7.70 -34.31 -19.88
CA THR B 179 -7.08 -34.47 -18.56
C THR B 179 -5.60 -34.13 -18.61
N ASN B 180 -4.87 -34.71 -19.57
CA ASN B 180 -3.48 -34.34 -19.82
C ASN B 180 -2.68 -34.40 -18.52
N ARG B 181 -2.89 -35.49 -17.78
CA ARG B 181 -2.34 -35.81 -16.46
C ARG B 181 -2.35 -34.61 -15.50
N GLY B 182 -3.43 -33.85 -15.54
CA GLY B 182 -3.65 -32.77 -14.60
C GLY B 182 -3.49 -31.39 -15.20
N ASN B 183 -2.79 -31.26 -16.34
CA ASN B 183 -2.70 -29.95 -16.98
C ASN B 183 -3.87 -29.85 -17.94
N LEU B 184 -5.02 -29.47 -17.39
CA LEU B 184 -6.30 -29.60 -18.10
C LEU B 184 -6.37 -28.73 -19.35
N ARG B 185 -6.98 -29.28 -20.40
CA ARG B 185 -7.16 -28.64 -21.70
C ARG B 185 -8.62 -28.70 -22.12
N SER B 186 -9.17 -27.58 -22.57
CA SER B 186 -10.58 -27.52 -22.95
C SER B 186 -10.82 -28.26 -24.26
N ALA B 187 -11.92 -29.01 -24.34
CA ALA B 187 -12.19 -29.82 -25.53
C ALA B 187 -13.68 -30.09 -25.64
N ILE B 188 -14.10 -30.40 -26.88
CA ILE B 188 -15.45 -30.87 -27.13
C ILE B 188 -15.37 -31.91 -28.22
N THR B 189 -16.15 -32.97 -28.10
CA THR B 189 -16.30 -33.98 -29.14
C THR B 189 -17.71 -33.88 -29.69
N VAL B 190 -17.87 -33.79 -31.00
CA VAL B 190 -19.17 -33.56 -31.60
C VAL B 190 -19.58 -34.83 -32.32
N PHE B 191 -20.61 -35.49 -31.82
CA PHE B 191 -21.14 -36.69 -32.45
C PHE B 191 -22.13 -36.29 -33.56
N PRO B 192 -22.62 -37.27 -34.33
CA PRO B 192 -23.45 -36.93 -35.50
C PRO B 192 -24.68 -36.10 -35.13
N GLN B 193 -25.09 -35.23 -36.07
CA GLN B 193 -26.26 -34.39 -35.85
C GLN B 193 -27.55 -35.18 -35.95
N ARG B 194 -28.59 -34.62 -35.32
CA ARG B 194 -29.96 -35.11 -35.46
C ARG B 194 -30.37 -35.08 -36.94
N CYS B 195 -31.07 -36.12 -37.38
CA CYS B 195 -31.52 -36.13 -38.75
C CYS B 195 -32.81 -36.93 -38.85
N PRO B 196 -33.64 -36.65 -39.86
CA PRO B 196 -34.95 -37.32 -39.95
C PRO B 196 -34.82 -38.83 -40.10
N GLY B 197 -35.74 -39.55 -39.45
CA GLY B 197 -35.85 -40.98 -39.63
C GLY B 197 -34.74 -41.79 -39.01
N ARG B 198 -34.11 -41.28 -37.96
CA ARG B 198 -33.06 -42.00 -37.27
C ARG B 198 -32.94 -41.40 -35.89
N GLY B 199 -32.75 -42.25 -34.89
CA GLY B 199 -32.64 -41.78 -33.53
C GLY B 199 -31.39 -40.95 -33.29
N ASP B 200 -31.42 -40.22 -32.19
CA ASP B 200 -30.30 -39.40 -31.76
C ASP B 200 -29.20 -40.24 -31.12
N PHE B 201 -27.97 -39.77 -31.24
CA PHE B 201 -26.93 -40.18 -30.31
C PHE B 201 -27.14 -39.43 -28.99
N ARG B 202 -27.08 -40.14 -27.87
CA ARG B 202 -27.19 -39.48 -26.57
C ARG B 202 -26.21 -40.10 -25.58
N ILE B 203 -25.67 -39.26 -24.71
CA ILE B 203 -25.00 -39.70 -23.50
C ILE B 203 -25.98 -39.46 -22.36
N TRP B 204 -26.38 -40.52 -21.67
CA TRP B 204 -27.41 -40.38 -20.65
C TRP B 204 -26.87 -39.68 -19.40
N ASN B 205 -25.57 -39.82 -19.13
CA ASN B 205 -24.99 -39.24 -17.93
C ASN B 205 -24.93 -37.72 -18.05
N SER B 206 -25.06 -37.01 -16.91
CA SER B 206 -25.03 -35.56 -17.01
C SER B 206 -23.61 -35.04 -17.21
N GLN B 207 -22.62 -35.77 -16.69
CA GLN B 207 -21.21 -35.49 -16.92
C GLN B 207 -20.50 -36.81 -17.16
N LEU B 208 -19.35 -36.74 -17.82
CA LEU B 208 -18.60 -37.97 -18.11
C LEU B 208 -18.10 -38.64 -16.82
N VAL B 209 -17.73 -37.85 -15.81
CA VAL B 209 -17.32 -38.39 -14.52
C VAL B 209 -18.31 -37.88 -13.48
N ARG B 210 -18.92 -38.80 -12.74
CA ARG B 210 -19.94 -38.52 -11.74
C ARG B 210 -19.90 -39.59 -10.67
N TYR B 211 -20.19 -39.20 -9.43
CA TYR B 211 -20.18 -40.15 -8.32
C TYR B 211 -21.56 -40.76 -8.14
N ALA B 212 -21.59 -42.05 -7.87
CA ALA B 212 -22.83 -42.76 -7.58
C ALA B 212 -23.59 -42.14 -6.41
N GLY B 213 -24.91 -42.05 -6.57
CA GLY B 213 -25.78 -41.73 -5.45
C GLY B 213 -26.76 -42.86 -5.16
N TYR B 214 -26.57 -43.56 -4.04
CA TYR B 214 -27.43 -44.67 -3.66
C TYR B 214 -28.56 -44.16 -2.78
N ARG B 215 -29.76 -44.11 -3.34
CA ARG B 215 -30.93 -43.67 -2.59
C ARG B 215 -31.30 -44.74 -1.57
N GLN B 216 -31.48 -44.31 -0.32
CA GLN B 216 -31.82 -45.22 0.75
C GLN B 216 -33.32 -45.25 0.97
N GLN B 217 -33.77 -46.31 1.65
CA GLN B 217 -35.19 -46.53 1.92
C GLN B 217 -35.83 -45.33 2.59
N ASP B 218 -35.16 -44.74 3.59
CA ASP B 218 -35.69 -43.65 4.39
C ASP B 218 -35.48 -42.28 3.76
N GLY B 219 -35.25 -42.23 2.45
CA GLY B 219 -35.02 -40.96 1.78
C GLY B 219 -33.61 -40.43 1.89
N SER B 220 -32.74 -41.03 2.70
CA SER B 220 -31.35 -40.61 2.74
C SER B 220 -30.62 -41.11 1.49
N VAL B 221 -29.41 -40.60 1.28
CA VAL B 221 -28.61 -40.98 0.13
C VAL B 221 -27.17 -41.20 0.58
N ARG B 222 -26.59 -42.29 0.09
CA ARG B 222 -25.15 -42.50 0.18
C ARG B 222 -24.54 -42.12 -1.16
N GLY B 223 -23.60 -41.20 -1.15
CA GLY B 223 -23.03 -40.66 -2.37
C GLY B 223 -23.56 -39.27 -2.70
N ASP B 224 -23.62 -39.01 -4.01
CA ASP B 224 -24.04 -37.71 -4.50
C ASP B 224 -25.54 -37.74 -4.76
N PRO B 225 -26.36 -37.02 -3.99
CA PRO B 225 -27.82 -37.03 -4.23
C PRO B 225 -28.22 -36.55 -5.62
N ALA B 226 -27.40 -35.72 -6.28
CA ALA B 226 -27.73 -35.23 -7.61
C ALA B 226 -27.78 -36.34 -8.66
N ASN B 227 -27.16 -37.48 -8.36
CA ASN B 227 -26.99 -38.54 -9.35
C ASN B 227 -27.80 -39.78 -9.01
N VAL B 228 -28.88 -39.64 -8.24
CA VAL B 228 -29.64 -40.82 -7.84
C VAL B 228 -30.33 -41.44 -9.05
N GLU B 229 -30.89 -40.62 -9.94
CA GLU B 229 -31.60 -41.16 -11.09
C GLU B 229 -30.66 -41.97 -11.99
N ILE B 230 -29.56 -41.37 -12.42
CA ILE B 230 -28.65 -42.05 -13.34
C ILE B 230 -28.02 -43.26 -12.66
N THR B 231 -27.88 -43.23 -11.33
CA THR B 231 -27.36 -44.39 -10.61
C THR B 231 -28.31 -45.57 -10.70
N GLU B 232 -29.61 -45.31 -10.50
CA GLU B 232 -30.61 -46.38 -10.58
C GLU B 232 -30.76 -46.91 -12.01
N LEU B 233 -30.49 -46.09 -13.01
CA LEU B 233 -30.54 -46.57 -14.39
C LEU B 233 -29.31 -47.40 -14.74
N CYS B 234 -28.14 -47.03 -14.21
CA CYS B 234 -26.97 -47.87 -14.38
C CYS B 234 -27.21 -49.26 -13.80
N ILE B 235 -27.76 -49.32 -12.58
CA ILE B 235 -28.03 -50.60 -11.94
C ILE B 235 -29.04 -51.39 -12.78
N GLN B 236 -30.14 -50.73 -13.18
CA GLN B 236 -31.16 -51.41 -13.97
C GLN B 236 -30.60 -51.93 -15.29
N HIS B 237 -29.51 -51.34 -15.79
CA HIS B 237 -28.88 -51.77 -17.04
C HIS B 237 -27.66 -52.65 -16.80
N GLY B 238 -27.53 -53.24 -15.62
CA GLY B 238 -26.58 -54.31 -15.39
C GLY B 238 -25.36 -53.94 -14.58
N TRP B 239 -25.19 -52.68 -14.18
CA TRP B 239 -24.02 -52.31 -13.41
C TRP B 239 -24.12 -52.88 -12.00
N THR B 240 -23.03 -53.47 -11.52
CA THR B 240 -22.95 -53.90 -10.14
C THR B 240 -22.49 -52.74 -9.29
N PRO B 241 -23.29 -52.27 -8.35
CA PRO B 241 -22.96 -51.03 -7.64
C PRO B 241 -22.04 -51.28 -6.46
N GLY B 242 -21.25 -50.25 -6.15
CA GLY B 242 -20.48 -50.22 -4.93
C GLY B 242 -21.34 -49.78 -3.76
N ASN B 243 -20.66 -49.45 -2.66
CA ASN B 243 -21.39 -48.83 -1.54
C ASN B 243 -20.61 -47.66 -0.96
N GLY B 244 -19.74 -47.03 -1.74
CA GLY B 244 -19.00 -45.88 -1.28
C GLY B 244 -19.71 -44.58 -1.55
N ARG B 245 -19.11 -43.50 -1.04
CA ARG B 245 -19.60 -42.16 -1.28
C ARG B 245 -19.02 -41.53 -2.54
N PHE B 246 -17.96 -42.10 -3.10
CA PHE B 246 -17.29 -41.55 -4.26
C PHE B 246 -17.06 -42.62 -5.31
N ASP B 247 -18.12 -43.37 -5.64
CA ASP B 247 -18.05 -44.44 -6.63
C ASP B 247 -18.31 -43.84 -8.01
N VAL B 248 -17.32 -43.98 -8.90
CA VAL B 248 -17.45 -43.42 -10.24
C VAL B 248 -18.45 -44.26 -11.04
N LEU B 249 -19.40 -43.59 -11.70
CA LEU B 249 -20.46 -44.28 -12.41
C LEU B 249 -19.97 -44.75 -13.78
N PRO B 250 -20.55 -45.81 -14.31
CA PRO B 250 -20.27 -46.19 -15.71
C PRO B 250 -20.99 -45.20 -16.64
N LEU B 251 -20.71 -45.32 -17.93
CA LEU B 251 -21.41 -44.51 -18.91
C LEU B 251 -22.54 -45.31 -19.56
N LEU B 252 -23.73 -44.70 -19.68
CA LEU B 252 -24.79 -45.23 -20.52
C LEU B 252 -24.73 -44.45 -21.83
N LEU B 253 -24.30 -45.13 -22.91
CA LEU B 253 -24.11 -44.53 -24.23
C LEU B 253 -25.16 -45.07 -25.19
N GLN B 254 -25.83 -44.17 -25.89
CA GLN B 254 -27.00 -44.49 -26.71
C GLN B 254 -26.69 -44.17 -28.16
N ALA B 255 -26.65 -45.20 -28.98
CA ALA B 255 -26.61 -45.06 -30.43
C ALA B 255 -28.02 -44.96 -30.97
N PRO B 256 -28.19 -44.43 -32.20
CA PRO B 256 -29.52 -44.26 -32.77
C PRO B 256 -30.34 -45.55 -32.72
N ASP B 257 -31.53 -45.44 -32.12
CA ASP B 257 -32.57 -46.47 -32.18
C ASP B 257 -32.16 -47.74 -31.44
N GLU B 258 -31.28 -47.59 -30.44
CA GLU B 258 -30.74 -48.63 -29.60
C GLU B 258 -31.00 -48.29 -28.13
N PRO B 259 -31.28 -49.29 -27.30
CA PRO B 259 -31.19 -49.07 -25.86
C PRO B 259 -29.80 -48.60 -25.47
N PRO B 260 -29.68 -47.86 -24.38
CA PRO B 260 -28.34 -47.42 -23.95
C PRO B 260 -27.49 -48.62 -23.55
N GLU B 261 -26.20 -48.49 -23.79
CA GLU B 261 -25.26 -49.53 -23.45
C GLU B 261 -24.30 -49.04 -22.37
N LEU B 262 -23.96 -49.92 -21.44
CA LEU B 262 -23.08 -49.61 -20.32
C LEU B 262 -21.60 -49.80 -20.70
N PHE B 263 -20.78 -48.82 -20.33
CA PHE B 263 -19.32 -48.90 -20.49
C PHE B 263 -18.66 -48.39 -19.22
N LEU B 264 -17.70 -49.15 -18.71
CA LEU B 264 -16.91 -48.73 -17.55
C LEU B 264 -15.73 -47.89 -18.01
N LEU B 265 -15.52 -46.75 -17.35
CA LEU B 265 -14.33 -45.99 -17.68
C LEU B 265 -13.10 -46.67 -17.10
N PRO B 266 -12.01 -46.76 -17.85
CA PRO B 266 -10.74 -47.24 -17.29
C PRO B 266 -10.33 -46.40 -16.10
N PRO B 267 -10.11 -47.02 -14.94
CA PRO B 267 -9.68 -46.24 -13.76
C PRO B 267 -8.49 -45.32 -14.03
N GLU B 268 -7.58 -45.72 -14.92
CA GLU B 268 -6.39 -44.91 -15.18
C GLU B 268 -6.69 -43.66 -16.00
N LEU B 269 -7.91 -43.53 -16.55
CA LEU B 269 -8.32 -42.31 -17.24
C LEU B 269 -9.06 -41.34 -16.33
N VAL B 270 -9.39 -41.73 -15.09
CA VAL B 270 -10.23 -40.90 -14.23
C VAL B 270 -9.35 -40.32 -13.12
N LEU B 271 -8.81 -39.12 -13.35
CA LEU B 271 -7.93 -38.48 -12.37
C LEU B 271 -8.77 -37.91 -11.23
N GLU B 272 -8.38 -38.22 -10.00
CA GLU B 272 -9.13 -37.78 -8.83
C GLU B 272 -8.17 -37.13 -7.86
N VAL B 273 -8.72 -36.25 -7.02
CA VAL B 273 -7.92 -35.47 -6.09
C VAL B 273 -8.40 -35.77 -4.67
N PRO B 274 -7.57 -36.37 -3.82
CA PRO B 274 -7.93 -36.49 -2.40
C PRO B 274 -7.89 -35.13 -1.75
N LEU B 275 -8.86 -34.85 -0.90
CA LEU B 275 -8.98 -33.53 -0.31
C LEU B 275 -8.33 -33.53 1.06
N GLU B 276 -7.48 -32.54 1.27
CA GLU B 276 -6.83 -32.28 2.53
C GLU B 276 -6.74 -30.77 2.69
N HIS B 277 -6.56 -30.33 3.93
CA HIS B 277 -6.47 -28.93 4.25
C HIS B 277 -5.05 -28.59 4.67
N PRO B 278 -4.55 -27.41 4.29
CA PRO B 278 -3.14 -27.08 4.58
C PRO B 278 -2.83 -27.01 6.06
N THR B 279 -3.78 -26.65 6.90
CA THR B 279 -3.46 -26.53 8.31
C THR B 279 -4.36 -27.34 9.24
N LEU B 280 -5.47 -27.89 8.76
CA LEU B 280 -6.34 -28.73 9.59
C LEU B 280 -6.10 -30.19 9.19
N GLU B 281 -5.22 -30.87 9.93
CA GLU B 281 -4.74 -32.19 9.51
C GLU B 281 -5.82 -33.25 9.61
N TRP B 282 -6.83 -33.05 10.46
CA TRP B 282 -7.94 -33.99 10.57
C TRP B 282 -8.84 -33.96 9.35
N PHE B 283 -8.76 -32.90 8.54
CA PHE B 283 -9.63 -32.79 7.37
C PHE B 283 -9.45 -33.97 6.44
N ALA B 284 -8.22 -34.42 6.29
CA ALA B 284 -7.95 -35.56 5.42
C ALA B 284 -8.74 -36.78 5.83
N ALA B 285 -9.00 -36.95 7.14
CA ALA B 285 -9.69 -38.14 7.65
C ALA B 285 -11.18 -38.12 7.36
N LEU B 286 -11.73 -37.00 6.87
CA LEU B 286 -13.08 -36.99 6.34
C LEU B 286 -13.21 -37.88 5.10
N GLY B 287 -12.09 -38.25 4.48
CA GLY B 287 -12.12 -39.12 3.31
C GLY B 287 -12.77 -38.53 2.08
N LEU B 288 -12.73 -37.21 1.93
CA LEU B 288 -13.35 -36.58 0.77
C LEU B 288 -12.41 -36.64 -0.44
N ARG B 289 -13.02 -36.67 -1.62
CA ARG B 289 -12.31 -36.64 -2.89
C ARG B 289 -13.17 -35.90 -3.90
N TRP B 290 -12.55 -35.45 -4.99
CA TRP B 290 -13.33 -34.99 -6.14
C TRP B 290 -12.53 -35.32 -7.40
N TYR B 291 -13.20 -35.27 -8.53
CA TYR B 291 -12.52 -35.62 -9.77
C TYR B 291 -11.95 -34.40 -10.47
N ALA B 292 -10.94 -34.64 -11.32
CA ALA B 292 -10.23 -33.52 -11.95
C ALA B 292 -11.07 -32.86 -13.04
N LEU B 293 -11.74 -33.65 -13.85
CA LEU B 293 -12.24 -33.17 -15.14
C LEU B 293 -13.75 -32.95 -15.12
N PRO B 294 -14.23 -31.71 -15.18
CA PRO B 294 -15.68 -31.46 -15.35
C PRO B 294 -16.01 -31.57 -16.84
N ALA B 295 -16.85 -32.53 -17.19
CA ALA B 295 -17.12 -32.80 -18.62
C ALA B 295 -18.63 -32.98 -18.83
N VAL B 296 -19.32 -31.89 -19.17
CA VAL B 296 -20.78 -31.90 -19.27
C VAL B 296 -21.16 -32.66 -20.54
N SER B 297 -22.05 -33.63 -20.39
CA SER B 297 -22.38 -34.55 -21.49
C SER B 297 -23.86 -34.60 -21.83
N ASN B 298 -24.71 -33.75 -21.25
CA ASN B 298 -26.14 -33.84 -21.52
C ASN B 298 -26.75 -32.61 -22.20
N MET B 299 -25.94 -31.63 -22.62
CA MET B 299 -26.52 -30.48 -23.30
C MET B 299 -26.53 -30.66 -24.82
N LEU B 300 -27.43 -29.93 -25.46
CA LEU B 300 -27.55 -29.96 -26.92
C LEU B 300 -26.78 -28.79 -27.51
N LEU B 301 -25.99 -29.06 -28.55
CA LEU B 301 -25.25 -28.03 -29.27
C LEU B 301 -26.02 -27.71 -30.56
N GLU B 302 -26.37 -26.44 -30.75
CA GLU B 302 -27.13 -25.98 -31.90
C GLU B 302 -26.25 -25.04 -32.70
N ILE B 303 -26.07 -25.33 -33.99
CA ILE B 303 -25.22 -24.53 -34.87
C ILE B 303 -25.91 -24.40 -36.22
N GLY B 304 -26.14 -23.16 -36.66
CA GLY B 304 -26.73 -22.95 -37.98
C GLY B 304 -28.02 -23.72 -38.22
N GLY B 305 -28.86 -23.85 -37.19
CA GLY B 305 -30.08 -24.61 -37.30
C GLY B 305 -29.94 -26.12 -37.17
N LEU B 306 -28.72 -26.65 -37.19
CA LEU B 306 -28.52 -28.07 -36.95
C LEU B 306 -28.39 -28.33 -35.46
N GLU B 307 -28.76 -29.53 -35.03
CA GLU B 307 -28.75 -29.89 -33.63
C GLU B 307 -27.85 -31.08 -33.39
N PHE B 308 -27.00 -30.98 -32.39
CA PHE B 308 -26.14 -32.09 -32.02
C PHE B 308 -26.49 -32.50 -30.60
N PRO B 309 -27.35 -33.51 -30.40
CA PRO B 309 -27.73 -33.92 -29.04
C PRO B 309 -26.63 -34.53 -28.21
N ALA B 310 -25.57 -35.05 -28.82
CA ALA B 310 -24.41 -35.53 -28.05
C ALA B 310 -23.19 -34.73 -28.49
N ALA B 311 -22.63 -33.94 -27.56
CA ALA B 311 -21.49 -33.10 -27.84
C ALA B 311 -20.84 -32.73 -26.53
N PRO B 312 -20.26 -33.71 -25.82
CA PRO B 312 -19.69 -33.43 -24.49
C PRO B 312 -18.56 -32.43 -24.57
N PHE B 313 -18.49 -31.53 -23.58
CA PHE B 313 -17.44 -30.54 -23.55
C PHE B 313 -16.83 -30.51 -22.15
N SER B 314 -15.58 -30.12 -22.08
CA SER B 314 -14.88 -30.13 -20.80
C SER B 314 -13.91 -28.97 -20.73
N GLY B 315 -13.70 -28.47 -19.51
CA GLY B 315 -12.72 -27.45 -19.24
C GLY B 315 -11.96 -27.79 -17.98
N TRP B 316 -12.05 -26.91 -16.99
CA TRP B 316 -11.56 -27.21 -15.66
C TRP B 316 -12.51 -26.56 -14.66
N TYR B 317 -12.32 -26.87 -13.39
CA TYR B 317 -13.23 -26.41 -12.35
C TYR B 317 -12.90 -25.01 -11.86
N MET B 318 -13.93 -24.26 -11.48
CA MET B 318 -13.78 -23.16 -10.51
C MET B 318 -14.01 -23.72 -9.11
N SER B 319 -13.16 -23.36 -8.14
CA SER B 319 -13.15 -24.11 -6.89
C SER B 319 -14.48 -24.04 -6.15
N THR B 320 -15.24 -22.95 -6.31
CA THR B 320 -16.52 -22.87 -5.60
C THR B 320 -17.50 -23.93 -6.06
N GLU B 321 -17.38 -24.41 -7.31
CA GLU B 321 -18.30 -25.48 -7.72
C GLU B 321 -18.14 -26.69 -6.83
N ILE B 322 -16.90 -27.03 -6.45
CA ILE B 322 -16.67 -28.23 -5.65
C ILE B 322 -16.88 -27.91 -4.18
N GLY B 323 -16.22 -26.85 -3.72
CA GLY B 323 -16.09 -26.61 -2.29
C GLY B 323 -17.36 -26.07 -1.67
N THR B 324 -18.13 -25.30 -2.44
CA THR B 324 -19.36 -24.67 -1.94
C THR B 324 -20.62 -25.41 -2.40
N ARG B 325 -20.83 -25.56 -3.71
CA ARG B 325 -22.09 -26.16 -4.13
C ARG B 325 -22.07 -27.68 -3.91
N ASN B 326 -21.08 -28.38 -4.48
CA ASN B 326 -21.08 -29.85 -4.46
C ASN B 326 -20.94 -30.42 -3.05
N LEU B 327 -20.06 -29.84 -2.22
CA LEU B 327 -19.87 -30.40 -0.88
C LEU B 327 -20.77 -29.76 0.18
N CYS B 328 -21.20 -28.51 0.02
CA CYS B 328 -21.94 -27.83 1.09
C CYS B 328 -23.42 -27.58 0.81
N ASP B 329 -23.91 -27.77 -0.42
CA ASP B 329 -25.35 -27.68 -0.64
C ASP B 329 -26.05 -28.67 0.30
N PRO B 330 -27.14 -28.25 0.96
CA PRO B 330 -27.87 -29.18 1.85
C PRO B 330 -28.37 -30.42 1.13
N HIS B 331 -28.67 -30.29 -0.16
CA HIS B 331 -29.15 -31.39 -0.98
C HIS B 331 -28.03 -32.04 -1.79
N ARG B 332 -26.77 -31.76 -1.47
CA ARG B 332 -25.67 -32.51 -2.06
C ARG B 332 -24.92 -33.26 -0.96
N TYR B 333 -23.60 -33.09 -0.85
CA TYR B 333 -22.88 -33.86 0.17
C TYR B 333 -23.09 -33.28 1.57
N ASN B 334 -23.51 -32.02 1.67
CA ASN B 334 -24.03 -31.44 2.92
C ASN B 334 -23.08 -31.67 4.09
N ILE B 335 -21.82 -31.26 3.91
CA ILE B 335 -20.79 -31.53 4.91
C ILE B 335 -20.57 -30.36 5.85
N LEU B 336 -21.32 -29.27 5.72
CA LEU B 336 -20.95 -28.03 6.40
C LEU B 336 -20.95 -28.20 7.91
N GLU B 337 -22.00 -28.84 8.43
CA GLU B 337 -22.13 -28.98 9.89
C GLU B 337 -21.02 -29.86 10.47
N ASP B 338 -20.73 -30.97 9.79
CA ASP B 338 -19.64 -31.87 10.19
C ASP B 338 -18.32 -31.12 10.32
N VAL B 339 -17.99 -30.30 9.31
CA VAL B 339 -16.73 -29.56 9.34
C VAL B 339 -16.73 -28.53 10.46
N ALA B 340 -17.84 -27.79 10.61
CA ALA B 340 -17.91 -26.76 11.64
C ALA B 340 -17.75 -27.36 13.03
N VAL B 341 -18.31 -28.55 13.25
CA VAL B 341 -18.18 -29.23 14.52
C VAL B 341 -16.72 -29.56 14.79
N CYS B 342 -16.05 -30.15 13.81
CA CYS B 342 -14.64 -30.49 13.97
C CYS B 342 -13.79 -29.24 14.18
N MET B 343 -14.17 -28.11 13.59
CA MET B 343 -13.45 -26.86 13.82
C MET B 343 -13.77 -26.22 15.18
N ASP B 344 -14.70 -26.79 15.93
CA ASP B 344 -15.08 -26.33 17.27
C ASP B 344 -15.88 -25.03 17.25
N LEU B 345 -16.69 -24.84 16.21
CA LEU B 345 -17.47 -23.63 16.06
C LEU B 345 -18.81 -23.75 16.79
N ASP B 346 -19.34 -22.62 17.22
CA ASP B 346 -20.63 -22.59 17.91
C ASP B 346 -21.74 -22.73 16.86
N THR B 347 -22.08 -23.97 16.53
CA THR B 347 -23.12 -24.24 15.54
C THR B 347 -24.52 -24.05 16.11
N ARG B 348 -24.66 -23.60 17.35
CA ARG B 348 -25.98 -23.41 17.92
C ARG B 348 -26.57 -22.03 17.65
N THR B 349 -25.79 -21.09 17.12
CA THR B 349 -26.31 -19.76 16.81
C THR B 349 -25.81 -19.32 15.44
N THR B 350 -26.72 -18.80 14.64
CA THR B 350 -26.36 -18.35 13.30
C THR B 350 -25.36 -17.21 13.36
N SER B 351 -25.46 -16.37 14.38
CA SER B 351 -24.68 -15.14 14.44
C SER B 351 -23.21 -15.40 14.77
N SER B 352 -22.84 -16.64 15.07
CA SER B 352 -21.42 -17.01 15.12
C SER B 352 -20.81 -17.09 13.74
N LEU B 353 -21.63 -17.12 12.70
CA LEU B 353 -21.13 -17.25 11.33
C LEU B 353 -20.33 -18.53 11.14
N TRP B 354 -20.73 -19.59 11.87
CA TRP B 354 -20.07 -20.88 11.74
C TRP B 354 -20.16 -21.43 10.32
N LYS B 355 -21.32 -21.28 9.66
CA LYS B 355 -21.45 -21.75 8.29
C LYS B 355 -20.44 -21.05 7.39
N ASP B 356 -20.33 -19.72 7.51
CA ASP B 356 -19.42 -18.96 6.66
C ASP B 356 -17.98 -19.40 6.88
N LYS B 357 -17.57 -19.55 8.15
CA LYS B 357 -16.20 -19.96 8.46
C LYS B 357 -15.90 -21.37 7.95
N ALA B 358 -16.84 -22.30 8.13
CA ALA B 358 -16.59 -23.66 7.66
C ALA B 358 -16.52 -23.70 6.14
N ALA B 359 -17.42 -22.99 5.45
CA ALA B 359 -17.39 -22.97 3.98
C ALA B 359 -16.07 -22.43 3.44
N VAL B 360 -15.53 -21.39 4.08
CA VAL B 360 -14.24 -20.86 3.64
C VAL B 360 -13.17 -21.95 3.73
N GLU B 361 -13.10 -22.67 4.87
CA GLU B 361 -12.01 -23.64 5.00
C GLU B 361 -12.17 -24.81 4.04
N ILE B 362 -13.42 -25.19 3.71
CA ILE B 362 -13.63 -26.26 2.71
C ILE B 362 -13.10 -25.80 1.36
N ASN B 363 -13.40 -24.55 0.99
CA ASN B 363 -12.90 -24.00 -0.27
C ASN B 363 -11.38 -23.90 -0.28
N VAL B 364 -10.77 -23.50 0.84
CA VAL B 364 -9.32 -23.56 0.94
C VAL B 364 -8.81 -24.98 0.69
N ALA B 365 -9.46 -25.98 1.30
CA ALA B 365 -8.98 -27.34 1.13
C ALA B 365 -9.01 -27.77 -0.33
N VAL B 366 -10.11 -27.45 -1.03
CA VAL B 366 -10.23 -27.80 -2.46
C VAL B 366 -9.08 -27.20 -3.27
N LEU B 367 -8.81 -25.90 -3.10
CA LEU B 367 -7.75 -25.25 -3.88
C LEU B 367 -6.38 -25.81 -3.51
N HIS B 368 -6.09 -25.89 -2.21
CA HIS B 368 -4.83 -26.50 -1.77
C HIS B 368 -4.67 -27.91 -2.34
N SER B 369 -5.73 -28.69 -2.34
CA SER B 369 -5.60 -30.10 -2.71
C SER B 369 -5.35 -30.23 -4.21
N TYR B 370 -6.06 -29.44 -5.03
CA TYR B 370 -5.81 -29.50 -6.47
C TYR B 370 -4.42 -28.97 -6.82
N GLN B 371 -3.99 -27.88 -6.18
CA GLN B 371 -2.65 -27.37 -6.45
C GLN B 371 -1.58 -28.39 -6.06
N LEU B 372 -1.80 -29.10 -4.94
CA LEU B 372 -0.84 -30.12 -4.53
C LEU B 372 -0.79 -31.27 -5.53
N ALA B 373 -1.94 -31.70 -6.03
CA ALA B 373 -1.99 -32.74 -7.05
C ALA B 373 -1.55 -32.26 -8.42
N LYS B 374 -1.29 -30.96 -8.57
CA LYS B 374 -0.95 -30.35 -9.87
C LYS B 374 -2.06 -30.60 -10.89
N VAL B 375 -3.30 -30.42 -10.45
CA VAL B 375 -4.49 -30.45 -11.31
C VAL B 375 -4.99 -29.02 -11.43
N THR B 376 -5.24 -28.59 -12.68
CA THR B 376 -5.73 -27.24 -12.97
C THR B 376 -7.02 -26.94 -12.19
N ILE B 377 -7.06 -25.75 -11.59
CA ILE B 377 -8.27 -25.24 -10.92
C ILE B 377 -8.11 -23.74 -10.86
N VAL B 378 -9.24 -23.02 -10.79
CA VAL B 378 -9.19 -21.57 -10.66
C VAL B 378 -10.12 -21.15 -9.51
N ASP B 379 -9.66 -20.22 -8.67
CA ASP B 379 -10.52 -19.77 -7.58
C ASP B 379 -11.50 -18.73 -8.11
N HIS B 380 -12.51 -18.41 -7.30
CA HIS B 380 -13.59 -17.57 -7.80
C HIS B 380 -13.15 -16.12 -8.01
N HIS B 381 -12.05 -15.71 -7.38
CA HIS B 381 -11.58 -14.33 -7.55
C HIS B 381 -10.87 -14.18 -8.88
N ALA B 382 -9.99 -15.12 -9.20
CA ALA B 382 -9.28 -15.09 -10.47
C ALA B 382 -10.25 -15.28 -11.62
N ALA B 383 -11.18 -16.21 -11.47
CA ALA B 383 -12.17 -16.47 -12.52
C ALA B 383 -13.01 -15.23 -12.82
N THR B 384 -13.53 -14.56 -11.78
CA THR B 384 -14.37 -13.41 -12.05
C THR B 384 -13.56 -12.23 -12.58
N ALA B 385 -12.30 -12.07 -12.14
CA ALA B 385 -11.48 -11.01 -12.69
C ALA B 385 -11.24 -11.26 -14.18
N SER B 386 -11.05 -12.52 -14.57
CA SER B 386 -10.84 -12.80 -15.98
C SER B 386 -12.13 -12.59 -16.77
N PHE B 387 -13.28 -12.77 -16.13
CA PHE B 387 -14.54 -12.54 -16.82
C PHE B 387 -14.78 -11.06 -17.08
N MET B 388 -14.35 -10.19 -16.17
CA MET B 388 -14.41 -8.75 -16.45
C MET B 388 -13.55 -8.40 -17.67
N LYS B 389 -12.38 -9.03 -17.80
CA LYS B 389 -11.57 -8.83 -19.00
C LYS B 389 -12.31 -9.31 -20.24
N HIS B 390 -13.02 -10.43 -20.12
CA HIS B 390 -13.82 -10.95 -21.22
C HIS B 390 -14.89 -9.94 -21.65
N LEU B 391 -15.65 -9.39 -20.68
CA LEU B 391 -16.68 -8.42 -21.00
C LEU B 391 -16.09 -7.24 -21.77
N GLU B 392 -14.92 -6.76 -21.36
CA GLU B 392 -14.31 -5.64 -22.08
C GLU B 392 -13.92 -6.05 -23.48
N ASN B 393 -13.40 -7.27 -23.63
CA ASN B 393 -13.04 -7.76 -24.96
C ASN B 393 -14.27 -7.80 -25.85
N GLU B 394 -15.36 -8.35 -25.33
CA GLU B 394 -16.57 -8.56 -26.13
C GLU B 394 -17.29 -7.26 -26.43
N GLN B 395 -17.30 -6.32 -25.49
CA GLN B 395 -17.82 -4.99 -25.80
C GLN B 395 -17.14 -4.41 -27.03
N LYS B 396 -15.80 -4.53 -27.11
CA LYS B 396 -15.08 -4.06 -28.29
C LYS B 396 -15.40 -4.93 -29.51
N ALA B 397 -15.40 -6.25 -29.33
CA ALA B 397 -15.50 -7.13 -30.49
C ALA B 397 -16.89 -7.07 -31.10
N ARG B 398 -17.93 -7.15 -30.27
CA ARG B 398 -19.30 -7.36 -30.73
C ARG B 398 -20.30 -6.35 -30.18
N GLY B 399 -19.88 -5.45 -29.29
CA GLY B 399 -20.81 -4.50 -28.71
C GLY B 399 -21.69 -5.04 -27.60
N GLY B 400 -21.20 -6.00 -26.83
CA GLY B 400 -22.00 -6.56 -25.74
C GLY B 400 -21.72 -8.02 -25.55
N CYS B 401 -22.30 -8.57 -24.48
CA CYS B 401 -22.01 -9.95 -24.07
C CYS B 401 -23.16 -10.50 -23.26
N PRO B 402 -23.79 -11.60 -23.70
CA PRO B 402 -24.90 -12.17 -22.91
C PRO B 402 -24.38 -12.78 -21.61
N ALA B 403 -24.93 -12.31 -20.50
CA ALA B 403 -24.42 -12.70 -19.19
C ALA B 403 -25.56 -12.79 -18.21
N ASP B 404 -25.59 -13.90 -17.46
CA ASP B 404 -26.63 -14.20 -16.47
C ASP B 404 -26.04 -13.87 -15.09
N TRP B 405 -26.39 -12.69 -14.56
CA TRP B 405 -25.80 -12.22 -13.31
C TRP B 405 -25.86 -13.29 -12.20
N ALA B 406 -27.04 -13.89 -12.01
CA ALA B 406 -27.21 -14.83 -10.90
C ALA B 406 -26.29 -16.03 -10.99
N TRP B 407 -25.89 -16.42 -12.22
CA TRP B 407 -24.98 -17.55 -12.42
C TRP B 407 -23.51 -17.17 -12.46
N ILE B 408 -23.20 -15.95 -12.94
CA ILE B 408 -21.84 -15.43 -13.00
C ILE B 408 -21.29 -15.08 -11.62
N VAL B 409 -22.12 -14.50 -10.75
CA VAL B 409 -21.67 -14.19 -9.39
C VAL B 409 -21.49 -15.49 -8.60
N PRO B 410 -20.35 -15.72 -7.96
CA PRO B 410 -20.10 -17.01 -7.33
C PRO B 410 -20.94 -17.20 -6.06
N PRO B 411 -21.10 -18.45 -5.61
CA PRO B 411 -22.04 -18.72 -4.50
C PRO B 411 -21.53 -18.36 -3.13
N ILE B 412 -20.25 -18.02 -2.98
CA ILE B 412 -19.76 -17.37 -1.78
C ILE B 412 -19.06 -16.08 -2.20
N SER B 413 -18.91 -15.17 -1.23
CA SER B 413 -18.12 -13.95 -1.41
C SER B 413 -18.57 -13.10 -2.60
N GLY B 414 -19.84 -13.19 -2.98
CA GLY B 414 -20.35 -12.47 -4.11
C GLY B 414 -19.90 -11.04 -4.33
N SER B 415 -20.20 -10.12 -3.39
CA SER B 415 -19.82 -8.73 -3.56
C SER B 415 -18.32 -8.50 -3.41
N LEU B 416 -17.55 -9.50 -3.02
CA LEU B 416 -16.10 -9.34 -3.00
C LEU B 416 -15.49 -9.58 -4.36
N THR B 417 -16.28 -9.97 -5.34
CA THR B 417 -15.79 -10.15 -6.69
C THR B 417 -16.27 -9.00 -7.57
N PRO B 418 -15.52 -8.67 -8.63
CA PRO B 418 -15.91 -7.50 -9.45
C PRO B 418 -17.21 -7.69 -10.22
N VAL B 419 -17.67 -8.92 -10.46
CA VAL B 419 -18.85 -9.11 -11.31
C VAL B 419 -20.14 -8.78 -10.57
N PHE B 420 -20.12 -8.85 -9.24
CA PHE B 420 -21.28 -8.44 -8.45
C PHE B 420 -21.70 -7.02 -8.82
N HIS B 421 -20.73 -6.13 -9.03
CA HIS B 421 -21.02 -4.71 -9.24
C HIS B 421 -21.22 -4.37 -10.71
N GLN B 422 -21.28 -5.37 -11.57
CA GLN B 422 -21.40 -5.16 -13.01
C GLN B 422 -22.82 -5.49 -13.45
N GLU B 423 -23.51 -4.51 -14.01
CA GLU B 423 -24.83 -4.79 -14.58
C GLU B 423 -24.66 -5.67 -15.81
N MET B 424 -25.61 -6.56 -16.04
CA MET B 424 -25.49 -7.52 -17.12
C MET B 424 -26.83 -7.62 -17.85
N VAL B 425 -26.75 -7.90 -19.15
CA VAL B 425 -27.91 -8.12 -20.01
C VAL B 425 -27.89 -9.59 -20.40
N ASN B 426 -29.02 -10.27 -20.24
CA ASN B 426 -29.13 -11.70 -20.53
C ASN B 426 -29.97 -11.92 -21.77
N TYR B 427 -29.48 -12.75 -22.70
CA TYR B 427 -30.22 -13.01 -23.93
C TYR B 427 -29.60 -14.20 -24.65
N PHE B 428 -30.32 -14.71 -25.65
CA PHE B 428 -29.96 -15.98 -26.29
C PHE B 428 -29.42 -15.71 -27.68
N LEU B 429 -28.14 -15.95 -27.88
CA LEU B 429 -27.59 -15.98 -29.23
C LEU B 429 -27.37 -17.43 -29.66
N SER B 430 -27.28 -17.62 -30.99
CA SER B 430 -26.92 -18.88 -31.61
C SER B 430 -25.69 -18.69 -32.49
N PRO B 431 -24.76 -19.68 -32.57
CA PRO B 431 -24.72 -21.01 -31.96
C PRO B 431 -24.84 -21.05 -30.42
N ALA B 432 -25.33 -22.16 -29.89
CA ALA B 432 -25.72 -22.20 -28.48
C ALA B 432 -25.63 -23.61 -27.91
N PHE B 433 -25.34 -23.69 -26.62
CA PHE B 433 -25.54 -24.89 -25.83
C PHE B 433 -26.90 -24.79 -25.13
N ARG B 434 -27.75 -25.80 -25.30
CA ARG B 434 -29.12 -25.74 -24.79
C ARG B 434 -29.41 -26.93 -23.88
N TYR B 435 -30.32 -26.74 -22.94
CA TYR B 435 -30.84 -27.90 -22.23
C TYR B 435 -31.74 -28.71 -23.14
N GLN B 436 -31.90 -29.99 -22.82
CA GLN B 436 -32.78 -30.87 -23.58
C GLN B 436 -33.32 -31.90 -22.60
N PRO B 437 -34.48 -32.51 -22.90
CA PRO B 437 -35.05 -33.48 -21.97
C PRO B 437 -34.15 -34.69 -21.78
N ASP B 438 -34.24 -35.26 -20.58
CA ASP B 438 -33.52 -36.50 -20.32
C ASP B 438 -34.06 -37.60 -21.22
N PRO B 439 -33.18 -38.41 -21.81
CA PRO B 439 -33.61 -39.33 -22.88
C PRO B 439 -34.47 -40.49 -22.40
N TRP B 440 -34.60 -40.69 -21.10
CA TRP B 440 -35.43 -41.77 -20.57
C TRP B 440 -36.81 -41.24 -20.15
N LYS C 27 46.15 7.63 23.09
CA LYS C 27 47.08 7.42 21.97
C LYS C 27 46.52 6.42 20.96
N PHE C 28 45.72 5.48 21.45
CA PHE C 28 45.01 4.52 20.60
C PHE C 28 43.51 4.73 20.75
N PRO C 29 42.86 5.41 19.81
CA PRO C 29 41.47 5.85 20.04
C PRO C 29 40.51 4.68 20.19
N ARG C 30 39.66 4.77 21.22
CA ARG C 30 38.57 3.83 21.40
C ARG C 30 37.46 4.15 20.39
N VAL C 31 36.93 3.10 19.75
CA VAL C 31 35.92 3.26 18.71
C VAL C 31 34.81 2.26 18.99
N LYS C 32 33.57 2.74 18.96
CA LYS C 32 32.40 1.99 19.39
C LYS C 32 31.42 1.82 18.24
N ASN C 33 30.75 0.67 18.18
CA ASN C 33 29.58 0.48 17.34
C ASN C 33 28.34 0.55 18.21
N TRP C 34 27.46 1.51 17.94
CA TRP C 34 26.35 1.76 18.83
C TRP C 34 25.15 0.86 18.55
N GLU C 35 25.14 0.14 17.44
CA GLU C 35 24.10 -0.85 17.21
C GLU C 35 24.34 -2.14 18.00
N VAL C 36 25.60 -2.57 18.13
CA VAL C 36 25.90 -3.85 18.77
C VAL C 36 26.50 -3.61 20.15
N GLY C 37 27.17 -2.48 20.29
CA GLY C 37 27.85 -2.14 21.53
C GLY C 37 29.29 -2.58 21.59
N SER C 38 29.86 -3.06 20.48
CA SER C 38 31.23 -3.56 20.49
C SER C 38 32.23 -2.41 20.43
N ILE C 39 33.45 -2.70 20.87
CA ILE C 39 34.52 -1.73 21.06
C ILE C 39 35.78 -2.27 20.39
N THR C 40 36.46 -1.41 19.63
CA THR C 40 37.80 -1.69 19.11
C THR C 40 38.68 -0.46 19.31
N TYR C 41 39.99 -0.65 19.14
CA TYR C 41 40.98 0.42 19.21
C TYR C 41 41.69 0.52 17.87
N ASP C 42 41.69 1.72 17.27
CA ASP C 42 42.35 1.95 15.98
C ASP C 42 43.82 2.23 16.24
N THR C 43 44.61 1.15 16.36
CA THR C 43 46.04 1.30 16.53
C THR C 43 46.73 1.69 15.22
N LEU C 44 46.11 1.38 14.07
CA LEU C 44 46.69 1.78 12.79
C LEU C 44 46.79 3.30 12.65
N SER C 45 45.94 4.08 13.35
CA SER C 45 46.02 5.53 13.24
C SER C 45 47.36 6.06 13.70
N ALA C 46 48.00 5.39 14.66
CA ALA C 46 49.27 5.87 15.18
C ALA C 46 50.32 6.06 14.09
N GLN C 47 50.19 5.33 12.98
CA GLN C 47 51.15 5.43 11.89
C GLN C 47 50.77 6.47 10.85
N ALA C 48 49.69 7.21 11.06
CA ALA C 48 49.29 8.24 10.12
C ALA C 48 50.37 9.30 10.02
N GLN C 49 50.70 9.71 8.79
CA GLN C 49 51.77 10.66 8.59
C GLN C 49 51.18 11.98 8.13
N GLN C 50 51.03 12.20 6.81
CA GLN C 50 50.67 13.49 6.25
C GLN C 50 49.46 14.08 6.97
N ASP C 51 49.70 15.15 7.74
CA ASP C 51 48.71 15.65 8.68
C ASP C 51 47.44 16.12 7.96
N GLY C 52 46.31 15.95 8.64
CA GLY C 52 45.04 16.44 8.16
C GLY C 52 44.74 17.84 8.66
N PRO C 53 43.50 18.29 8.46
CA PRO C 53 43.14 19.69 8.73
C PRO C 53 42.57 19.97 10.10
N CYS C 54 42.39 18.96 10.95
CA CYS C 54 41.76 19.13 12.25
C CYS C 54 42.80 19.44 13.32
N THR C 55 42.37 20.18 14.35
CA THR C 55 43.19 20.47 15.52
C THR C 55 42.35 20.27 16.78
N PRO C 56 42.96 20.21 17.97
CA PRO C 56 42.15 20.11 19.19
C PRO C 56 41.09 21.19 19.30
N ARG C 57 41.28 22.32 18.62
CA ARG C 57 40.36 23.43 18.81
C ARG C 57 39.19 23.45 17.84
N ARG C 58 39.31 22.78 16.69
CA ARG C 58 38.22 22.79 15.74
C ARG C 58 38.38 21.64 14.77
N CYS C 59 37.28 20.99 14.46
CA CYS C 59 37.24 19.85 13.55
C CYS C 59 36.81 20.32 12.18
N LEU C 60 37.58 19.93 11.17
CA LEU C 60 37.30 20.29 9.78
C LEU C 60 36.99 19.06 8.94
N GLY C 61 36.48 18.01 9.58
CA GLY C 61 36.24 16.75 8.90
C GLY C 61 35.21 16.79 7.79
N SER C 62 34.34 17.80 7.77
CA SER C 62 33.34 17.91 6.74
C SER C 62 33.82 18.69 5.51
N LEU C 63 35.05 19.21 5.51
CA LEU C 63 35.55 19.92 4.34
C LEU C 63 35.83 18.95 3.20
N VAL C 64 35.46 19.33 1.97
CA VAL C 64 35.70 18.45 0.83
C VAL C 64 37.19 18.36 0.52
N PHE C 65 37.90 19.49 0.54
CA PHE C 65 39.35 19.47 0.33
C PHE C 65 40.07 19.72 1.66
N PRO C 66 40.67 18.68 2.27
CA PRO C 66 41.43 18.86 3.52
C PRO C 66 42.60 19.84 3.36
N PRO C 80 64.53 14.74 -1.66
CA PRO C 80 65.76 13.98 -1.91
C PRO C 80 66.06 12.99 -0.78
N GLU C 81 66.44 13.52 0.39
CA GLU C 81 66.37 12.70 1.59
C GLU C 81 64.91 12.39 1.93
N GLN C 82 63.99 13.29 1.53
CA GLN C 82 62.57 13.09 1.77
C GLN C 82 62.00 11.99 0.88
N LEU C 83 62.29 12.06 -0.43
CA LEU C 83 61.87 11.01 -1.35
C LEU C 83 62.32 9.63 -0.87
N LEU C 84 63.50 9.55 -0.24
CA LEU C 84 64.06 8.27 0.13
C LEU C 84 63.36 7.67 1.33
N SER C 85 63.07 8.47 2.36
CA SER C 85 62.35 7.94 3.52
C SER C 85 60.97 7.43 3.14
N GLN C 86 60.30 8.11 2.21
CA GLN C 86 59.04 7.59 1.68
C GLN C 86 59.27 6.28 0.93
N ALA C 87 60.30 6.25 0.08
CA ALA C 87 60.60 5.03 -0.66
C ALA C 87 60.95 3.88 0.29
N ARG C 88 61.83 4.13 1.26
CA ARG C 88 62.19 3.08 2.22
C ARG C 88 60.95 2.54 2.91
N ASP C 89 60.07 3.42 3.38
CA ASP C 89 58.87 2.98 4.08
C ASP C 89 57.97 2.13 3.18
N PHE C 90 57.79 2.53 1.92
CA PHE C 90 56.94 1.76 1.03
C PHE C 90 57.54 0.38 0.75
N ILE C 91 58.87 0.32 0.62
CA ILE C 91 59.53 -0.97 0.39
C ILE C 91 59.29 -1.91 1.57
N ASN C 92 59.42 -1.38 2.79
CA ASN C 92 59.16 -2.18 3.98
C ASN C 92 57.74 -2.73 3.98
N GLN C 93 56.76 -1.86 3.70
CA GLN C 93 55.37 -2.31 3.52
C GLN C 93 55.30 -3.47 2.55
N TYR C 94 55.96 -3.32 1.40
CA TYR C 94 55.87 -4.33 0.37
C TYR C 94 56.35 -5.69 0.89
N TYR C 95 57.57 -5.74 1.42
CA TYR C 95 58.08 -7.03 1.88
C TYR C 95 57.35 -7.53 3.12
N SER C 96 56.81 -6.63 3.94
CA SER C 96 56.00 -7.10 5.07
C SER C 96 54.74 -7.81 4.58
N SER C 97 54.08 -7.25 3.56
CA SER C 97 52.86 -7.87 3.05
C SER C 97 53.11 -9.26 2.46
N ILE C 98 54.30 -9.51 1.93
CA ILE C 98 54.60 -10.81 1.33
C ILE C 98 55.58 -11.59 2.19
N LYS C 99 55.57 -11.36 3.49
CA LYS C 99 56.19 -12.20 4.52
C LYS C 99 57.73 -12.29 4.40
N ARG C 100 58.39 -11.34 3.76
CA ARG C 100 59.85 -11.40 3.59
C ARG C 100 60.53 -10.15 4.14
N SER C 101 60.17 -9.75 5.35
CA SER C 101 60.88 -8.65 6.01
C SER C 101 62.19 -9.17 6.61
N GLY C 102 63.25 -8.37 6.46
CA GLY C 102 64.57 -8.80 6.89
C GLY C 102 65.20 -9.86 6.02
N SER C 103 64.70 -10.06 4.80
CA SER C 103 65.11 -11.14 3.94
C SER C 103 66.11 -10.65 2.90
N GLN C 104 66.56 -11.58 2.05
CA GLN C 104 67.56 -11.25 1.03
C GLN C 104 67.07 -10.18 0.08
N ALA C 105 65.89 -10.38 -0.51
CA ALA C 105 65.40 -9.44 -1.52
C ALA C 105 65.05 -8.09 -0.89
N HIS C 106 64.69 -8.08 0.39
CA HIS C 106 64.36 -6.84 1.09
C HIS C 106 65.56 -5.91 1.14
N GLU C 107 66.64 -6.33 1.81
CA GLU C 107 67.83 -5.49 1.87
C GLU C 107 68.38 -5.22 0.47
N GLN C 108 68.31 -6.21 -0.42
CA GLN C 108 68.74 -6.02 -1.80
C GLN C 108 67.98 -4.88 -2.46
N ARG C 109 66.65 -4.88 -2.31
CA ARG C 109 65.83 -3.83 -2.91
C ARG C 109 66.09 -2.48 -2.26
N LEU C 110 66.32 -2.46 -0.95
CA LEU C 110 66.60 -1.20 -0.26
C LEU C 110 67.89 -0.57 -0.78
N GLN C 111 68.94 -1.39 -0.95
CA GLN C 111 70.19 -0.90 -1.51
C GLN C 111 69.99 -0.36 -2.92
N GLU C 112 69.18 -1.04 -3.72
CA GLU C 112 68.99 -0.68 -5.12
C GLU C 112 68.26 0.65 -5.28
N VAL C 113 67.23 0.92 -4.47
CA VAL C 113 66.55 2.21 -4.60
C VAL C 113 67.46 3.33 -4.12
N GLU C 114 68.22 3.09 -3.04
CA GLU C 114 69.19 4.08 -2.59
C GLU C 114 70.13 4.48 -3.73
N ALA C 115 70.76 3.48 -4.35
CA ALA C 115 71.66 3.74 -5.48
C ALA C 115 70.94 4.45 -6.61
N GLU C 116 69.73 4.00 -6.96
CA GLU C 116 68.94 4.64 -8.00
C GLU C 116 68.80 6.15 -7.76
N VAL C 117 68.29 6.53 -6.59
CA VAL C 117 68.08 7.95 -6.31
C VAL C 117 69.42 8.68 -6.30
N ALA C 118 70.42 8.11 -5.62
CA ALA C 118 71.74 8.74 -5.58
C ALA C 118 72.25 9.07 -6.98
N ALA C 119 72.09 8.13 -7.91
CA ALA C 119 72.54 8.35 -9.28
C ALA C 119 71.57 9.24 -10.05
N THR C 120 70.27 8.98 -9.94
CA THR C 120 69.28 9.62 -10.78
C THR C 120 68.46 10.71 -10.09
N GLY C 121 68.33 10.68 -8.77
CA GLY C 121 67.41 11.58 -8.09
C GLY C 121 65.98 11.11 -8.05
N THR C 122 65.67 9.95 -8.62
CA THR C 122 64.36 9.33 -8.53
C THR C 122 64.58 7.82 -8.65
N TYR C 123 63.49 7.07 -8.79
CA TYR C 123 63.63 5.63 -8.97
C TYR C 123 62.39 5.08 -9.66
N GLN C 124 62.49 3.82 -10.07
CA GLN C 124 61.43 3.12 -10.76
C GLN C 124 60.91 1.97 -9.89
N LEU C 125 59.61 1.81 -9.89
CA LEU C 125 58.99 0.71 -9.15
C LEU C 125 59.06 -0.56 -9.96
N ARG C 126 59.36 -1.68 -9.29
CA ARG C 126 59.13 -2.98 -9.91
C ARG C 126 57.65 -3.13 -10.18
N GLU C 127 57.32 -3.96 -11.17
CA GLU C 127 55.91 -4.06 -11.56
C GLU C 127 55.06 -4.62 -10.42
N SER C 128 55.60 -5.59 -9.68
CA SER C 128 54.85 -6.13 -8.56
C SER C 128 54.66 -5.07 -7.47
N GLU C 129 55.64 -4.16 -7.33
CA GLU C 129 55.50 -3.07 -6.37
C GLU C 129 54.46 -2.06 -6.84
N LEU C 130 54.40 -1.81 -8.16
CA LEU C 130 53.39 -0.90 -8.67
C LEU C 130 52.00 -1.50 -8.52
N VAL C 131 51.87 -2.81 -8.73
CA VAL C 131 50.61 -3.48 -8.45
C VAL C 131 50.27 -3.42 -6.96
N PHE C 132 51.25 -3.66 -6.11
CA PHE C 132 51.04 -3.57 -4.67
C PHE C 132 50.61 -2.16 -4.27
N GLY C 133 51.31 -1.14 -4.80
CA GLY C 133 51.02 0.23 -4.39
C GLY C 133 49.66 0.72 -4.84
N ALA C 134 49.23 0.32 -6.04
CA ALA C 134 47.91 0.73 -6.51
C ALA C 134 46.82 0.15 -5.62
N LYS C 135 46.92 -1.15 -5.31
CA LYS C 135 45.96 -1.78 -4.40
C LYS C 135 45.97 -1.12 -3.02
N GLN C 136 47.16 -0.75 -2.51
CA GLN C 136 47.22 -0.13 -1.19
C GLN C 136 46.55 1.23 -1.18
N ALA C 137 46.77 2.02 -2.22
CA ALA C 137 46.18 3.35 -2.29
C ALA C 137 44.66 3.28 -2.34
N TRP C 138 44.12 2.28 -3.02
CA TRP C 138 42.68 2.03 -2.91
C TRP C 138 42.30 1.62 -1.50
N ARG C 139 43.09 0.72 -0.90
CA ARG C 139 42.82 0.23 0.44
C ARG C 139 42.85 1.36 1.47
N ASN C 140 43.68 2.38 1.24
CA ASN C 140 43.89 3.50 2.15
C ASN C 140 42.92 4.64 1.95
N ALA C 141 42.11 4.61 0.88
CA ALA C 141 41.21 5.72 0.55
C ALA C 141 40.06 5.82 1.55
N PRO C 142 40.11 6.75 2.51
CA PRO C 142 39.11 6.72 3.59
C PRO C 142 37.70 7.03 3.13
N ARG C 143 37.52 7.66 1.99
CA ARG C 143 36.18 7.98 1.54
C ARG C 143 35.53 6.88 0.70
N CYS C 144 36.23 5.78 0.42
CA CYS C 144 35.71 4.75 -0.48
C CYS C 144 34.94 3.68 0.31
N VAL C 145 33.66 3.50 -0.02
CA VAL C 145 32.84 2.49 0.65
C VAL C 145 33.01 1.11 0.00
N GLY C 146 33.63 1.04 -1.17
CA GLY C 146 33.73 -0.19 -1.92
C GLY C 146 35.01 -0.94 -1.65
N ARG C 147 35.69 -0.65 -0.53
CA ARG C 147 37.05 -1.19 -0.35
C ARG C 147 37.10 -2.69 -0.02
N ILE C 148 35.96 -3.35 0.18
CA ILE C 148 35.99 -4.81 0.35
C ILE C 148 36.64 -5.46 -0.87
N GLN C 149 36.64 -4.77 -2.02
CA GLN C 149 37.13 -5.27 -3.30
C GLN C 149 38.60 -4.96 -3.52
N TRP C 150 39.28 -4.38 -2.54
CA TRP C 150 40.56 -3.72 -2.80
C TRP C 150 41.62 -4.69 -3.31
N GLY C 151 41.48 -5.98 -3.03
CA GLY C 151 42.46 -6.95 -3.48
C GLY C 151 42.30 -7.40 -4.92
N LYS C 152 41.19 -7.04 -5.56
CA LYS C 152 40.86 -7.48 -6.91
C LYS C 152 40.89 -6.24 -7.79
N LEU C 153 42.06 -5.96 -8.37
CA LEU C 153 42.28 -4.76 -9.16
C LEU C 153 43.26 -5.10 -10.28
N GLN C 154 42.87 -4.77 -11.51
CA GLN C 154 43.70 -5.01 -12.68
C GLN C 154 44.55 -3.76 -12.94
N VAL C 155 45.88 -3.92 -12.86
CA VAL C 155 46.81 -2.81 -12.99
C VAL C 155 47.44 -2.90 -14.38
N PHE C 156 47.18 -1.89 -15.22
CA PHE C 156 47.75 -1.79 -16.55
C PHE C 156 48.94 -0.84 -16.47
N ASP C 157 50.13 -1.38 -16.71
CA ASP C 157 51.37 -0.61 -16.59
C ASP C 157 51.57 0.14 -17.89
N ALA C 158 51.31 1.45 -17.87
CA ALA C 158 51.46 2.31 -19.03
C ALA C 158 52.63 3.27 -18.88
N ARG C 159 53.64 2.86 -18.09
CA ARG C 159 54.74 3.76 -17.77
C ARG C 159 55.68 4.00 -18.96
N ASP C 160 55.57 3.23 -20.03
CA ASP C 160 56.36 3.47 -21.23
C ASP C 160 55.65 4.37 -22.23
N CYS C 161 54.60 5.07 -21.79
CA CYS C 161 53.81 5.89 -22.69
C CYS C 161 54.53 7.19 -23.03
N ARG C 162 54.28 7.66 -24.25
CA ARG C 162 54.63 9.01 -24.67
C ARG C 162 53.71 9.34 -25.85
N SER C 163 53.32 10.61 -25.95
CA SER C 163 52.36 11.15 -26.91
C SER C 163 50.92 10.94 -26.44
N ALA C 164 50.05 11.93 -26.73
CA ALA C 164 48.64 11.84 -26.37
C ALA C 164 47.95 10.70 -27.10
N GLN C 165 48.36 10.45 -28.35
CA GLN C 165 47.68 9.43 -29.15
C GLN C 165 47.84 8.04 -28.54
N GLU C 166 48.97 7.77 -27.89
CA GLU C 166 49.17 6.48 -27.24
C GLU C 166 48.34 6.37 -25.95
N MET C 167 48.31 7.45 -25.17
CA MET C 167 47.40 7.52 -24.03
C MET C 167 46.01 7.09 -24.42
N PHE C 168 45.49 7.65 -25.52
CA PHE C 168 44.14 7.36 -25.95
C PHE C 168 43.95 5.87 -26.18
N THR C 169 44.96 5.22 -26.77
CA THR C 169 44.92 3.77 -26.96
C THR C 169 44.90 3.03 -25.62
N TYR C 170 45.75 3.46 -24.68
CA TYR C 170 45.74 2.92 -23.33
C TYR C 170 44.38 3.10 -22.66
N ILE C 171 43.82 4.31 -22.76
CA ILE C 171 42.52 4.59 -22.15
C ILE C 171 41.43 3.75 -22.79
N CYS C 172 41.49 3.60 -24.13
CA CYS C 172 40.47 2.83 -24.81
C CYS C 172 40.52 1.36 -24.40
N ASN C 173 41.72 0.83 -24.15
CA ASN C 173 41.85 -0.57 -23.75
C ASN C 173 41.39 -0.79 -22.32
N HIS C 174 41.72 0.14 -21.43
CA HIS C 174 41.13 0.17 -20.10
C HIS C 174 39.60 0.11 -20.18
N ILE C 175 39.00 1.07 -20.90
CA ILE C 175 37.54 1.14 -20.97
C ILE C 175 36.95 -0.16 -21.49
N LYS C 176 37.58 -0.73 -22.53
CA LYS C 176 37.12 -2.01 -23.07
C LYS C 176 37.23 -3.11 -22.02
N TYR C 177 38.40 -3.24 -21.40
CA TYR C 177 38.59 -4.27 -20.38
C TYR C 177 37.63 -4.07 -19.22
N ALA C 178 37.55 -2.84 -18.70
CA ALA C 178 36.78 -2.59 -17.49
C ALA C 178 35.28 -2.79 -17.73
N THR C 179 34.79 -2.36 -18.89
CA THR C 179 33.35 -2.47 -19.18
C THR C 179 32.93 -3.93 -19.35
N ASN C 180 33.67 -4.69 -20.18
CA ASN C 180 33.44 -6.14 -20.29
C ASN C 180 31.97 -6.43 -20.58
N ARG C 181 31.39 -5.65 -21.48
CA ARG C 181 29.99 -5.80 -21.89
C ARG C 181 29.03 -5.71 -20.71
N GLY C 182 29.36 -4.93 -19.68
CA GLY C 182 28.50 -4.76 -18.54
C GLY C 182 28.90 -5.54 -17.31
N ASN C 183 29.83 -6.48 -17.43
CA ASN C 183 30.32 -7.24 -16.28
C ASN C 183 31.58 -6.54 -15.78
N LEU C 184 31.36 -5.42 -15.09
CA LEU C 184 32.44 -4.48 -14.80
C LEU C 184 33.52 -5.12 -13.93
N ARG C 185 34.76 -4.76 -14.22
CA ARG C 185 35.95 -5.22 -13.50
C ARG C 185 36.81 -4.01 -13.15
N SER C 186 37.27 -3.94 -11.90
CA SER C 186 38.05 -2.79 -11.48
C SER C 186 39.40 -2.80 -12.16
N ALA C 187 39.81 -1.63 -12.65
CA ALA C 187 41.04 -1.50 -13.39
C ALA C 187 41.64 -0.14 -13.12
N ILE C 188 42.95 -0.07 -13.21
CA ILE C 188 43.67 1.21 -13.17
C ILE C 188 44.76 1.13 -14.24
N THR C 189 44.97 2.25 -14.92
CA THR C 189 46.06 2.40 -15.89
C THR C 189 47.01 3.46 -15.36
N VAL C 190 48.28 3.11 -15.25
CA VAL C 190 49.27 3.96 -14.60
C VAL C 190 50.18 4.53 -15.67
N PHE C 191 50.03 5.83 -15.94
CA PHE C 191 50.85 6.52 -16.92
C PHE C 191 52.16 6.96 -16.28
N PRO C 192 53.12 7.47 -17.07
CA PRO C 192 54.47 7.71 -16.52
C PRO C 192 54.46 8.68 -15.36
N GLN C 193 55.33 8.41 -14.39
CA GLN C 193 55.42 9.22 -13.18
C GLN C 193 55.97 10.60 -13.49
N ARG C 194 55.86 11.48 -12.51
CA ARG C 194 56.38 12.84 -12.65
C ARG C 194 57.88 12.89 -12.38
N CYS C 195 58.58 13.69 -13.17
CA CYS C 195 60.00 13.95 -12.98
C CYS C 195 60.26 15.42 -13.30
N PRO C 196 61.17 16.06 -12.58
CA PRO C 196 61.36 17.50 -12.75
C PRO C 196 61.93 17.87 -14.10
N GLY C 197 61.67 19.11 -14.49
CA GLY C 197 62.10 19.62 -15.78
C GLY C 197 61.17 19.23 -16.91
N ARG C 198 60.55 18.06 -16.77
CA ARG C 198 59.64 17.53 -17.78
C ARG C 198 58.20 17.78 -17.36
N GLY C 199 57.33 17.99 -18.35
CA GLY C 199 55.92 18.18 -18.09
C GLY C 199 55.24 16.94 -17.53
N ASP C 200 53.97 17.06 -17.19
CA ASP C 200 53.20 15.96 -16.62
C ASP C 200 52.25 15.38 -17.65
N PHE C 201 52.07 14.06 -17.60
CA PHE C 201 50.90 13.45 -18.22
C PHE C 201 49.67 13.81 -17.40
N ARG C 202 48.62 14.29 -18.08
CA ARG C 202 47.38 14.68 -17.42
C ARG C 202 46.18 14.31 -18.29
N ILE C 203 45.12 13.84 -17.64
CA ILE C 203 43.81 13.73 -18.26
C ILE C 203 42.97 14.89 -17.73
N TRP C 204 42.52 15.76 -18.65
CA TRP C 204 41.87 16.99 -18.21
C TRP C 204 40.43 16.75 -17.72
N ASN C 205 39.78 15.71 -18.22
CA ASN C 205 38.45 15.37 -17.72
C ASN C 205 38.56 14.72 -16.35
N SER C 206 37.58 15.01 -15.49
CA SER C 206 37.54 14.40 -14.15
C SER C 206 37.21 12.92 -14.23
N GLN C 207 36.43 12.50 -15.23
CA GLN C 207 36.17 11.10 -15.47
C GLN C 207 36.34 10.80 -16.95
N LEU C 208 36.43 9.51 -17.26
CA LEU C 208 36.56 9.14 -18.67
C LEU C 208 35.23 9.31 -19.42
N VAL C 209 34.11 9.15 -18.72
CA VAL C 209 32.78 9.42 -19.28
C VAL C 209 32.14 10.54 -18.47
N ARG C 210 31.81 11.64 -19.16
CA ARG C 210 31.11 12.78 -18.59
C ARG C 210 30.11 13.30 -19.63
N TYR C 211 29.00 13.85 -19.17
CA TYR C 211 28.03 14.46 -20.08
C TYR C 211 28.27 15.97 -20.17
N ALA C 212 28.02 16.51 -21.37
CA ALA C 212 28.27 17.93 -21.59
C ALA C 212 27.30 18.79 -20.79
N GLY C 213 27.77 19.96 -20.38
CA GLY C 213 26.93 20.97 -19.77
C GLY C 213 27.02 22.26 -20.56
N TYR C 214 25.94 22.64 -21.23
CA TYR C 214 25.92 23.81 -22.10
C TYR C 214 25.16 24.93 -21.39
N ARG C 215 25.82 26.07 -21.19
CA ARG C 215 25.16 27.26 -20.67
C ARG C 215 24.21 27.84 -21.71
N GLN C 216 23.44 28.85 -21.31
CA GLN C 216 22.41 29.39 -22.18
C GLN C 216 22.43 30.91 -22.14
N GLN C 217 21.59 31.51 -23.00
CA GLN C 217 21.32 32.94 -22.98
C GLN C 217 20.34 33.33 -21.86
N ASP C 218 20.31 32.57 -20.77
CA ASP C 218 19.57 32.96 -19.58
C ASP C 218 20.17 32.43 -18.28
N GLY C 219 21.31 31.74 -18.33
CA GLY C 219 22.05 31.35 -17.16
C GLY C 219 21.93 29.88 -16.77
N SER C 220 20.82 29.23 -17.12
CA SER C 220 20.65 27.83 -16.78
C SER C 220 21.50 26.95 -17.70
N VAL C 221 21.52 25.65 -17.39
CA VAL C 221 22.38 24.68 -18.08
C VAL C 221 21.51 23.55 -18.63
N ARG C 222 21.70 23.24 -19.91
CA ARG C 222 21.25 21.99 -20.49
C ARG C 222 22.41 21.00 -20.40
N GLY C 223 22.13 19.83 -19.86
CA GLY C 223 23.16 18.87 -19.53
C GLY C 223 23.57 18.92 -18.08
N ASP C 224 24.75 18.37 -17.81
CA ASP C 224 25.25 18.24 -16.44
C ASP C 224 25.95 19.53 -16.02
N PRO C 225 25.42 20.26 -15.02
CA PRO C 225 26.10 21.49 -14.57
C PRO C 225 27.51 21.27 -14.05
N ALA C 226 27.87 20.07 -13.58
CA ALA C 226 29.21 19.85 -13.06
C ALA C 226 30.27 19.91 -14.16
N ASN C 227 29.88 19.74 -15.42
CA ASN C 227 30.81 19.66 -16.52
C ASN C 227 30.68 20.85 -17.48
N VAL C 228 30.28 22.01 -16.95
CA VAL C 228 30.17 23.21 -17.78
C VAL C 228 31.55 23.71 -18.17
N GLU C 229 32.50 23.66 -17.23
CA GLU C 229 33.85 24.15 -17.46
C GLU C 229 34.57 23.33 -18.53
N ILE C 230 34.59 22.00 -18.38
CA ILE C 230 35.31 21.15 -19.32
C ILE C 230 34.57 21.07 -20.66
N THR C 231 33.27 21.34 -20.69
CA THR C 231 32.56 21.42 -21.97
C THR C 231 33.01 22.64 -22.77
N GLU C 232 33.15 23.80 -22.11
CA GLU C 232 33.64 24.98 -22.82
C GLU C 232 35.09 24.79 -23.27
N LEU C 233 35.89 24.03 -22.50
CA LEU C 233 37.26 23.73 -22.91
C LEU C 233 37.26 22.86 -24.17
N CYS C 234 36.49 21.78 -24.16
CA CYS C 234 36.40 20.92 -25.33
C CYS C 234 35.99 21.71 -26.57
N ILE C 235 35.05 22.64 -26.39
CA ILE C 235 34.61 23.44 -27.54
C ILE C 235 35.71 24.39 -27.99
N GLN C 236 36.50 24.91 -27.05
CA GLN C 236 37.63 25.77 -27.43
C GLN C 236 38.62 25.01 -28.31
N HIS C 237 38.87 23.74 -28.00
CA HIS C 237 39.84 22.93 -28.73
C HIS C 237 39.22 22.20 -29.91
N GLY C 238 38.15 22.74 -30.48
CA GLY C 238 37.63 22.30 -31.76
C GLY C 238 36.36 21.47 -31.72
N TRP C 239 35.92 21.02 -30.54
CA TRP C 239 34.80 20.08 -30.51
C TRP C 239 33.51 20.73 -30.98
N THR C 240 32.87 20.08 -31.93
CA THR C 240 31.53 20.45 -32.35
C THR C 240 30.55 20.06 -31.26
N PRO C 241 29.89 21.00 -30.59
CA PRO C 241 29.00 20.64 -29.49
C PRO C 241 27.76 19.92 -29.99
N GLY C 242 27.07 19.27 -29.05
CA GLY C 242 25.74 18.76 -29.27
C GLY C 242 24.70 19.71 -28.73
N ASN C 243 23.45 19.23 -28.74
CA ASN C 243 22.34 20.03 -28.24
C ASN C 243 21.54 19.34 -27.13
N GLY C 244 21.92 18.13 -26.72
CA GLY C 244 21.13 17.33 -25.81
C GLY C 244 21.61 17.39 -24.36
N ARG C 245 20.86 16.71 -23.50
CA ARG C 245 21.13 16.71 -22.06
C ARG C 245 22.09 15.62 -21.63
N PHE C 246 22.53 14.76 -22.55
CA PHE C 246 23.36 13.61 -22.22
C PHE C 246 24.36 13.32 -23.34
N ASP C 247 25.00 14.37 -23.85
CA ASP C 247 26.01 14.22 -24.89
C ASP C 247 27.33 13.83 -24.24
N VAL C 248 27.88 12.68 -24.64
CA VAL C 248 29.16 12.24 -24.08
C VAL C 248 30.26 13.16 -24.58
N LEU C 249 31.08 13.66 -23.63
CA LEU C 249 32.14 14.60 -23.96
C LEU C 249 33.31 13.90 -24.64
N PRO C 250 34.07 14.63 -25.45
CA PRO C 250 35.38 14.15 -25.89
C PRO C 250 36.38 14.18 -24.74
N LEU C 251 37.54 13.57 -24.97
CA LEU C 251 38.63 13.61 -24.00
C LEU C 251 39.62 14.71 -24.36
N LEU C 252 40.21 15.31 -23.32
CA LEU C 252 41.35 16.21 -23.46
C LEU C 252 42.57 15.54 -22.84
N LEU C 253 43.47 15.04 -23.68
CA LEU C 253 44.64 14.30 -23.22
C LEU C 253 45.89 15.13 -23.45
N GLN C 254 46.74 15.19 -22.42
CA GLN C 254 47.88 16.10 -22.39
C GLN C 254 49.17 15.29 -22.22
N ALA C 255 49.98 15.25 -23.27
CA ALA C 255 51.33 14.74 -23.17
C ALA C 255 52.25 15.82 -22.61
N PRO C 256 53.38 15.43 -22.01
CA PRO C 256 54.24 16.42 -21.35
C PRO C 256 54.59 17.62 -22.23
N ASP C 257 54.45 18.80 -21.64
CA ASP C 257 54.87 20.08 -22.22
C ASP C 257 54.23 20.36 -23.58
N GLU C 258 53.10 19.72 -23.89
CA GLU C 258 52.41 19.95 -25.14
C GLU C 258 50.96 20.30 -24.85
N PRO C 259 50.29 21.02 -25.76
CA PRO C 259 48.87 21.33 -25.55
C PRO C 259 48.04 20.07 -25.59
N PRO C 260 46.89 20.06 -24.90
CA PRO C 260 46.03 18.88 -24.95
C PRO C 260 45.47 18.65 -26.34
N GLU C 261 45.07 17.41 -26.60
CA GLU C 261 44.50 17.02 -27.88
C GLU C 261 43.14 16.39 -27.66
N LEU C 262 42.15 16.85 -28.43
CA LEU C 262 40.82 16.25 -28.38
C LEU C 262 40.84 14.85 -29.00
N PHE C 263 40.16 13.93 -28.32
CA PHE C 263 39.96 12.57 -28.83
C PHE C 263 38.49 12.22 -28.64
N LEU C 264 37.81 11.87 -29.73
CA LEU C 264 36.41 11.48 -29.66
C LEU C 264 36.35 10.01 -29.31
N LEU C 265 35.75 9.69 -28.16
CA LEU C 265 35.67 8.30 -27.74
C LEU C 265 34.82 7.51 -28.73
N PRO C 266 35.23 6.29 -29.09
CA PRO C 266 34.42 5.46 -29.97
C PRO C 266 33.05 5.17 -29.36
N PRO C 267 31.97 5.46 -30.08
CA PRO C 267 30.63 5.36 -29.47
C PRO C 267 30.27 3.97 -28.98
N GLU C 268 30.75 2.91 -29.63
CA GLU C 268 30.43 1.57 -29.16
C GLU C 268 31.24 1.19 -27.92
N LEU C 269 32.20 2.00 -27.51
CA LEU C 269 32.98 1.77 -26.30
C LEU C 269 32.37 2.42 -25.07
N VAL C 270 31.30 3.18 -25.21
CA VAL C 270 30.70 3.86 -24.07
C VAL C 270 29.35 3.21 -23.79
N LEU C 271 29.33 2.27 -22.85
CA LEU C 271 28.07 1.60 -22.53
C LEU C 271 27.20 2.50 -21.66
N GLU C 272 25.95 2.70 -22.05
CA GLU C 272 25.04 3.54 -21.28
C GLU C 272 23.75 2.79 -21.02
N VAL C 273 22.99 3.32 -20.05
CA VAL C 273 21.78 2.68 -19.57
C VAL C 273 20.62 3.66 -19.62
N PRO C 274 19.67 3.49 -20.52
CA PRO C 274 18.42 4.26 -20.45
C PRO C 274 17.66 3.88 -19.19
N LEU C 275 17.16 4.90 -18.49
CA LEU C 275 16.54 4.67 -17.19
C LEU C 275 15.04 4.48 -17.39
N GLU C 276 14.53 3.35 -16.93
CA GLU C 276 13.11 3.07 -16.85
C GLU C 276 12.74 2.72 -15.42
N HIS C 277 11.45 2.79 -15.10
CA HIS C 277 11.04 2.35 -13.78
C HIS C 277 10.22 1.07 -13.89
N PRO C 278 10.36 0.14 -12.94
CA PRO C 278 9.63 -1.15 -13.07
C PRO C 278 8.12 -1.01 -13.16
N THR C 279 7.51 -0.07 -12.43
CA THR C 279 6.06 0.08 -12.45
C THR C 279 5.58 1.42 -12.94
N LEU C 280 6.43 2.45 -12.97
CA LEU C 280 6.03 3.80 -13.41
C LEU C 280 6.34 3.92 -14.89
N GLU C 281 5.33 3.64 -15.71
CA GLU C 281 5.48 3.54 -17.16
C GLU C 281 6.00 4.83 -17.79
N TRP C 282 5.62 5.99 -17.24
CA TRP C 282 6.04 7.27 -17.80
C TRP C 282 7.49 7.62 -17.51
N PHE C 283 8.15 6.88 -16.62
CA PHE C 283 9.51 7.27 -16.23
C PHE C 283 10.45 7.20 -17.42
N ALA C 284 10.28 6.20 -18.29
CA ALA C 284 11.12 6.11 -19.48
C ALA C 284 10.98 7.35 -20.37
N ALA C 285 9.77 7.95 -20.42
CA ALA C 285 9.57 9.10 -21.30
C ALA C 285 10.32 10.34 -20.82
N LEU C 286 10.75 10.38 -19.55
CA LEU C 286 11.62 11.48 -19.11
C LEU C 286 12.95 11.47 -19.85
N GLY C 287 13.31 10.36 -20.47
CA GLY C 287 14.52 10.28 -21.28
C GLY C 287 15.82 10.32 -20.51
N LEU C 288 15.78 9.96 -19.23
CA LEU C 288 17.01 9.96 -18.44
C LEU C 288 17.90 8.79 -18.83
N ARG C 289 19.21 8.99 -18.68
CA ARG C 289 20.22 7.97 -18.95
C ARG C 289 21.38 8.19 -17.99
N TRP C 290 22.20 7.14 -17.82
CA TRP C 290 23.51 7.30 -17.21
C TRP C 290 24.45 6.28 -17.84
N TYR C 291 25.75 6.46 -17.62
CA TYR C 291 26.75 5.59 -18.22
C TYR C 291 27.20 4.49 -17.25
N ALA C 292 27.64 3.37 -17.84
CA ALA C 292 27.96 2.17 -17.07
C ALA C 292 29.20 2.34 -16.21
N LEU C 293 30.24 2.97 -16.73
CA LEU C 293 31.57 2.86 -16.13
C LEU C 293 32.01 4.12 -15.40
N PRO C 294 32.08 4.11 -14.06
CA PRO C 294 32.67 5.26 -13.37
C PRO C 294 34.20 5.15 -13.35
N ALA C 295 34.88 6.07 -14.04
CA ALA C 295 36.32 5.99 -14.25
C ALA C 295 36.93 7.35 -13.95
N VAL C 296 37.53 7.49 -12.77
CA VAL C 296 38.01 8.76 -12.25
C VAL C 296 39.41 9.01 -12.81
N SER C 297 39.61 10.19 -13.42
CA SER C 297 40.80 10.42 -14.24
C SER C 297 41.52 11.71 -13.89
N ASN C 298 41.25 12.28 -12.73
CA ASN C 298 41.89 13.54 -12.34
C ASN C 298 42.59 13.48 -10.99
N MET C 299 42.67 12.30 -10.37
CA MET C 299 43.33 12.14 -9.08
C MET C 299 44.78 11.71 -9.27
N LEU C 300 45.59 11.99 -8.26
CA LEU C 300 47.02 11.74 -8.31
C LEU C 300 47.34 10.52 -7.46
N LEU C 301 48.09 9.57 -8.03
CA LEU C 301 48.50 8.37 -7.34
C LEU C 301 49.92 8.58 -6.83
N GLU C 302 50.09 8.42 -5.52
CA GLU C 302 51.40 8.58 -4.88
C GLU C 302 51.79 7.26 -4.25
N ILE C 303 52.91 6.71 -4.71
CA ILE C 303 53.46 5.47 -4.18
C ILE C 303 54.93 5.70 -3.85
N GLY C 304 55.31 5.38 -2.61
CA GLY C 304 56.72 5.39 -2.23
C GLY C 304 57.45 6.67 -2.57
N GLY C 305 56.77 7.81 -2.44
CA GLY C 305 57.36 9.09 -2.78
C GLY C 305 57.31 9.45 -4.25
N LEU C 306 56.80 8.58 -5.10
CA LEU C 306 56.67 8.85 -6.52
C LEU C 306 55.24 9.27 -6.83
N GLU C 307 55.09 10.18 -7.79
CA GLU C 307 53.78 10.75 -8.08
C GLU C 307 53.38 10.42 -9.51
N PHE C 308 52.14 9.98 -9.67
CA PHE C 308 51.57 9.64 -10.98
C PHE C 308 50.37 10.53 -11.21
N PRO C 309 50.53 11.66 -11.91
CA PRO C 309 49.40 12.60 -12.09
C PRO C 309 48.34 12.10 -13.06
N ALA C 310 48.64 11.10 -13.88
CA ALA C 310 47.64 10.44 -14.71
C ALA C 310 47.65 8.97 -14.33
N ALA C 311 46.57 8.51 -13.73
CA ALA C 311 46.42 7.11 -13.34
C ALA C 311 44.94 6.78 -13.19
N PRO C 312 44.17 6.78 -14.27
CA PRO C 312 42.71 6.64 -14.17
C PRO C 312 42.30 5.27 -13.62
N PHE C 313 41.39 5.27 -12.65
CA PHE C 313 40.86 4.03 -12.08
C PHE C 313 39.35 3.95 -12.24
N SER C 314 38.85 2.72 -12.28
CA SER C 314 37.42 2.53 -12.45
C SER C 314 36.99 1.30 -11.67
N GLY C 315 35.71 1.27 -11.32
CA GLY C 315 35.12 0.11 -10.69
C GLY C 315 33.70 -0.03 -11.18
N TRP C 316 32.74 0.03 -10.27
CA TRP C 316 31.34 0.16 -10.67
C TRP C 316 30.64 1.11 -9.73
N TYR C 317 29.43 1.50 -10.12
CA TYR C 317 28.67 2.50 -9.35
C TYR C 317 28.00 1.88 -8.15
N MET C 318 27.85 2.68 -7.10
CA MET C 318 26.81 2.47 -6.10
C MET C 318 25.60 3.28 -6.53
N SER C 319 24.41 2.71 -6.35
CA SER C 319 23.24 3.26 -7.01
C SER C 319 22.91 4.67 -6.57
N THR C 320 23.19 5.02 -5.30
CA THR C 320 22.88 6.37 -4.83
C THR C 320 23.73 7.41 -5.52
N GLU C 321 24.89 7.03 -6.06
CA GLU C 321 25.71 8.02 -6.73
C GLU C 321 24.98 8.60 -7.92
N ILE C 322 24.25 7.75 -8.64
CA ILE C 322 23.52 8.18 -9.82
C ILE C 322 22.15 8.69 -9.43
N GLY C 323 21.39 7.87 -8.69
CA GLY C 323 19.99 8.15 -8.42
C GLY C 323 19.77 9.28 -7.43
N THR C 324 20.72 9.52 -6.53
CA THR C 324 20.55 10.58 -5.55
C THR C 324 21.42 11.79 -5.83
N ARG C 325 22.74 11.62 -5.97
CA ARG C 325 23.58 12.79 -6.17
C ARG C 325 23.48 13.32 -7.61
N ASN C 326 23.85 12.50 -8.60
CA ASN C 326 23.94 13.01 -9.97
C ASN C 326 22.60 13.47 -10.51
N LEU C 327 21.52 12.75 -10.20
CA LEU C 327 20.22 13.17 -10.73
C LEU C 327 19.46 14.11 -9.82
N CYS C 328 19.71 14.11 -8.51
CA CYS C 328 18.86 14.89 -7.62
C CYS C 328 19.55 16.04 -6.92
N ASP C 329 20.88 16.11 -6.93
CA ASP C 329 21.53 17.27 -6.34
C ASP C 329 21.01 18.54 -7.01
N PRO C 330 20.75 19.60 -6.25
CA PRO C 330 20.16 20.79 -6.85
C PRO C 330 21.09 21.46 -7.83
N HIS C 331 22.41 21.23 -7.72
CA HIS C 331 23.37 21.76 -8.66
C HIS C 331 23.79 20.75 -9.70
N ARG C 332 23.12 19.61 -9.80
CA ARG C 332 23.36 18.66 -10.87
C ARG C 332 22.11 18.60 -11.73
N TYR C 333 21.61 17.42 -12.08
CA TYR C 333 20.48 17.40 -13.00
C TYR C 333 19.20 17.88 -12.34
N ASN C 334 19.10 17.83 -11.01
CA ASN C 334 18.04 18.50 -10.28
C ASN C 334 16.65 18.05 -10.75
N ILE C 335 16.47 16.73 -10.91
CA ILE C 335 15.25 16.20 -11.49
C ILE C 335 14.16 15.93 -10.45
N LEU C 336 14.43 16.16 -9.17
CA LEU C 336 13.57 15.60 -8.14
C LEU C 336 12.14 16.10 -8.28
N GLU C 337 11.95 17.40 -8.49
CA GLU C 337 10.58 17.92 -8.53
C GLU C 337 9.86 17.47 -9.80
N ASP C 338 10.59 17.25 -10.90
CA ASP C 338 9.93 16.77 -12.11
C ASP C 338 9.36 15.38 -11.92
N VAL C 339 10.10 14.52 -11.21
CA VAL C 339 9.60 13.19 -10.89
C VAL C 339 8.39 13.29 -9.98
N ALA C 340 8.44 14.17 -8.97
CA ALA C 340 7.34 14.34 -8.04
C ALA C 340 6.07 14.76 -8.74
N VAL C 341 6.17 15.65 -9.73
CA VAL C 341 5.00 16.08 -10.50
C VAL C 341 4.36 14.88 -11.18
N CYS C 342 5.19 14.07 -11.85
CA CYS C 342 4.70 12.89 -12.56
C CYS C 342 4.08 11.88 -11.60
N MET C 343 4.62 11.80 -10.38
CA MET C 343 4.04 10.90 -9.39
C MET C 343 2.80 11.50 -8.74
N ASP C 344 2.47 12.76 -9.07
CA ASP C 344 1.28 13.45 -8.56
C ASP C 344 1.36 13.71 -7.06
N LEU C 345 2.56 14.01 -6.58
CA LEU C 345 2.80 14.23 -5.16
C LEU C 345 2.51 15.67 -4.78
N ASP C 346 2.21 15.87 -3.50
CA ASP C 346 1.92 17.21 -2.97
C ASP C 346 3.23 17.97 -2.78
N THR C 347 3.63 18.68 -3.81
CA THR C 347 4.83 19.51 -3.79
C THR C 347 4.64 20.83 -3.04
N ARG C 348 3.45 21.09 -2.50
CA ARG C 348 3.14 22.36 -1.84
C ARG C 348 3.58 22.41 -0.38
N THR C 349 3.82 21.27 0.25
CA THR C 349 4.22 21.21 1.66
C THR C 349 5.42 20.27 1.82
N THR C 350 6.41 20.70 2.58
CA THR C 350 7.57 19.84 2.83
C THR C 350 7.16 18.58 3.58
N SER C 351 6.12 18.67 4.41
CA SER C 351 5.81 17.59 5.33
C SER C 351 5.10 16.43 4.67
N SER C 352 4.74 16.54 3.39
CA SER C 352 4.28 15.37 2.66
C SER C 352 5.43 14.41 2.33
N LEU C 353 6.68 14.86 2.52
CA LEU C 353 7.88 14.07 2.21
C LEU C 353 7.91 13.68 0.74
N TRP C 354 7.40 14.58 -0.12
CA TRP C 354 7.43 14.33 -1.56
C TRP C 354 8.86 14.19 -2.07
N LYS C 355 9.80 14.94 -1.51
CA LYS C 355 11.22 14.79 -1.88
C LYS C 355 11.72 13.40 -1.60
N ASP C 356 11.46 12.90 -0.38
CA ASP C 356 11.92 11.57 -0.02
C ASP C 356 11.29 10.50 -0.90
N LYS C 357 9.99 10.65 -1.24
CA LYS C 357 9.29 9.64 -2.02
C LYS C 357 9.79 9.62 -3.46
N ALA C 358 9.98 10.80 -4.07
CA ALA C 358 10.49 10.89 -5.45
C ALA C 358 11.88 10.33 -5.55
N ALA C 359 12.73 10.67 -4.58
CA ALA C 359 14.11 10.21 -4.58
C ALA C 359 14.19 8.68 -4.49
N VAL C 360 13.35 8.06 -3.65
CA VAL C 360 13.41 6.60 -3.55
C VAL C 360 13.07 5.96 -4.90
N GLU C 361 12.07 6.50 -5.61
CA GLU C 361 11.67 5.88 -6.88
C GLU C 361 12.74 6.08 -7.96
N ILE C 362 13.46 7.21 -7.91
CA ILE C 362 14.57 7.40 -8.83
C ILE C 362 15.65 6.36 -8.58
N ASN C 363 15.97 6.10 -7.31
CA ASN C 363 16.99 5.11 -7.00
C ASN C 363 16.53 3.70 -7.40
N VAL C 364 15.23 3.42 -7.24
CA VAL C 364 14.69 2.14 -7.73
C VAL C 364 14.85 2.05 -9.24
N ALA C 365 14.55 3.14 -9.95
CA ALA C 365 14.68 3.12 -11.41
C ALA C 365 16.10 2.87 -11.84
N VAL C 366 17.08 3.42 -11.10
CA VAL C 366 18.49 3.19 -11.43
C VAL C 366 18.86 1.73 -11.26
N LEU C 367 18.53 1.15 -10.10
CA LEU C 367 18.82 -0.26 -9.84
C LEU C 367 18.11 -1.17 -10.84
N HIS C 368 16.81 -0.93 -11.07
CA HIS C 368 16.08 -1.73 -12.04
C HIS C 368 16.70 -1.63 -13.43
N SER C 369 17.07 -0.41 -13.85
CA SER C 369 17.57 -0.19 -15.21
C SER C 369 18.92 -0.87 -15.42
N TYR C 370 19.83 -0.72 -14.44
CA TYR C 370 21.14 -1.35 -14.55
C TYR C 370 21.04 -2.87 -14.52
N GLN C 371 20.21 -3.41 -13.62
CA GLN C 371 20.06 -4.87 -13.59
C GLN C 371 19.46 -5.39 -14.89
N LEU C 372 18.47 -4.70 -15.45
CA LEU C 372 17.89 -5.16 -16.72
C LEU C 372 18.90 -5.09 -17.86
N ALA C 373 19.81 -4.12 -17.83
CA ALA C 373 20.87 -4.01 -18.82
C ALA C 373 22.05 -4.94 -18.55
N LYS C 374 22.03 -5.71 -17.47
CA LYS C 374 23.16 -6.56 -17.07
C LYS C 374 24.44 -5.75 -16.90
N VAL C 375 24.34 -4.60 -16.25
CA VAL C 375 25.49 -3.78 -15.91
C VAL C 375 25.64 -3.81 -14.39
N THR C 376 26.83 -4.13 -13.94
CA THR C 376 27.12 -4.22 -12.51
C THR C 376 26.73 -2.92 -11.79
N ILE C 377 26.05 -3.07 -10.65
CA ILE C 377 25.74 -1.96 -9.75
C ILE C 377 25.52 -2.55 -8.38
N VAL C 378 25.74 -1.74 -7.34
CA VAL C 378 25.52 -2.21 -5.97
C VAL C 378 24.67 -1.17 -5.24
N ASP C 379 23.66 -1.64 -4.54
CA ASP C 379 22.81 -0.70 -3.80
C ASP C 379 23.48 -0.32 -2.47
N HIS C 380 22.99 0.77 -1.88
CA HIS C 380 23.68 1.30 -0.71
C HIS C 380 23.53 0.43 0.53
N HIS C 381 22.51 -0.43 0.59
CA HIS C 381 22.42 -1.39 1.69
C HIS C 381 23.47 -2.49 1.54
N ALA C 382 23.59 -3.09 0.36
CA ALA C 382 24.61 -4.11 0.15
C ALA C 382 26.02 -3.56 0.36
N ALA C 383 26.30 -2.37 -0.17
CA ALA C 383 27.67 -1.87 -0.12
C ALA C 383 28.11 -1.52 1.31
N THR C 384 27.21 -0.93 2.11
CA THR C 384 27.59 -0.60 3.47
C THR C 384 27.73 -1.86 4.32
N ALA C 385 26.88 -2.87 4.11
CA ALA C 385 27.07 -4.11 4.86
C ALA C 385 28.41 -4.74 4.51
N SER C 386 28.81 -4.69 3.22
CA SER C 386 30.12 -5.22 2.85
CA SER C 386 30.12 -5.23 2.86
C SER C 386 31.24 -4.40 3.48
N PHE C 387 31.05 -3.08 3.59
CA PHE C 387 32.09 -2.25 4.20
C PHE C 387 32.25 -2.57 5.68
N MET C 388 31.16 -2.91 6.36
CA MET C 388 31.30 -3.36 7.75
C MET C 388 32.13 -4.63 7.82
N LYS C 389 31.95 -5.53 6.85
CA LYS C 389 32.80 -6.70 6.76
C LYS C 389 34.26 -6.30 6.51
N HIS C 390 34.47 -5.29 5.66
CA HIS C 390 35.81 -4.76 5.44
C HIS C 390 36.44 -4.28 6.74
N LEU C 391 35.71 -3.47 7.52
CA LEU C 391 36.28 -2.94 8.76
C LEU C 391 36.76 -4.06 9.67
N GLU C 392 35.95 -5.12 9.81
CA GLU C 392 36.34 -6.23 10.68
C GLU C 392 37.53 -7.00 10.11
N ASN C 393 37.60 -7.17 8.78
CA ASN C 393 38.81 -7.70 8.16
C ASN C 393 40.01 -6.85 8.51
N GLU C 394 39.92 -5.55 8.25
CA GLU C 394 41.07 -4.65 8.41
C GLU C 394 41.49 -4.52 9.87
N GLN C 395 40.54 -4.63 10.80
CA GLN C 395 40.89 -4.63 12.22
C GLN C 395 41.88 -5.76 12.53
N LYS C 396 41.62 -6.95 11.98
CA LYS C 396 42.52 -8.06 12.24
C LYS C 396 43.79 -7.95 11.41
N ALA C 397 43.68 -7.55 10.15
CA ALA C 397 44.87 -7.48 9.30
C ALA C 397 45.83 -6.40 9.81
N ARG C 398 45.31 -5.21 10.13
CA ARG C 398 46.14 -4.03 10.27
C ARG C 398 45.91 -3.20 11.53
N GLY C 399 44.95 -3.57 12.37
CA GLY C 399 44.67 -2.78 13.56
C GLY C 399 43.79 -1.57 13.35
N GLY C 400 43.08 -1.48 12.24
CA GLY C 400 42.16 -0.38 12.04
C GLY C 400 41.94 -0.12 10.56
N CYS C 401 41.21 0.95 10.29
CA CYS C 401 40.93 1.28 8.93
C CYS C 401 40.62 2.77 8.87
N PRO C 402 41.31 3.55 8.03
CA PRO C 402 40.91 4.97 7.89
C PRO C 402 39.58 5.07 7.16
N ALA C 403 38.63 5.75 7.80
CA ALA C 403 37.29 5.86 7.23
C ALA C 403 36.75 7.25 7.50
N ASP C 404 36.10 7.82 6.50
CA ASP C 404 35.56 9.17 6.53
C ASP C 404 34.04 9.03 6.64
N TRP C 405 33.54 9.16 7.88
CA TRP C 405 32.12 8.86 8.18
C TRP C 405 31.16 9.58 7.24
N ALA C 406 31.42 10.87 6.98
CA ALA C 406 30.55 11.70 6.16
C ALA C 406 30.44 11.18 4.73
N TRP C 407 31.47 10.51 4.22
CA TRP C 407 31.44 9.99 2.86
C TRP C 407 31.07 8.52 2.78
N ILE C 408 31.35 7.75 3.84
CA ILE C 408 30.94 6.35 3.90
C ILE C 408 29.42 6.22 4.06
N VAL C 409 28.81 7.04 4.91
CA VAL C 409 27.37 7.01 5.08
C VAL C 409 26.67 7.48 3.81
N PRO C 410 25.77 6.68 3.25
CA PRO C 410 25.09 7.06 1.99
C PRO C 410 24.25 8.32 2.14
N PRO C 411 23.93 8.98 1.02
CA PRO C 411 23.19 10.26 1.07
C PRO C 411 21.68 10.11 1.16
N ILE C 412 21.14 8.91 1.20
CA ILE C 412 19.77 8.65 1.61
C ILE C 412 19.82 7.49 2.59
N SER C 413 18.80 7.39 3.43
CA SER C 413 18.62 6.26 4.34
C SER C 413 19.84 6.02 5.22
N GLY C 414 20.50 7.10 5.61
CA GLY C 414 21.76 7.02 6.33
C GLY C 414 21.67 6.09 7.53
N SER C 415 20.77 6.40 8.46
CA SER C 415 20.69 5.61 9.69
C SER C 415 20.09 4.23 9.47
N LEU C 416 19.54 3.96 8.27
CA LEU C 416 19.08 2.62 7.90
C LEU C 416 20.22 1.68 7.51
N THR C 417 21.45 2.20 7.40
CA THR C 417 22.59 1.35 7.09
C THR C 417 23.43 1.14 8.34
N PRO C 418 24.22 0.06 8.40
CA PRO C 418 25.02 -0.19 9.61
C PRO C 418 26.13 0.82 9.84
N VAL C 419 26.68 1.42 8.77
CA VAL C 419 27.84 2.30 8.94
C VAL C 419 27.48 3.55 9.74
N PHE C 420 26.20 3.93 9.73
CA PHE C 420 25.79 5.12 10.46
C PHE C 420 26.11 5.02 11.94
N HIS C 421 25.93 3.83 12.52
CA HIS C 421 26.06 3.62 13.95
C HIS C 421 27.48 3.23 14.34
N GLN C 422 28.38 3.21 13.36
CA GLN C 422 29.77 2.82 13.57
C GLN C 422 30.63 4.07 13.68
N GLU C 423 31.28 4.24 14.82
CA GLU C 423 32.28 5.29 14.93
C GLU C 423 33.50 4.96 14.07
N MET C 424 34.14 6.00 13.51
CA MET C 424 35.19 5.85 12.52
C MET C 424 36.30 6.84 12.80
N VAL C 425 37.52 6.48 12.40
CA VAL C 425 38.72 7.31 12.57
C VAL C 425 39.27 7.64 11.20
N ASN C 426 39.51 8.93 10.94
CA ASN C 426 39.97 9.39 9.64
C ASN C 426 41.41 9.86 9.70
N TYR C 427 42.22 9.42 8.75
CA TYR C 427 43.63 9.78 8.71
C TYR C 427 44.23 9.34 7.37
N PHE C 428 45.42 9.84 7.10
CA PHE C 428 46.08 9.68 5.81
C PHE C 428 47.18 8.62 5.92
N LEU C 429 47.12 7.64 5.04
CA LEU C 429 48.18 6.65 4.86
C LEU C 429 48.65 6.66 3.41
N SER C 430 49.94 6.32 3.21
CA SER C 430 50.46 6.20 1.86
C SER C 430 50.81 4.74 1.58
N PRO C 431 50.59 4.24 0.35
CA PRO C 431 50.08 4.86 -0.88
C PRO C 431 48.70 5.48 -0.79
N ALA C 432 48.42 6.45 -1.66
CA ALA C 432 47.17 7.18 -1.56
C ALA C 432 46.78 7.73 -2.92
N PHE C 433 45.48 7.90 -3.11
CA PHE C 433 44.98 8.76 -4.16
C PHE C 433 44.79 10.14 -3.56
N ARG C 434 45.25 11.17 -4.28
CA ARG C 434 45.23 12.53 -3.78
C ARG C 434 44.55 13.42 -4.81
N TYR C 435 43.91 14.49 -4.33
CA TYR C 435 43.46 15.53 -5.22
C TYR C 435 44.65 16.32 -5.74
N GLN C 436 44.44 17.00 -6.87
CA GLN C 436 45.51 17.79 -7.45
C GLN C 436 44.90 18.94 -8.24
N PRO C 437 45.62 20.05 -8.39
CA PRO C 437 45.09 21.20 -9.13
C PRO C 437 44.65 20.81 -10.54
N ASP C 438 43.59 21.46 -11.01
CA ASP C 438 43.19 21.26 -12.39
C ASP C 438 44.26 21.83 -13.32
N PRO C 439 44.56 21.13 -14.43
CA PRO C 439 45.81 21.41 -15.16
C PRO C 439 45.80 22.67 -16.01
N TRP C 440 44.93 23.63 -15.68
CA TRP C 440 44.96 24.92 -16.36
C TRP C 440 44.96 26.07 -15.36
N LYS D 27 44.43 30.01 9.84
CA LYS D 27 44.00 30.39 11.18
C LYS D 27 42.49 30.65 11.24
N PHE D 28 41.73 31.04 10.00
CA PHE D 28 40.31 31.25 9.77
C PHE D 28 39.84 30.31 8.67
N PRO D 29 39.33 29.13 9.05
CA PRO D 29 38.99 28.12 8.05
C PRO D 29 38.00 28.62 7.00
N ARG D 30 38.26 28.26 5.75
CA ARG D 30 37.37 28.61 4.66
C ARG D 30 36.31 27.53 4.52
N VAL D 31 35.07 27.97 4.31
CA VAL D 31 33.87 27.14 4.43
C VAL D 31 33.04 27.35 3.18
N LYS D 32 32.87 26.29 2.38
CA LYS D 32 32.15 26.39 1.12
C LYS D 32 30.81 25.69 1.22
N ASN D 33 29.79 26.30 0.62
CA ASN D 33 28.51 25.64 0.33
C ASN D 33 28.56 25.20 -1.13
N TRP D 34 28.36 23.90 -1.34
CA TRP D 34 28.62 23.29 -2.65
C TRP D 34 27.40 23.29 -3.57
N GLU D 35 26.22 23.57 -3.04
CA GLU D 35 25.02 23.73 -3.85
C GLU D 35 24.94 25.11 -4.48
N VAL D 36 25.41 26.14 -3.77
CA VAL D 36 25.32 27.52 -4.22
C VAL D 36 26.66 28.04 -4.75
N GLY D 37 27.79 27.59 -4.20
CA GLY D 37 29.09 28.10 -4.56
C GLY D 37 29.69 29.06 -3.54
N SER D 38 28.87 29.65 -2.69
CA SER D 38 29.30 30.68 -1.76
C SER D 38 30.40 30.18 -0.83
N ILE D 39 31.11 31.13 -0.23
CA ILE D 39 32.26 30.85 0.62
C ILE D 39 32.30 31.87 1.75
N THR D 40 32.49 31.38 2.97
CA THR D 40 32.65 32.21 4.16
C THR D 40 33.88 31.74 4.93
N TYR D 41 34.27 32.52 5.92
CA TYR D 41 35.41 32.21 6.79
C TYR D 41 34.92 32.19 8.23
N ASP D 42 35.19 31.10 8.94
CA ASP D 42 34.73 30.94 10.32
C ASP D 42 35.78 31.55 11.25
N THR D 43 35.62 32.84 11.55
CA THR D 43 36.53 33.48 12.48
C THR D 43 36.19 33.18 13.92
N LEU D 44 34.93 32.81 14.21
CA LEU D 44 34.52 32.53 15.59
C LEU D 44 35.28 31.34 16.18
N SER D 45 35.64 30.36 15.36
CA SER D 45 36.35 29.18 15.87
C SER D 45 37.67 29.56 16.53
N ALA D 46 38.26 30.69 16.16
CA ALA D 46 39.49 31.16 16.81
C ALA D 46 39.30 31.39 18.30
N GLN D 47 38.07 31.63 18.76
CA GLN D 47 37.79 31.82 20.19
C GLN D 47 37.49 30.52 20.91
N ALA D 48 37.46 29.38 20.22
CA ALA D 48 37.05 28.12 20.83
C ALA D 48 37.87 27.85 22.09
N GLN D 49 37.16 27.70 23.21
CA GLN D 49 37.81 27.45 24.49
C GLN D 49 38.33 26.03 24.58
N GLN D 50 37.49 25.13 25.12
CA GLN D 50 37.91 23.77 25.42
C GLN D 50 38.33 23.04 24.14
N ASP D 51 39.01 21.92 24.33
CA ASP D 51 39.64 21.23 23.23
C ASP D 51 38.84 20.00 22.84
N GLY D 52 38.90 19.66 21.56
CA GLY D 52 38.18 18.54 21.03
C GLY D 52 39.06 17.32 20.94
N PRO D 53 38.55 16.25 20.32
CA PRO D 53 39.31 14.99 20.24
C PRO D 53 40.19 14.85 19.01
N CYS D 54 40.12 15.77 18.05
CA CYS D 54 40.87 15.65 16.80
C CYS D 54 42.28 16.21 16.94
N THR D 55 43.18 15.71 16.09
CA THR D 55 44.54 16.20 15.94
C THR D 55 44.82 16.31 14.45
N PRO D 56 45.92 16.97 14.06
CA PRO D 56 46.29 16.95 12.65
C PRO D 56 46.55 15.54 12.14
N ARG D 57 46.88 14.59 13.02
CA ARG D 57 47.17 13.23 12.59
C ARG D 57 45.90 12.39 12.41
N ARG D 58 44.82 12.68 13.13
CA ARG D 58 43.62 11.86 13.00
C ARG D 58 42.40 12.62 13.51
N CYS D 59 41.32 12.53 12.75
CA CYS D 59 40.06 13.17 13.08
C CYS D 59 39.13 12.17 13.74
N LEU D 60 38.56 12.57 14.89
CA LEU D 60 37.61 11.74 15.62
C LEU D 60 36.23 12.41 15.67
N GLY D 61 35.91 13.22 14.66
CA GLY D 61 34.66 13.97 14.68
C GLY D 61 33.43 13.10 14.79
N SER D 62 33.51 11.84 14.35
CA SER D 62 32.39 10.92 14.38
C SER D 62 32.17 10.26 15.74
N LEU D 63 32.98 10.53 16.75
CA LEU D 63 32.76 9.89 18.04
C LEU D 63 31.59 10.56 18.76
N VAL D 64 30.76 9.74 19.41
CA VAL D 64 29.59 10.26 20.12
C VAL D 64 30.02 11.05 21.36
N PHE D 65 30.96 10.52 22.14
CA PHE D 65 31.45 11.24 23.31
C PHE D 65 32.82 11.82 22.99
N PRO D 66 32.91 13.10 22.61
CA PRO D 66 34.20 13.66 22.20
C PRO D 66 35.10 14.07 23.36
N ARG D 67 34.60 14.10 24.60
CA ARG D 67 35.44 14.39 25.77
C ARG D 67 34.94 13.68 27.04
N ALA D 79 40.41 25.02 42.51
CA ALA D 79 40.92 25.66 41.30
C ALA D 79 40.31 27.05 41.08
N PRO D 80 40.64 27.99 41.97
CA PRO D 80 39.94 29.29 41.92
C PRO D 80 40.31 30.14 40.73
N GLU D 81 41.58 30.13 40.31
CA GLU D 81 42.00 31.03 39.24
C GLU D 81 41.36 30.66 37.91
N GLN D 82 41.11 29.36 37.67
CA GLN D 82 40.55 28.96 36.39
C GLN D 82 39.03 29.16 36.37
N LEU D 83 38.37 28.96 37.51
CA LEU D 83 37.00 29.41 37.64
C LEU D 83 36.90 30.91 37.34
N LEU D 84 37.87 31.69 37.83
CA LEU D 84 37.82 33.14 37.58
C LEU D 84 37.97 33.47 36.11
N SER D 85 38.87 32.79 35.40
CA SER D 85 39.07 33.14 33.99
C SER D 85 37.87 32.74 33.15
N GLN D 86 37.22 31.60 33.46
CA GLN D 86 35.95 31.28 32.79
C GLN D 86 34.88 32.32 33.14
N ALA D 87 34.78 32.68 34.42
CA ALA D 87 33.79 33.66 34.85
C ALA D 87 34.01 34.99 34.16
N ARG D 88 35.27 35.45 34.11
CA ARG D 88 35.56 36.74 33.51
C ARG D 88 35.17 36.78 32.04
N ASP D 89 35.43 35.68 31.31
CA ASP D 89 35.04 35.62 29.91
C ASP D 89 33.54 35.70 29.74
N PHE D 90 32.78 34.98 30.57
CA PHE D 90 31.32 35.02 30.48
C PHE D 90 30.79 36.41 30.81
N ILE D 91 31.35 37.06 31.85
CA ILE D 91 30.87 38.39 32.22
C ILE D 91 31.10 39.36 31.07
N ASN D 92 32.26 39.23 30.42
CA ASN D 92 32.54 40.02 29.22
C ASN D 92 31.51 39.75 28.14
N GLN D 93 31.14 38.48 27.95
CA GLN D 93 30.09 38.12 27.00
C GLN D 93 28.78 38.81 27.35
N TYR D 94 28.37 38.72 28.62
CA TYR D 94 27.11 39.34 29.04
C TYR D 94 27.14 40.84 28.80
N TYR D 95 28.22 41.52 29.21
CA TYR D 95 28.25 42.97 29.08
C TYR D 95 28.38 43.42 27.63
N SER D 96 28.95 42.60 26.75
CA SER D 96 28.90 42.93 25.32
C SER D 96 27.48 42.83 24.78
N SER D 97 26.71 41.83 25.23
CA SER D 97 25.36 41.63 24.69
C SER D 97 24.42 42.77 25.07
N ILE D 98 24.67 43.47 26.16
CA ILE D 98 23.83 44.58 26.58
C ILE D 98 24.48 45.93 26.25
N LYS D 99 25.49 45.93 25.38
CA LYS D 99 26.18 47.15 24.94
C LYS D 99 26.64 47.99 26.13
N ARG D 100 27.33 47.33 27.05
CA ARG D 100 27.95 47.99 28.19
C ARG D 100 29.37 47.47 28.40
N SER D 101 30.02 47.04 27.31
CA SER D 101 31.39 46.57 27.40
CA SER D 101 31.40 46.58 27.38
C SER D 101 32.30 47.69 27.90
N GLY D 102 33.15 47.35 28.88
CA GLY D 102 34.07 48.31 29.44
C GLY D 102 33.42 49.40 30.25
N SER D 103 32.13 49.29 30.54
CA SER D 103 31.47 50.28 31.38
C SER D 103 31.81 50.04 32.85
N GLN D 104 31.40 50.95 33.71
CA GLN D 104 31.75 50.78 35.12
C GLN D 104 30.93 49.68 35.78
N ALA D 105 29.70 49.43 35.31
CA ALA D 105 28.94 48.29 35.82
C ALA D 105 29.61 46.98 35.44
N HIS D 106 30.24 46.96 34.27
CA HIS D 106 31.01 45.80 33.83
C HIS D 106 32.22 45.58 34.73
N GLU D 107 33.00 46.63 34.98
CA GLU D 107 34.17 46.48 35.84
C GLU D 107 33.76 46.14 37.27
N GLN D 108 32.71 46.78 37.77
CA GLN D 108 32.22 46.50 39.12
C GLN D 108 31.81 45.04 39.26
N ARG D 109 31.11 44.51 38.25
CA ARG D 109 30.67 43.12 38.28
C ARG D 109 31.87 42.17 38.28
N LEU D 110 32.89 42.46 37.46
CA LEU D 110 34.12 41.67 37.50
C LEU D 110 34.73 41.66 38.90
N GLN D 111 34.84 42.84 39.52
CA GLN D 111 35.40 42.91 40.87
C GLN D 111 34.55 42.14 41.85
N GLU D 112 33.23 42.22 41.72
CA GLU D 112 32.33 41.50 42.60
C GLU D 112 32.56 39.99 42.52
N VAL D 113 32.71 39.46 41.30
CA VAL D 113 32.90 38.03 41.15
C VAL D 113 34.24 37.60 41.74
N GLU D 114 35.29 38.38 41.49
CA GLU D 114 36.59 38.10 42.10
C GLU D 114 36.49 38.04 43.61
N ALA D 115 35.83 39.05 44.22
CA ALA D 115 35.73 39.07 45.68
C ALA D 115 34.92 37.90 46.19
N GLU D 116 33.97 37.43 45.40
CA GLU D 116 33.11 36.35 45.88
C GLU D 116 33.82 35.01 45.80
N VAL D 117 34.59 34.78 44.74
CA VAL D 117 35.36 33.55 44.62
C VAL D 117 36.43 33.49 45.71
N ALA D 118 37.13 34.62 45.92
CA ALA D 118 38.06 34.72 47.03
C ALA D 118 37.38 34.45 48.37
N ALA D 119 36.18 35.02 48.57
CA ALA D 119 35.51 34.85 49.85
C ALA D 119 34.93 33.45 50.00
N THR D 120 34.26 32.93 48.96
CA THR D 120 33.49 31.70 49.09
C THR D 120 33.98 30.53 48.23
N GLY D 121 34.92 30.76 47.32
CA GLY D 121 35.30 29.70 46.39
C GLY D 121 34.35 29.49 45.24
N THR D 122 33.35 30.35 45.08
CA THR D 122 32.39 30.28 43.98
C THR D 122 31.72 31.65 43.89
N TYR D 123 30.68 31.75 43.04
CA TYR D 123 29.95 33.01 42.94
C TYR D 123 28.55 32.70 42.44
N GLN D 124 27.67 33.70 42.49
CA GLN D 124 26.28 33.56 42.10
C GLN D 124 25.97 34.43 40.89
N LEU D 125 25.23 33.86 39.95
CA LEU D 125 24.80 34.60 38.78
C LEU D 125 23.61 35.50 39.12
N ARG D 126 23.59 36.67 38.50
CA ARG D 126 22.39 37.49 38.54
C ARG D 126 21.36 36.89 37.61
N GLU D 127 20.08 37.15 37.91
CA GLU D 127 18.98 36.55 37.15
C GLU D 127 19.11 36.80 35.65
N SER D 128 19.47 38.02 35.25
CA SER D 128 19.56 38.30 33.82
CA SER D 128 19.58 38.31 33.82
C SER D 128 20.79 37.63 33.19
N GLU D 129 21.84 37.43 33.98
CA GLU D 129 23.00 36.69 33.49
C GLU D 129 22.65 35.22 33.27
N LEU D 130 21.82 34.66 34.13
CA LEU D 130 21.41 33.26 33.98
C LEU D 130 20.61 33.06 32.70
N VAL D 131 19.65 33.96 32.43
CA VAL D 131 18.85 33.87 31.22
C VAL D 131 19.74 33.98 29.97
N PHE D 132 20.62 34.99 29.96
CA PHE D 132 21.56 35.11 28.85
C PHE D 132 22.41 33.86 28.70
N GLY D 133 22.91 33.33 29.82
CA GLY D 133 23.78 32.17 29.78
C GLY D 133 23.10 30.92 29.27
N ALA D 134 21.83 30.71 29.65
CA ALA D 134 21.11 29.52 29.19
C ALA D 134 20.84 29.58 27.69
N LYS D 135 20.47 30.76 27.18
CA LYS D 135 20.28 30.95 25.74
C LYS D 135 21.59 30.77 24.97
N GLN D 136 22.69 31.33 25.47
CA GLN D 136 23.98 31.13 24.81
C GLN D 136 24.36 29.66 24.80
N ALA D 137 24.02 28.92 25.86
CA ALA D 137 24.34 27.50 25.89
C ALA D 137 23.67 26.75 24.73
N TRP D 138 22.38 27.03 24.51
CA TRP D 138 21.67 26.47 23.37
C TRP D 138 22.29 26.95 22.07
N ARG D 139 22.47 28.27 21.94
CA ARG D 139 23.05 28.84 20.73
C ARG D 139 24.38 28.18 20.36
N ASN D 140 25.20 27.88 21.38
CA ASN D 140 26.52 27.29 21.17
C ASN D 140 26.51 25.78 20.90
N ALA D 141 25.34 25.11 20.97
CA ALA D 141 25.28 23.65 20.94
C ALA D 141 25.47 23.14 19.52
N PRO D 142 26.64 22.59 19.20
CA PRO D 142 26.96 22.26 17.80
C PRO D 142 26.07 21.19 17.17
N ARG D 143 25.45 20.31 17.94
CA ARG D 143 24.67 19.20 17.42
C ARG D 143 23.18 19.51 17.29
N CYS D 144 22.75 20.74 17.60
CA CYS D 144 21.33 21.12 17.56
C CYS D 144 21.00 21.82 16.25
N VAL D 145 20.19 21.16 15.41
CA VAL D 145 19.65 21.78 14.20
C VAL D 145 18.56 22.81 14.47
N GLY D 146 17.97 22.83 15.67
CA GLY D 146 16.86 23.75 15.96
C GLY D 146 17.23 25.15 16.45
N ARG D 147 18.50 25.53 16.31
CA ARG D 147 18.99 26.77 16.92
C ARG D 147 18.48 28.06 16.27
N ILE D 148 17.71 28.03 15.18
CA ILE D 148 17.09 29.27 14.70
C ILE D 148 16.28 29.90 15.84
N GLN D 149 15.76 29.06 16.74
CA GLN D 149 14.86 29.42 17.84
C GLN D 149 15.59 29.87 19.11
N TRP D 150 16.92 30.01 19.09
CA TRP D 150 17.67 30.07 20.36
C TRP D 150 17.30 31.28 21.22
N GLY D 151 16.93 32.40 20.62
CA GLY D 151 16.54 33.56 21.40
C GLY D 151 15.22 33.40 22.12
N LYS D 152 14.38 32.45 21.69
CA LYS D 152 13.06 32.25 22.27
C LYS D 152 13.13 31.04 23.21
N LEU D 153 13.53 31.31 24.46
CA LEU D 153 13.67 30.28 25.48
C LEU D 153 13.12 30.84 26.78
N GLN D 154 12.17 30.14 27.39
CA GLN D 154 11.65 30.53 28.69
C GLN D 154 12.52 29.89 29.76
N VAL D 155 13.10 30.70 30.63
CA VAL D 155 14.05 30.24 31.64
C VAL D 155 13.35 30.30 32.99
N PHE D 156 13.19 29.15 33.65
CA PHE D 156 12.62 29.08 34.99
C PHE D 156 13.76 28.98 35.98
N ASP D 157 13.79 29.90 36.94
CA ASP D 157 14.90 29.95 37.89
C ASP D 157 14.48 29.18 39.13
N ALA D 158 14.96 27.92 39.25
CA ALA D 158 14.71 27.14 40.45
C ALA D 158 15.96 26.98 41.30
N ARG D 159 16.86 27.97 41.26
CA ARG D 159 18.10 27.86 42.03
C ARG D 159 17.88 27.97 43.53
N ASP D 160 16.65 28.19 43.98
CA ASP D 160 16.32 28.19 45.39
C ASP D 160 15.74 26.84 45.85
N CYS D 161 15.63 25.89 44.93
CA CYS D 161 15.03 24.60 45.25
C CYS D 161 15.72 23.94 46.45
N ARG D 162 14.92 23.41 47.35
CA ARG D 162 15.41 22.89 48.62
C ARG D 162 15.43 21.37 48.70
N SER D 163 14.53 20.69 47.99
CA SER D 163 14.35 19.27 48.19
C SER D 163 13.99 18.63 46.87
N ALA D 164 13.95 17.29 46.88
CA ALA D 164 13.48 16.57 45.72
C ALA D 164 12.00 16.79 45.51
N GLN D 165 11.25 17.06 46.60
CA GLN D 165 9.81 17.28 46.45
C GLN D 165 9.52 18.62 45.78
N GLU D 166 10.24 19.67 46.19
CA GLU D 166 10.17 20.93 45.46
C GLU D 166 10.63 20.75 44.02
N MET D 167 11.69 19.96 43.82
CA MET D 167 12.20 19.69 42.48
C MET D 167 11.10 19.14 41.59
N PHE D 168 10.39 18.12 42.08
CA PHE D 168 9.26 17.54 41.37
C PHE D 168 8.24 18.60 40.94
N THR D 169 7.83 19.47 41.87
CA THR D 169 6.82 20.47 41.55
C THR D 169 7.28 21.42 40.46
N TYR D 170 8.54 21.86 40.53
CA TYR D 170 9.12 22.67 39.47
C TYR D 170 9.07 21.95 38.12
N ILE D 171 9.34 20.65 38.13
CA ILE D 171 9.39 19.87 36.88
C ILE D 171 8.00 19.74 36.28
N CYS D 172 7.01 19.40 37.11
CA CYS D 172 5.62 19.35 36.68
C CYS D 172 5.19 20.67 36.05
N ASN D 173 5.61 21.79 36.65
CA ASN D 173 5.22 23.07 36.07
C ASN D 173 5.96 23.36 34.77
N HIS D 174 7.24 22.99 34.68
CA HIS D 174 7.94 22.99 33.40
C HIS D 174 7.14 22.23 32.34
N ILE D 175 6.78 20.98 32.63
CA ILE D 175 6.12 20.13 31.62
C ILE D 175 4.80 20.76 31.20
N LYS D 176 4.06 21.30 32.17
CA LYS D 176 2.79 21.96 31.87
C LYS D 176 3.01 23.17 30.96
N TYR D 177 3.93 24.06 31.34
CA TYR D 177 4.14 25.25 30.53
C TYR D 177 4.58 24.87 29.12
N ALA D 178 5.57 23.99 29.02
CA ALA D 178 6.17 23.66 27.73
C ALA D 178 5.17 22.97 26.82
N THR D 179 4.37 22.08 27.38
CA THR D 179 3.43 21.34 26.55
C THR D 179 2.34 22.25 26.00
N ASN D 180 1.70 23.04 26.86
CA ASN D 180 0.75 24.08 26.43
C ASN D 180 -0.31 23.50 25.50
N ARG D 181 -0.85 22.34 25.91
CA ARG D 181 -1.93 21.64 25.22
C ARG D 181 -1.56 21.29 23.78
N GLY D 182 -0.27 21.05 23.52
CA GLY D 182 0.19 20.66 22.19
C GLY D 182 0.86 21.77 21.40
N ASN D 183 0.67 23.03 21.80
CA ASN D 183 1.37 24.15 21.18
C ASN D 183 2.64 24.38 21.97
N LEU D 184 3.71 23.69 21.56
CA LEU D 184 4.88 23.55 22.41
C LEU D 184 5.71 24.83 22.47
N ARG D 185 6.21 25.13 23.67
CA ARG D 185 7.06 26.28 23.94
C ARG D 185 8.39 25.82 24.52
N SER D 186 9.48 26.39 24.02
CA SER D 186 10.82 26.02 24.48
C SER D 186 11.07 26.54 25.89
N ALA D 187 11.69 25.72 26.73
CA ALA D 187 11.89 26.15 28.12
C ALA D 187 13.08 25.42 28.75
N ILE D 188 13.62 26.00 29.82
CA ILE D 188 14.59 25.32 30.65
C ILE D 188 14.33 25.72 32.11
N THR D 189 14.47 24.76 33.01
CA THR D 189 14.39 25.00 34.45
C THR D 189 15.78 24.75 35.03
N VAL D 190 16.32 25.74 35.75
CA VAL D 190 17.71 25.65 36.22
C VAL D 190 17.65 25.43 37.73
N PHE D 191 18.07 24.25 38.16
CA PHE D 191 18.15 23.92 39.58
C PHE D 191 19.48 24.38 40.15
N PRO D 192 19.66 24.36 41.48
CA PRO D 192 20.85 24.97 42.08
C PRO D 192 22.15 24.40 41.54
N GLN D 193 23.16 25.26 41.49
CA GLN D 193 24.48 24.93 40.94
C GLN D 193 25.27 24.00 41.87
N ARG D 194 26.23 23.31 41.27
CA ARG D 194 27.26 22.63 42.03
C ARG D 194 27.97 23.63 42.93
N CYS D 195 28.19 23.25 44.18
CA CYS D 195 28.84 24.17 45.08
C CYS D 195 29.61 23.39 46.13
N PRO D 196 30.65 23.98 46.71
CA PRO D 196 31.42 23.27 47.73
C PRO D 196 30.57 22.97 48.96
N GLY D 197 30.78 21.79 49.52
CA GLY D 197 30.12 21.39 50.74
C GLY D 197 28.83 20.63 50.55
N ARG D 198 28.30 20.58 49.34
CA ARG D 198 26.99 20.02 49.07
C ARG D 198 27.11 19.05 47.90
N GLY D 199 26.38 17.94 47.98
CA GLY D 199 26.17 17.11 46.81
C GLY D 199 25.32 17.83 45.76
N ASP D 200 25.19 17.19 44.61
CA ASP D 200 24.49 17.76 43.46
C ASP D 200 23.00 17.44 43.49
N PHE D 201 22.20 18.33 42.91
CA PHE D 201 20.89 17.95 42.42
C PHE D 201 21.07 17.17 41.12
N ARG D 202 20.34 16.07 40.97
CA ARG D 202 20.38 15.34 39.69
C ARG D 202 19.01 14.76 39.37
N ILE D 203 18.70 14.77 38.08
CA ILE D 203 17.59 13.97 37.55
C ILE D 203 18.22 12.73 36.92
N TRP D 204 17.82 11.55 37.39
CA TRP D 204 18.47 10.33 36.93
C TRP D 204 18.00 9.94 35.53
N ASN D 205 16.75 10.25 35.21
CA ASN D 205 16.17 10.02 33.88
C ASN D 205 16.90 10.83 32.82
N SER D 206 17.07 10.24 31.63
CA SER D 206 17.74 10.96 30.55
C SER D 206 16.83 12.01 29.91
N GLN D 207 15.51 11.77 29.92
CA GLN D 207 14.48 12.72 29.54
C GLN D 207 13.34 12.67 30.55
N LEU D 208 12.59 13.77 30.65
CA LEU D 208 11.45 13.80 31.58
C LEU D 208 10.38 12.77 31.20
N VAL D 209 10.16 12.56 29.91
CA VAL D 209 9.23 11.53 29.44
C VAL D 209 10.04 10.49 28.69
N ARG D 210 9.88 9.24 29.09
CA ARG D 210 10.59 8.10 28.51
C ARG D 210 9.76 6.85 28.72
N TYR D 211 9.86 5.92 27.78
CA TYR D 211 9.13 4.67 27.85
C TYR D 211 9.99 3.60 28.52
N ALA D 212 9.37 2.84 29.42
CA ALA D 212 10.02 1.70 30.04
C ALA D 212 10.60 0.75 29.00
N GLY D 213 11.74 0.14 29.35
CA GLY D 213 12.35 -0.98 28.64
C GLY D 213 12.54 -2.16 29.57
N TYR D 214 11.78 -3.23 29.35
CA TYR D 214 11.83 -4.42 30.20
C TYR D 214 12.63 -5.51 29.50
N ARG D 215 13.81 -5.82 30.03
CA ARG D 215 14.52 -7.02 29.59
C ARG D 215 13.63 -8.24 29.81
N GLN D 216 13.56 -9.09 28.79
CA GLN D 216 12.62 -10.20 28.82
C GLN D 216 13.30 -11.45 29.36
N GLN D 217 12.54 -12.55 29.39
CA GLN D 217 13.05 -13.87 29.72
C GLN D 217 13.43 -14.56 28.41
N ASP D 218 14.57 -14.13 27.87
CA ASP D 218 15.28 -14.77 26.77
C ASP D 218 16.48 -13.92 26.36
N GLY D 219 16.39 -12.61 26.61
CA GLY D 219 17.44 -11.68 26.24
C GLY D 219 16.93 -10.43 25.55
N SER D 220 15.65 -10.45 25.15
CA SER D 220 15.09 -9.33 24.42
C SER D 220 14.48 -8.30 25.38
N VAL D 221 14.00 -7.20 24.79
CA VAL D 221 13.43 -6.08 25.53
C VAL D 221 12.00 -5.85 25.05
N ARG D 222 11.10 -5.58 26.00
CA ARG D 222 9.75 -5.12 25.71
C ARG D 222 9.69 -3.62 26.01
N GLY D 223 9.34 -2.82 25.01
CA GLY D 223 9.39 -1.38 25.17
C GLY D 223 10.65 -0.79 24.55
N ASP D 224 11.22 0.24 25.18
CA ASP D 224 12.33 0.94 24.57
C ASP D 224 13.66 0.41 25.12
N PRO D 225 14.48 -0.25 24.30
CA PRO D 225 15.79 -0.73 24.78
C PRO D 225 16.70 0.36 25.33
N ALA D 226 16.62 1.61 24.84
CA ALA D 226 17.47 2.66 25.36
C ALA D 226 17.28 2.89 26.86
N ASN D 227 16.17 2.45 27.43
CA ASN D 227 15.80 2.81 28.80
C ASN D 227 15.83 1.61 29.74
N VAL D 228 16.55 0.54 29.40
CA VAL D 228 16.56 -0.63 30.27
C VAL D 228 17.20 -0.29 31.63
N GLU D 229 18.33 0.42 31.63
CA GLU D 229 19.04 0.70 32.87
C GLU D 229 18.19 1.55 33.81
N ILE D 230 17.65 2.66 33.32
CA ILE D 230 16.80 3.51 34.17
C ILE D 230 15.54 2.77 34.61
N THR D 231 15.00 1.89 33.77
CA THR D 231 13.82 1.12 34.16
C THR D 231 14.14 0.18 35.33
N GLU D 232 15.30 -0.48 35.27
CA GLU D 232 15.66 -1.37 36.37
C GLU D 232 15.91 -0.58 37.65
N LEU D 233 16.49 0.62 37.54
CA LEU D 233 16.70 1.45 38.73
C LEU D 233 15.38 1.91 39.33
N CYS D 234 14.36 2.11 38.50
CA CYS D 234 13.06 2.52 39.00
C CYS D 234 12.41 1.40 39.79
N ILE D 235 12.40 0.19 39.23
CA ILE D 235 11.86 -0.97 39.93
C ILE D 235 12.58 -1.17 41.26
N GLN D 236 13.92 -1.21 41.22
CA GLN D 236 14.71 -1.39 42.44
C GLN D 236 14.50 -0.28 43.45
N HIS D 237 13.92 0.85 43.05
CA HIS D 237 13.56 1.93 43.97
C HIS D 237 12.06 1.97 44.25
N GLY D 238 11.36 0.86 44.02
CA GLY D 238 10.00 0.73 44.47
C GLY D 238 8.93 1.02 43.44
N TRP D 239 9.29 1.13 42.16
CA TRP D 239 8.28 1.28 41.13
C TRP D 239 7.72 -0.08 40.79
N THR D 240 6.40 -0.17 40.73
CA THR D 240 5.72 -1.37 40.27
C THR D 240 5.64 -1.32 38.74
N PRO D 241 6.42 -2.13 38.05
CA PRO D 241 6.47 -2.04 36.58
C PRO D 241 5.19 -2.53 35.93
N GLY D 242 4.97 -2.08 34.71
CA GLY D 242 3.98 -2.65 33.83
C GLY D 242 4.59 -3.71 32.94
N ASN D 243 3.90 -3.99 31.82
CA ASN D 243 4.40 -4.93 30.84
C ASN D 243 4.07 -4.47 29.42
N GLY D 244 3.75 -3.20 29.23
CA GLY D 244 3.49 -2.66 27.91
C GLY D 244 4.74 -2.13 27.24
N ARG D 245 4.57 -1.79 25.96
CA ARG D 245 5.64 -1.23 25.13
C ARG D 245 5.80 0.27 25.29
N PHE D 246 4.81 0.97 25.85
CA PHE D 246 4.84 2.41 25.94
C PHE D 246 4.44 2.85 27.35
N ASP D 247 5.11 2.29 28.35
CA ASP D 247 4.85 2.63 29.75
C ASP D 247 5.71 3.80 30.16
N VAL D 248 5.08 4.92 30.53
CA VAL D 248 5.82 6.11 30.91
C VAL D 248 6.50 5.87 32.24
N LEU D 249 7.82 6.11 32.29
CA LEU D 249 8.61 5.87 33.51
C LEU D 249 8.37 6.95 34.56
N PRO D 250 8.42 6.59 35.83
CA PRO D 250 8.49 7.61 36.89
C PRO D 250 9.80 8.37 36.84
N LEU D 251 9.85 9.47 37.60
CA LEU D 251 11.08 10.23 37.78
C LEU D 251 11.84 9.78 39.02
N LEU D 252 13.16 9.67 38.88
CA LEU D 252 14.10 9.44 39.97
C LEU D 252 14.84 10.75 40.18
N LEU D 253 14.54 11.43 41.28
CA LEU D 253 15.04 12.78 41.53
C LEU D 253 15.92 12.76 42.76
N GLN D 254 17.08 13.38 42.66
CA GLN D 254 18.10 13.30 43.69
C GLN D 254 18.40 14.70 44.22
N ALA D 255 18.15 14.90 45.51
CA ALA D 255 18.55 16.09 46.23
C ALA D 255 19.96 15.89 46.79
N PRO D 256 20.68 16.97 47.03
CA PRO D 256 22.05 16.85 47.53
C PRO D 256 22.14 15.93 48.73
N ASP D 257 23.02 14.93 48.62
CA ASP D 257 23.40 14.04 49.73
C ASP D 257 22.23 13.17 50.18
N GLU D 258 21.31 12.89 49.27
CA GLU D 258 20.16 12.03 49.52
C GLU D 258 20.12 10.92 48.47
N PRO D 259 19.56 9.76 48.82
CA PRO D 259 19.20 8.78 47.81
C PRO D 259 18.19 9.39 46.85
N PRO D 260 18.10 8.89 45.61
CA PRO D 260 17.05 9.37 44.71
C PRO D 260 15.67 9.00 45.25
N GLU D 261 14.71 9.86 44.96
CA GLU D 261 13.32 9.66 45.33
C GLU D 261 12.50 9.42 44.07
N LEU D 262 11.58 8.45 44.13
CA LEU D 262 10.71 8.10 43.01
C LEU D 262 9.46 8.98 43.00
N PHE D 263 9.13 9.53 41.84
CA PHE D 263 7.92 10.34 41.67
C PHE D 263 7.20 9.92 40.39
N LEU D 264 5.89 9.73 40.50
CA LEU D 264 5.05 9.40 39.35
C LEU D 264 4.58 10.68 38.68
N LEU D 265 4.66 10.74 37.36
CA LEU D 265 4.15 11.91 36.67
C LEU D 265 2.63 11.84 36.60
N PRO D 266 1.93 12.91 36.95
CA PRO D 266 0.47 12.93 36.79
C PRO D 266 0.11 12.63 35.34
N PRO D 267 -0.63 11.55 35.09
CA PRO D 267 -1.00 11.17 33.72
C PRO D 267 -1.48 12.33 32.85
N GLU D 268 -2.24 13.26 33.45
CA GLU D 268 -2.78 14.39 32.69
C GLU D 268 -1.70 15.34 32.19
N LEU D 269 -0.49 15.28 32.76
CA LEU D 269 0.57 16.16 32.30
C LEU D 269 1.28 15.62 31.06
N VAL D 270 1.18 14.32 30.80
CA VAL D 270 2.00 13.65 29.78
C VAL D 270 1.14 13.51 28.52
N LEU D 271 1.30 14.48 27.61
CA LEU D 271 0.59 14.45 26.33
C LEU D 271 1.27 13.44 25.40
N GLU D 272 0.48 12.53 24.83
CA GLU D 272 0.98 11.55 23.89
C GLU D 272 0.14 11.59 22.62
N VAL D 273 0.69 10.95 21.58
CA VAL D 273 0.16 10.98 20.23
C VAL D 273 0.10 9.56 19.70
N PRO D 274 -1.08 8.95 19.56
CA PRO D 274 -1.16 7.66 18.88
C PRO D 274 -0.77 7.83 17.42
N LEU D 275 -0.04 6.85 16.89
CA LEU D 275 0.48 6.96 15.53
C LEU D 275 -0.47 6.27 14.57
N GLU D 276 -0.88 7.01 13.55
CA GLU D 276 -1.65 6.45 12.45
C GLU D 276 -1.09 7.00 11.15
N HIS D 277 -1.43 6.35 10.05
CA HIS D 277 -0.93 6.72 8.74
C HIS D 277 -2.09 7.21 7.87
N PRO D 278 -1.89 8.29 7.09
CA PRO D 278 -3.05 8.91 6.44
C PRO D 278 -3.70 8.01 5.42
N THR D 279 -2.96 7.10 4.83
CA THR D 279 -3.54 6.21 3.85
C THR D 279 -3.33 4.73 4.15
N LEU D 280 -2.46 4.34 5.04
CA LEU D 280 -2.31 2.92 5.38
C LEU D 280 -3.10 2.66 6.66
N GLU D 281 -4.34 2.18 6.52
CA GLU D 281 -5.24 2.12 7.68
C GLU D 281 -4.80 1.08 8.71
N TRP D 282 -4.08 0.04 8.28
CA TRP D 282 -3.61 -0.97 9.23
C TRP D 282 -2.54 -0.41 10.17
N PHE D 283 -1.97 0.76 9.86
CA PHE D 283 -0.87 1.27 10.67
C PHE D 283 -1.33 1.54 12.09
N ALA D 284 -2.57 2.00 12.25
CA ALA D 284 -3.10 2.27 13.58
C ALA D 284 -3.17 1.01 14.42
N ALA D 285 -3.35 -0.17 13.79
CA ALA D 285 -3.38 -1.40 14.57
C ALA D 285 -2.00 -1.81 15.08
N LEU D 286 -0.93 -1.13 14.66
CA LEU D 286 0.38 -1.37 15.28
C LEU D 286 0.42 -0.92 16.73
N GLY D 287 -0.51 -0.07 17.14
CA GLY D 287 -0.51 0.39 18.52
C GLY D 287 0.67 1.25 18.91
N LEU D 288 1.33 1.89 17.96
CA LEU D 288 2.46 2.74 18.30
C LEU D 288 1.99 4.08 18.83
N ARG D 289 2.82 4.69 19.69
CA ARG D 289 2.58 6.00 20.28
C ARG D 289 3.92 6.67 20.47
N TRP D 290 3.91 7.99 20.55
CA TRP D 290 5.08 8.70 21.06
C TRP D 290 4.57 9.88 21.86
N TYR D 291 5.45 10.46 22.67
CA TYR D 291 5.05 11.56 23.53
C TYR D 291 5.36 12.90 22.84
N ALA D 292 4.63 13.93 23.28
CA ALA D 292 4.69 15.25 22.65
C ALA D 292 6.00 15.97 22.95
N LEU D 293 6.49 15.86 24.19
CA LEU D 293 7.46 16.81 24.71
C LEU D 293 8.82 16.16 24.84
N PRO D 294 9.81 16.54 24.03
CA PRO D 294 11.17 16.03 24.25
C PRO D 294 11.84 16.93 25.28
N ALA D 295 12.13 16.36 26.46
CA ALA D 295 12.69 17.15 27.56
C ALA D 295 13.95 16.50 28.13
N VAL D 296 15.11 16.95 27.66
CA VAL D 296 16.39 16.34 28.06
C VAL D 296 16.75 16.79 29.47
N SER D 297 17.05 15.84 30.33
CA SER D 297 17.20 16.11 31.74
C SER D 297 18.50 15.61 32.35
N ASN D 298 19.42 15.08 31.55
CA ASN D 298 20.66 14.55 32.11
C ASN D 298 21.92 15.28 31.61
N MET D 299 21.78 16.43 30.94
CA MET D 299 22.96 17.19 30.53
C MET D 299 23.33 18.24 31.58
N LEU D 300 24.62 18.62 31.57
CA LEU D 300 25.14 19.62 32.49
C LEU D 300 25.21 20.98 31.79
N LEU D 301 24.64 21.99 32.44
CA LEU D 301 24.69 23.36 31.94
C LEU D 301 25.87 24.07 32.60
N GLU D 302 26.77 24.61 31.79
CA GLU D 302 27.94 25.32 32.30
C GLU D 302 27.85 26.78 31.87
N ILE D 303 27.85 27.70 32.83
CA ILE D 303 27.84 29.12 32.54
C ILE D 303 28.94 29.77 33.39
N GLY D 304 29.92 30.39 32.74
CA GLY D 304 30.96 31.15 33.45
C GLY D 304 31.69 30.37 34.52
N GLY D 305 32.06 29.12 34.22
CA GLY D 305 32.70 28.26 35.19
C GLY D 305 31.76 27.58 36.16
N LEU D 306 30.54 28.08 36.32
CA LEU D 306 29.59 27.43 37.20
C LEU D 306 28.94 26.25 36.50
N GLU D 307 28.61 25.22 37.27
CA GLU D 307 28.07 24.00 36.72
C GLU D 307 26.69 23.73 37.30
N PHE D 308 25.71 23.48 36.43
CA PHE D 308 24.35 23.15 36.83
C PHE D 308 24.07 21.71 36.39
N PRO D 309 24.35 20.73 37.26
CA PRO D 309 24.11 19.31 36.89
C PRO D 309 22.66 18.97 36.62
N ALA D 310 21.70 19.74 37.14
CA ALA D 310 20.27 19.51 36.90
C ALA D 310 19.70 20.75 36.23
N ALA D 311 19.41 20.68 34.93
CA ALA D 311 18.81 21.79 34.22
C ALA D 311 18.05 21.28 33.01
N PRO D 312 16.89 20.65 33.20
CA PRO D 312 16.15 20.06 32.07
C PRO D 312 15.71 21.13 31.09
N PHE D 313 15.84 20.82 29.78
CA PHE D 313 15.40 21.73 28.73
C PHE D 313 14.50 20.99 27.76
N SER D 314 13.57 21.71 27.15
CA SER D 314 12.61 21.09 26.24
C SER D 314 12.31 22.03 25.08
N GLY D 315 11.98 21.41 23.95
CA GLY D 315 11.57 22.14 22.77
C GLY D 315 10.45 21.40 22.10
N TRP D 316 10.66 21.01 20.85
CA TRP D 316 9.72 20.12 20.19
C TRP D 316 10.55 19.20 19.30
N TYR D 317 9.88 18.18 18.78
CA TYR D 317 10.56 17.17 17.98
C TYR D 317 10.74 17.60 16.54
N MET D 318 11.85 17.14 15.94
CA MET D 318 11.93 16.92 14.50
C MET D 318 11.50 15.49 14.20
N SER D 319 10.69 15.31 13.14
CA SER D 319 9.98 14.04 12.96
C SER D 319 10.93 12.86 12.76
N THR D 320 12.11 13.08 12.17
CA THR D 320 13.06 11.98 11.99
C THR D 320 13.56 11.42 13.32
N GLU D 321 13.61 12.22 14.39
CA GLU D 321 14.01 11.64 15.67
C GLU D 321 13.09 10.50 16.04
N ILE D 322 11.78 10.68 15.83
CA ILE D 322 10.80 9.69 16.24
C ILE D 322 10.68 8.62 15.17
N GLY D 323 10.46 9.06 13.94
CA GLY D 323 10.08 8.13 12.88
C GLY D 323 11.26 7.30 12.38
N THR D 324 12.44 7.89 12.32
CA THR D 324 13.60 7.12 11.85
C THR D 324 14.36 6.49 13.01
N ARG D 325 14.93 7.30 13.90
CA ARG D 325 15.80 6.74 14.93
C ARG D 325 15.01 5.95 15.98
N ASN D 326 14.03 6.58 16.63
CA ASN D 326 13.41 5.92 17.78
C ASN D 326 12.66 4.67 17.36
N LEU D 327 12.00 4.72 16.20
CA LEU D 327 11.20 3.58 15.77
C LEU D 327 11.96 2.59 14.89
N CYS D 328 12.94 3.03 14.11
CA CYS D 328 13.56 2.16 13.12
C CYS D 328 15.00 1.75 13.40
N ASP D 329 15.69 2.36 14.38
CA ASP D 329 17.01 1.86 14.74
C ASP D 329 16.93 0.38 15.10
N PRO D 330 17.89 -0.45 14.68
CA PRO D 330 17.85 -1.87 15.05
C PRO D 330 17.86 -2.06 16.55
N HIS D 331 18.50 -1.16 17.28
CA HIS D 331 18.66 -1.27 18.72
C HIS D 331 17.63 -0.42 19.47
N ARG D 332 16.59 0.05 18.80
CA ARG D 332 15.45 0.67 19.48
C ARG D 332 14.18 -0.14 19.23
N TYR D 333 13.06 0.49 18.82
CA TYR D 333 11.84 -0.27 18.63
C TYR D 333 11.91 -1.20 17.42
N ASN D 334 12.76 -0.91 16.44
CA ASN D 334 13.11 -1.86 15.36
C ASN D 334 11.86 -2.34 14.62
N ILE D 335 11.04 -1.39 14.17
CA ILE D 335 9.77 -1.76 13.55
C ILE D 335 9.85 -1.87 12.02
N LEU D 336 11.02 -1.64 11.43
CA LEU D 336 11.10 -1.41 10.00
C LEU D 336 10.64 -2.64 9.21
N GLU D 337 11.09 -3.84 9.60
CA GLU D 337 10.74 -5.00 8.80
C GLU D 337 9.26 -5.32 8.92
N ASP D 338 8.70 -5.15 10.12
CA ASP D 338 7.28 -5.41 10.29
C ASP D 338 6.42 -4.47 9.43
N VAL D 339 6.79 -3.19 9.37
CA VAL D 339 6.05 -2.26 8.50
C VAL D 339 6.22 -2.64 7.03
N ALA D 340 7.45 -3.03 6.64
CA ALA D 340 7.71 -3.41 5.25
C ALA D 340 6.89 -4.63 4.82
N VAL D 341 6.81 -5.65 5.69
CA VAL D 341 6.00 -6.82 5.38
C VAL D 341 4.53 -6.41 5.24
N CYS D 342 4.01 -5.63 6.19
CA CYS D 342 2.64 -5.14 6.08
C CYS D 342 2.43 -4.33 4.80
N MET D 343 3.45 -3.60 4.35
CA MET D 343 3.36 -2.88 3.07
C MET D 343 3.45 -3.81 1.87
N ASP D 344 3.56 -5.11 2.09
CA ASP D 344 3.77 -6.09 1.03
C ASP D 344 4.95 -5.70 0.14
N LEU D 345 6.05 -5.27 0.76
CA LEU D 345 7.30 -5.09 0.05
C LEU D 345 8.09 -6.39 0.03
N ASP D 346 8.97 -6.51 -0.96
CA ASP D 346 9.83 -7.69 -1.10
C ASP D 346 11.06 -7.48 -0.24
N THR D 347 11.07 -8.11 0.93
CA THR D 347 12.16 -7.96 1.88
C THR D 347 13.29 -8.96 1.67
N ARG D 348 13.22 -9.78 0.61
CA ARG D 348 14.28 -10.76 0.36
C ARG D 348 15.53 -10.11 -0.24
N THR D 349 15.37 -8.99 -0.93
CA THR D 349 16.46 -8.39 -1.68
C THR D 349 16.59 -6.92 -1.26
N THR D 350 17.82 -6.51 -0.93
CA THR D 350 18.05 -5.13 -0.55
C THR D 350 17.74 -4.15 -1.67
N SER D 351 17.80 -4.62 -2.93
CA SER D 351 17.72 -3.73 -4.08
C SER D 351 16.29 -3.29 -4.37
N SER D 352 15.29 -3.93 -3.78
CA SER D 352 13.94 -3.36 -3.81
C SER D 352 13.83 -2.08 -2.98
N LEU D 353 14.85 -1.75 -2.19
CA LEU D 353 14.86 -0.56 -1.32
C LEU D 353 13.66 -0.56 -0.37
N TRP D 354 13.32 -1.76 0.12
CA TRP D 354 12.17 -1.87 1.01
C TRP D 354 12.38 -1.12 2.31
N LYS D 355 13.61 -1.10 2.82
CA LYS D 355 13.89 -0.36 4.03
C LYS D 355 13.59 1.12 3.85
N ASP D 356 14.07 1.70 2.73
CA ASP D 356 13.86 3.11 2.46
C ASP D 356 12.37 3.42 2.31
N LYS D 357 11.64 2.53 1.62
CA LYS D 357 10.21 2.76 1.41
C LYS D 357 9.44 2.74 2.73
N ALA D 358 9.65 1.70 3.56
CA ALA D 358 8.96 1.64 4.84
C ALA D 358 9.34 2.80 5.75
N ALA D 359 10.63 3.18 5.76
CA ALA D 359 11.04 4.30 6.62
C ALA D 359 10.32 5.59 6.22
N VAL D 360 10.13 5.81 4.93
CA VAL D 360 9.46 7.04 4.50
C VAL D 360 8.03 7.07 5.02
N GLU D 361 7.32 5.93 4.96
CA GLU D 361 5.92 5.95 5.41
C GLU D 361 5.83 6.06 6.92
N ILE D 362 6.81 5.53 7.66
CA ILE D 362 6.79 5.69 9.13
C ILE D 362 6.96 7.17 9.50
N ASN D 363 7.80 7.87 8.75
CA ASN D 363 7.98 9.30 8.98
C ASN D 363 6.74 10.09 8.59
N VAL D 364 6.09 9.72 7.47
CA VAL D 364 4.79 10.30 7.13
C VAL D 364 3.79 10.08 8.27
N ALA D 365 3.72 8.85 8.81
CA ALA D 365 2.77 8.57 9.90
C ALA D 365 3.01 9.48 11.10
N VAL D 366 4.28 9.70 11.48
CA VAL D 366 4.59 10.60 12.57
C VAL D 366 4.11 12.02 12.30
N LEU D 367 4.45 12.58 11.12
CA LEU D 367 4.06 13.97 10.84
C LEU D 367 2.54 14.10 10.80
N HIS D 368 1.87 13.19 10.08
CA HIS D 368 0.41 13.20 10.04
C HIS D 368 -0.20 13.08 11.43
N SER D 369 0.37 12.24 12.29
CA SER D 369 -0.27 12.00 13.56
C SER D 369 -0.07 13.18 14.50
N TYR D 370 1.13 13.76 14.51
CA TYR D 370 1.33 14.96 15.33
C TYR D 370 0.51 16.13 14.80
N GLN D 371 0.39 16.26 13.47
CA GLN D 371 -0.44 17.32 12.93
C GLN D 371 -1.92 17.09 13.24
N LEU D 372 -2.36 15.83 13.17
CA LEU D 372 -3.73 15.49 13.53
C LEU D 372 -4.04 15.84 14.98
N ALA D 373 -3.09 15.53 15.87
CA ALA D 373 -3.23 15.79 17.30
C ALA D 373 -3.04 17.25 17.67
N LYS D 374 -2.63 18.10 16.71
CA LYS D 374 -2.30 19.50 16.97
C LYS D 374 -1.15 19.63 17.97
N VAL D 375 -0.10 18.86 17.73
CA VAL D 375 1.12 18.86 18.55
C VAL D 375 2.26 19.32 17.66
N THR D 376 2.96 20.38 18.08
CA THR D 376 4.08 20.95 17.34
C THR D 376 5.08 19.87 16.92
N ILE D 377 5.50 19.92 15.66
CA ILE D 377 6.53 19.03 15.15
C ILE D 377 7.07 19.67 13.88
N VAL D 378 8.34 19.39 13.56
CA VAL D 378 8.95 19.96 12.37
C VAL D 378 9.59 18.85 11.55
N ASP D 379 9.36 18.88 10.23
CA ASP D 379 9.98 17.85 9.40
C ASP D 379 11.42 18.23 9.10
N HIS D 380 12.22 17.26 8.65
CA HIS D 380 13.64 17.48 8.47
C HIS D 380 13.95 18.48 7.35
N HIS D 381 13.05 18.63 6.38
CA HIS D 381 13.29 19.62 5.33
C HIS D 381 13.13 21.04 5.86
N ALA D 382 12.06 21.30 6.59
CA ALA D 382 11.86 22.63 7.16
C ALA D 382 12.91 22.93 8.22
N ALA D 383 13.27 21.93 9.04
CA ALA D 383 14.28 22.16 10.07
C ALA D 383 15.64 22.51 9.47
N THR D 384 16.09 21.75 8.45
CA THR D 384 17.39 22.05 7.87
C THR D 384 17.37 23.35 7.07
N ALA D 385 16.25 23.71 6.42
CA ALA D 385 16.18 25.01 5.76
C ALA D 385 16.25 26.15 6.75
N SER D 386 15.68 25.99 7.94
CA SER D 386 15.80 27.04 8.94
C SER D 386 17.19 27.08 9.55
N PHE D 387 17.88 25.94 9.62
CA PHE D 387 19.24 25.96 10.14
C PHE D 387 20.17 26.69 9.20
N MET D 388 19.89 26.63 7.89
CA MET D 388 20.67 27.39 6.92
C MET D 388 20.52 28.89 7.16
N LYS D 389 19.29 29.34 7.42
CA LYS D 389 19.09 30.73 7.79
C LYS D 389 19.83 31.05 9.08
N HIS D 390 19.82 30.13 10.05
CA HIS D 390 20.57 30.33 11.28
C HIS D 390 22.05 30.53 11.02
N LEU D 391 22.66 29.69 10.16
CA LEU D 391 24.09 29.84 9.90
C LEU D 391 24.40 31.21 9.29
N GLU D 392 23.51 31.70 8.42
CA GLU D 392 23.67 33.03 7.84
C GLU D 392 23.53 34.12 8.89
N ASN D 393 22.51 34.00 9.76
CA ASN D 393 22.37 34.95 10.87
C ASN D 393 23.64 34.97 11.71
N GLU D 394 24.18 33.78 12.01
CA GLU D 394 25.33 33.69 12.91
C GLU D 394 26.62 34.17 12.24
N GLN D 395 26.74 34.01 10.93
CA GLN D 395 27.91 34.55 10.25
C GLN D 395 27.94 36.07 10.38
N LYS D 396 26.79 36.73 10.23
CA LYS D 396 26.75 38.18 10.40
C LYS D 396 26.92 38.57 11.86
N ALA D 397 26.40 37.77 12.79
CA ALA D 397 26.44 38.14 14.20
C ALA D 397 27.81 37.93 14.82
N ARG D 398 28.40 36.76 14.64
CA ARG D 398 29.58 36.35 15.38
C ARG D 398 30.73 35.91 14.51
N GLY D 399 30.56 35.85 13.19
CA GLY D 399 31.63 35.39 12.34
C GLY D 399 31.74 33.89 12.20
N GLY D 400 30.63 33.16 12.32
CA GLY D 400 30.64 31.72 12.15
C GLY D 400 29.68 31.05 13.11
N CYS D 401 29.72 29.72 13.13
CA CYS D 401 28.76 28.96 13.93
C CYS D 401 29.23 27.53 14.16
N PRO D 402 29.46 27.14 15.40
CA PRO D 402 29.90 25.75 15.67
C PRO D 402 28.82 24.75 15.29
N ALA D 403 29.17 23.78 14.45
CA ALA D 403 28.20 22.85 13.89
C ALA D 403 28.84 21.49 13.64
N ASP D 404 28.14 20.42 14.06
CA ASP D 404 28.61 19.05 13.93
C ASP D 404 27.85 18.43 12.76
N TRP D 405 28.52 18.33 11.60
CA TRP D 405 27.85 17.96 10.35
C TRP D 405 27.12 16.63 10.50
N ALA D 406 27.74 15.65 11.14
CA ALA D 406 27.15 14.32 11.24
C ALA D 406 25.86 14.30 12.04
N TRP D 407 25.69 15.26 12.96
CA TRP D 407 24.48 15.36 13.77
C TRP D 407 23.42 16.27 13.16
N ILE D 408 23.86 17.29 12.41
CA ILE D 408 23.00 18.25 11.73
C ILE D 408 22.30 17.63 10.53
N VAL D 409 23.03 16.84 9.75
CA VAL D 409 22.41 16.18 8.59
C VAL D 409 21.46 15.08 9.08
N PRO D 410 20.21 15.06 8.61
CA PRO D 410 19.21 14.12 9.13
C PRO D 410 19.55 12.69 8.77
N PRO D 411 19.01 11.73 9.53
CA PRO D 411 19.35 10.32 9.31
C PRO D 411 18.69 9.67 8.11
N ILE D 412 17.68 10.29 7.49
CA ILE D 412 17.22 9.91 6.15
C ILE D 412 17.34 11.13 5.25
N SER D 413 17.39 10.87 3.95
CA SER D 413 17.31 11.92 2.92
C SER D 413 18.37 12.99 3.10
N GLY D 414 19.54 12.63 3.60
CA GLY D 414 20.61 13.57 3.84
C GLY D 414 20.87 14.59 2.73
N SER D 415 21.20 14.13 1.51
CA SER D 415 21.56 15.10 0.47
C SER D 415 20.34 15.78 -0.15
N LEU D 416 19.13 15.40 0.23
CA LEU D 416 17.96 16.15 -0.18
C LEU D 416 17.76 17.40 0.67
N THR D 417 18.57 17.56 1.72
CA THR D 417 18.51 18.74 2.58
C THR D 417 19.71 19.66 2.32
N PRO D 418 19.55 20.96 2.50
CA PRO D 418 20.63 21.89 2.13
C PRO D 418 21.87 21.76 2.99
N VAL D 419 21.75 21.27 4.23
CA VAL D 419 22.90 21.21 5.13
C VAL D 419 23.92 20.16 4.69
N PHE D 420 23.50 19.20 3.88
CA PHE D 420 24.42 18.18 3.39
C PHE D 420 25.58 18.81 2.64
N HIS D 421 25.28 19.85 1.84
CA HIS D 421 26.22 20.47 0.93
C HIS D 421 26.93 21.66 1.54
N GLN D 422 26.78 21.84 2.85
CA GLN D 422 27.36 22.94 3.59
C GLN D 422 28.54 22.40 4.41
N GLU D 423 29.74 22.90 4.14
CA GLU D 423 30.84 22.58 5.02
C GLU D 423 30.62 23.25 6.36
N MET D 424 31.04 22.59 7.43
CA MET D 424 30.76 23.07 8.77
C MET D 424 32.01 22.95 9.61
N VAL D 425 32.12 23.82 10.63
CA VAL D 425 33.26 23.79 11.55
C VAL D 425 32.76 23.44 12.94
N ASN D 426 33.36 22.42 13.56
CA ASN D 426 32.94 21.95 14.87
C ASN D 426 33.91 22.41 15.94
N TYR D 427 33.40 23.07 16.98
CA TYR D 427 34.23 23.49 18.09
C TYR D 427 33.34 23.74 19.30
N PHE D 428 33.99 23.91 20.46
CA PHE D 428 33.30 24.05 21.75
C PHE D 428 33.37 25.50 22.21
N LEU D 429 32.20 26.12 22.35
CA LEU D 429 32.09 27.43 22.98
C LEU D 429 31.36 27.28 24.31
N SER D 430 31.71 28.17 25.28
CA SER D 430 31.01 28.26 26.56
C SER D 430 30.26 29.58 26.64
N PRO D 431 29.06 29.64 27.24
CA PRO D 431 28.27 28.62 27.96
C PRO D 431 27.85 27.43 27.11
N ALA D 432 27.51 26.31 27.76
CA ALA D 432 27.43 25.07 27.03
C ALA D 432 26.65 24.02 27.82
N PHE D 433 26.01 23.15 27.06
CA PHE D 433 25.47 21.89 27.55
C PHE D 433 26.53 20.82 27.31
N ARG D 434 26.87 20.08 28.35
CA ARG D 434 27.87 19.03 28.28
C ARG D 434 27.24 17.73 28.71
N TYR D 435 27.80 16.62 28.23
CA TYR D 435 27.47 15.34 28.81
C TYR D 435 28.13 15.22 30.19
N GLN D 436 27.58 14.34 31.01
CA GLN D 436 28.11 14.09 32.35
C GLN D 436 27.80 12.64 32.69
N PRO D 437 28.50 12.06 33.64
CA PRO D 437 28.29 10.63 33.94
C PRO D 437 26.96 10.40 34.62
N ASP D 438 26.42 9.20 34.42
CA ASP D 438 25.20 8.81 35.10
C ASP D 438 25.47 8.73 36.60
N PRO D 439 24.52 9.14 37.45
CA PRO D 439 24.80 9.21 38.88
C PRO D 439 24.95 7.84 39.52
N TRP D 440 24.45 6.78 38.91
CA TRP D 440 24.58 5.45 39.52
C TRP D 440 25.88 4.78 39.09
CHA HEM E . -34.32 -2.98 0.86
CHB HEM E . -33.53 -5.15 5.15
CHC HEM E . -37.23 -2.65 7.02
CHD HEM E . -38.34 -0.87 2.63
C1A HEM E . -33.72 -3.69 1.89
C2A HEM E . -32.40 -4.31 1.85
C3A HEM E . -32.20 -4.90 3.03
C4A HEM E . -33.36 -4.68 3.87
CMA HEM E . -30.94 -5.69 3.46
CAA HEM E . -31.39 -4.27 0.68
CBA HEM E . -30.83 -2.85 0.74
CGA HEM E . -29.51 -2.71 0.01
O1A HEM E . -28.80 -3.72 -0.14
O2A HEM E . -29.17 -1.57 -0.39
C1B HEM E . -34.45 -4.65 6.02
C2B HEM E . -34.52 -4.96 7.44
C3B HEM E . -35.54 -4.29 7.97
C4B HEM E . -36.16 -3.50 6.91
CMB HEM E . -33.58 -5.93 8.19
CAB HEM E . -35.92 -4.38 9.47
CBB HEM E . -37.14 -4.09 9.92
C1C HEM E . -37.83 -1.91 6.02
C2C HEM E . -38.91 -0.96 6.18
C3C HEM E . -39.21 -0.45 4.97
C4C HEM E . -38.35 -1.09 4.00
CMC HEM E . -39.53 -0.60 7.56
CAC HEM E . -40.30 0.57 4.57
CBC HEM E . -41.41 0.78 5.29
C1D HEM E . -37.33 -1.25 1.77
C2D HEM E . -37.18 -0.86 0.38
C3D HEM E . -36.07 -1.46 -0.10
C4D HEM E . -35.49 -2.25 0.95
CMD HEM E . -38.12 0.07 -0.40
CAD HEM E . -35.51 -1.35 -1.54
CBD HEM E . -34.63 -0.11 -1.62
CGD HEM E . -34.03 -0.02 -3.00
O1D HEM E . -34.60 -0.61 -3.95
O2D HEM E . -32.98 0.65 -3.13
NA HEM E . -34.27 -3.94 3.14
NB HEM E . -35.45 -3.75 5.73
NC HEM E . -37.52 -1.97 4.67
ND HEM E . -36.28 -2.10 2.08
FE HEM E . -36.06 -3.21 3.78
N1 H4B F . -28.13 -6.53 -3.57
C2 H4B F . -28.27 -5.73 -2.49
N2 H4B F . -28.82 -6.24 -1.35
N3 H4B F . -27.88 -4.44 -2.54
C4 H4B F . -27.33 -3.90 -3.64
O4 H4B F . -26.97 -2.70 -3.66
C4A H4B F . -27.19 -4.72 -4.76
C8A H4B F . -27.59 -6.05 -4.71
N5 H4B F . -26.65 -4.23 -5.88
N8 H4B F . -27.48 -6.86 -5.78
C6 H4B F . -26.96 -4.91 -7.13
C7 H4B F . -26.83 -6.42 -6.99
C9 H4B F . -26.07 -4.39 -8.26
O9 H4B F . -24.68 -4.46 -7.87
C10 H4B F . -26.33 -5.24 -9.50
C11 H4B F . -25.46 -4.83 -10.68
O10 H4B F . -27.71 -5.14 -9.84
C17 A1BT5 G . -30.26 2.00 0.86
C11 A1BT5 G . -31.57 -0.40 3.51
C13 A1BT5 G . -33.26 0.04 1.86
C14 A1BT5 G . -32.40 0.88 1.19
C12 A1BT5 G . -32.84 -0.61 3.01
C15 A1BT5 G . -31.13 1.08 1.67
C16 A1BT5 G . -30.69 0.46 2.84
C19 A1BT5 G . -29.48 2.23 -1.42
C20 A1BT5 G . -29.01 1.35 -2.59
C21 A1BT5 G . -28.31 2.25 -3.58
C02 A1BT5 G . -35.29 0.73 6.78
C04 A1BT5 G . -33.34 1.07 5.54
C05 A1BT5 G . -33.11 -0.24 5.94
C06 A1BT5 G . -32.00 -1.22 5.69
C22 A1BT5 G . -28.89 2.51 -4.82
C23 A1BT5 G . -28.24 3.35 -5.72
C24 A1BT5 G . -27.02 3.92 -5.40
C25 A1BT5 G . -26.44 3.66 -4.16
C26 A1BT5 G . -27.09 2.82 -3.26
C28 A1BT5 G . -26.30 6.05 -6.13
C32 A1BT5 G . -24.63 8.95 -8.27
C34 A1BT5 G . -25.58 6.85 -8.57
C35 A1BT5 G . -25.73 6.93 -7.20
N03 A1BT5 G . -34.53 1.57 6.01
N07 A1BT5 G . -31.18 -1.03 4.65
N08 A1BT5 G . -31.81 -2.21 6.44
N18 A1BT5 G . -30.34 1.46 -0.51
N27 A1BT5 G . -26.39 4.73 -6.30
N29 A1BT5 G . -26.68 6.58 -5.05
N33 A1BT5 G . -24.99 7.95 -9.13
S01 A1BT5 G . -34.45 -0.78 6.90
S31 A1BT5 G . -25.08 8.45 -6.68
C1 BTB H . -1.12 -5.42 12.40
O1 BTB H . -0.56 -4.47 11.49
C2 BTB H . -0.06 -6.44 12.76
C3 BTB H . 0.02 -7.58 11.73
O3 BTB H . 0.84 -8.70 12.17
C4 BTB H . 1.31 -5.76 12.84
O4 BTB H . 2.35 -6.65 12.40
N BTB H . -0.42 -6.99 14.08
C5 BTB H . -1.67 -7.76 14.01
C6 BTB H . -1.58 -8.98 14.93
O6 BTB H . -0.42 -9.76 14.57
C7 BTB H . -0.56 -5.88 15.02
C8 BTB H . 0.05 -6.23 16.38
O8 BTB H . 1.39 -6.73 16.22
C1 BTB I . -0.17 -3.93 -3.38
O1 BTB I . -0.47 -4.23 -2.01
C2 BTB I . -1.26 -4.52 -4.27
C3 BTB I . -2.60 -3.91 -3.91
O3 BTB I . -3.01 -4.34 -2.61
C4 BTB I . -0.99 -4.22 -5.74
O4 BTB I . -2.26 -4.01 -6.40
N BTB I . -1.27 -5.98 -4.04
C5 BTB I . 0.10 -6.50 -4.18
C6 BTB I . 0.09 -8.01 -3.98
O6 BTB I . -0.53 -8.28 -2.71
C7 BTB I . -2.15 -6.67 -5.01
C8 BTB I . -3.39 -7.21 -4.30
O8 BTB I . -3.14 -7.13 -2.89
C1 GOL J . -53.95 12.88 13.73
O1 GOL J . -52.72 13.06 13.08
C2 GOL J . -53.82 11.82 14.82
O2 GOL J . -52.94 10.80 14.39
C3 GOL J . -55.17 11.20 15.15
O3 GOL J . -55.13 9.81 14.90
C1 GOL K . -37.42 32.83 -1.10
O1 GOL K . -36.72 32.51 0.09
C2 GOL K . -38.78 33.42 -0.74
O2 GOL K . -38.60 34.61 -0.01
C3 GOL K . -39.53 32.41 0.12
O3 GOL K . -39.05 32.47 1.44
C1 GOL L . -25.96 0.63 -6.37
O1 GOL L . -27.20 0.05 -6.03
C2 GOL L . -24.88 -0.35 -6.00
O2 GOL L . -25.49 -1.50 -5.46
C3 GOL L . -23.97 0.26 -4.95
O3 GOL L . -22.73 -0.40 -4.98
CL CL M . -26.54 1.50 4.53
GD GD N . 2.11 -8.60 14.34
ZN ZN O . -35.86 -10.44 -16.56
CA CA P . 2.68 -12.76 5.60
CHA HEM Q . -21.34 -22.78 -17.04
CHB HEM Q . -16.77 -22.29 -15.56
CHC HEM Q . -15.11 -23.90 -19.79
CHD HEM Q . -19.67 -24.00 -21.41
C1A HEM Q . -20.24 -22.61 -16.23
C2A HEM Q . -20.24 -22.46 -14.78
C3A HEM Q . -18.97 -22.34 -14.38
C4A HEM Q . -18.13 -22.42 -15.56
CMA HEM Q . -18.47 -22.16 -12.93
CAA HEM Q . -21.48 -22.50 -13.87
CBA HEM Q . -21.72 -24.02 -13.77
CGA HEM Q . -22.70 -24.42 -12.70
O1A HEM Q . -22.93 -23.60 -11.76
O2A HEM Q . -23.25 -25.54 -12.79
C1B HEM Q . -15.93 -22.70 -16.57
C2B HEM Q . -14.49 -22.77 -16.48
C3B HEM Q . -14.02 -23.21 -17.64
C4B HEM Q . -15.16 -23.41 -18.52
CMB HEM Q . -13.63 -22.41 -15.27
CAB HEM Q . -12.52 -23.42 -17.92
CBB HEM Q . -12.03 -23.46 -19.19
C1C HEM Q . -16.21 -24.14 -20.56
C2C HEM Q . -16.21 -24.80 -21.84
C3C HEM Q . -17.48 -24.83 -22.27
C4C HEM Q . -18.32 -24.16 -21.29
CMC HEM Q . -14.94 -25.40 -22.51
CAC HEM Q . -18.08 -25.38 -23.57
CBC HEM Q . -17.33 -25.68 -24.64
C1D HEM Q . -20.53 -23.69 -20.37
C2D HEM Q . -21.98 -23.60 -20.45
C3D HEM Q . -22.43 -23.26 -19.24
C4D HEM Q . -21.29 -23.12 -18.37
CMD HEM Q . -22.85 -23.87 -21.71
CAD HEM Q . -23.90 -23.07 -18.82
CBD HEM Q . -24.35 -24.36 -18.14
CGD HEM Q . -25.81 -24.27 -17.75
O1D HEM Q . -26.51 -23.35 -18.26
O2D HEM Q . -26.26 -25.12 -16.94
NA HEM Q . -18.93 -22.59 -16.66
NB HEM Q . -16.32 -23.09 -17.84
NC HEM Q . -17.51 -23.75 -20.26
ND HEM Q . -20.14 -23.37 -19.10
FE HEM Q . -18.25 -22.89 -18.53
N1 H4B R . -25.39 -20.01 -10.27
C2 H4B R . -24.58 -21.00 -10.67
N2 H4B R . -23.33 -20.70 -11.12
N3 H4B R . -24.99 -22.28 -10.61
C4 H4B R . -26.22 -22.60 -10.15
O4 H4B R . -26.58 -23.79 -10.11
C4A H4B R . -27.07 -21.57 -9.75
C8A H4B R . -26.63 -20.27 -9.81
N5 H4B R . -28.30 -21.85 -9.28
N8 H4B R . -27.41 -19.22 -9.41
C6 H4B R . -29.29 -20.80 -9.36
C7 H4B R . -28.74 -19.45 -8.86
C9 H4B R . -30.59 -21.19 -8.65
O9 H4B R . -30.37 -21.63 -7.30
C10 H4B R . -31.52 -19.99 -8.66
C11 H4B R . -32.90 -20.33 -8.07
O10 H4B R . -31.63 -19.57 -10.02
C17 A1BT5 S . -23.14 -28.43 -14.75
C11 A1BT5 S . -19.72 -26.79 -15.25
C13 A1BT5 S . -21.26 -26.11 -16.99
C14 A1BT5 S . -22.23 -26.90 -16.40
C12 A1BT5 S . -20.01 -26.03 -16.39
C15 A1BT5 S . -21.97 -27.64 -15.28
C16 A1BT5 S . -20.71 -27.59 -14.68
C19 A1BT5 S . -25.57 -28.03 -14.50
C20 A1BT5 S . -26.62 -27.04 -13.99
C21 A1BT5 S . -27.89 -27.80 -13.67
C02 A1BT5 S . -16.54 -27.43 -18.98
C04 A1BT5 S . -17.96 -28.13 -17.29
C05 A1BT5 S . -17.25 -27.15 -16.61
C06 A1BT5 S . -17.33 -26.56 -15.24
C22 A1BT5 S . -29.09 -27.55 -14.34
C23 A1BT5 S . -30.25 -28.29 -14.03
C24 A1BT5 S . -30.22 -29.27 -13.05
C25 A1BT5 S . -29.01 -29.50 -12.37
C26 A1BT5 S . -27.86 -28.78 -12.68
C28 A1BT5 S . -31.48 -31.23 -12.32
C32 A1BT5 S . -34.30 -34.04 -12.49
C34 A1BT5 S . -33.81 -31.96 -13.44
C35 A1BT5 S . -32.69 -32.06 -12.62
N03 A1BT5 S . -17.52 -28.29 -18.56
N07 A1BT5 S . -18.50 -26.71 -14.63
N08 A1BT5 S . -16.34 -25.96 -14.67
N18 A1BT5 S . -24.22 -27.42 -14.60
N27 A1BT5 S . -31.38 -29.96 -12.76
N29 A1BT5 S . -30.59 -31.78 -11.62
N33 A1BT5 S . -34.65 -33.04 -13.34
S01 A1BT5 S . -16.12 -26.39 -17.67
S31 A1BT5 S . -32.80 -33.57 -11.76
C1 BTB T . 1.64 -26.09 13.02
O1 BTB T . 2.62 -27.01 12.56
C2 BTB T . 0.26 -26.52 12.55
C3 BTB T . -0.56 -25.28 12.15
O3 BTB T . -1.89 -25.59 11.67
C4 BTB T . 0.43 -27.39 11.30
O4 BTB T . -0.81 -28.03 11.01
N BTB T . -0.43 -27.28 13.63
C5 BTB T . -0.56 -26.48 14.85
C6 BTB T . -2.02 -26.12 15.12
O6 BTB T . -2.81 -27.30 15.20
C7 BTB T . 0.15 -28.60 13.93
C8 BTB T . -0.80 -29.76 13.56
O8 BTB T . -2.02 -29.70 14.31
C1 BTB U . -29.59 -55.90 -32.49
O1 BTB U . -28.52 -56.63 -31.87
C2 BTB U . -29.58 -54.48 -31.92
C3 BTB U . -29.35 -54.61 -30.42
O3 BTB U . -30.35 -53.88 -29.69
C4 BTB U . -28.39 -53.70 -32.49
O4 BTB U . -27.33 -54.58 -32.86
N BTB U . -30.86 -53.75 -32.15
C5 BTB U . -32.07 -54.58 -32.09
C6 BTB U . -33.27 -53.64 -32.08
O6 BTB U . -34.49 -54.37 -32.27
C7 BTB U . -30.89 -52.95 -33.41
C8 BTB U . -30.85 -53.69 -34.74
O8 BTB U . -30.49 -52.72 -35.73
C1 GOL V . -25.06 -36.35 9.31
O1 GOL V . -24.68 -36.95 8.09
C2 GOL V . -23.87 -35.54 9.81
O2 GOL V . -22.72 -36.33 9.68
C3 GOL V . -24.08 -35.12 11.26
O3 GOL V . -23.58 -33.82 11.47
CL CL W . -19.89 -30.38 -10.94
GD GD X . -2.94 -27.82 12.54
CA CA Y . -21.95 -33.07 -48.69
CHA HEM Z . 35.22 6.99 -3.33
CHB HEM Z . 32.33 3.24 -4.34
CHC HEM Z . 36.09 1.06 -6.53
CHD HEM Z . 39.03 4.68 -5.23
C1A HEM Z . 34.10 6.23 -3.52
C2A HEM Z . 32.72 6.67 -3.32
C3A HEM Z . 31.93 5.63 -3.59
C4A HEM Z . 32.76 4.50 -3.98
CMA HEM Z . 30.39 5.64 -3.52
CAA HEM Z . 32.26 8.08 -2.89
CBA HEM Z . 32.70 9.05 -3.99
CGA HEM Z . 31.70 10.14 -4.29
O1A HEM Z . 30.60 10.17 -3.67
O2A HEM Z . 32.03 11.00 -5.15
C1B HEM Z . 33.09 2.31 -5.02
C2B HEM Z . 32.64 1.01 -5.51
C3B HEM Z . 33.66 0.41 -6.11
C4B HEM Z . 34.82 1.30 -6.02
CMB HEM Z . 31.22 0.41 -5.37
CAB HEM Z . 33.56 -1.00 -6.76
CBB HEM Z . 34.63 -1.69 -7.15
C1C HEM Z . 37.20 1.86 -6.41
C2C HEM Z . 38.51 1.62 -7.03
C3C HEM Z . 39.31 2.65 -6.68
C4C HEM Z . 38.55 3.53 -5.82
CMC HEM Z . 38.83 0.42 -7.94
CAC HEM Z . 40.80 2.91 -7.03
CBC HEM Z . 41.65 1.95 -7.40
C1D HEM Z . 38.26 5.62 -4.59
C2D HEM Z . 38.73 6.88 -4.04
C3D HEM Z . 37.68 7.52 -3.50
C4D HEM Z . 36.51 6.68 -3.71
CMD HEM Z . 40.18 7.38 -4.07
CAD HEM Z . 37.69 8.90 -2.79
CBD HEM Z . 37.37 9.93 -3.86
CGD HEM Z . 37.44 11.34 -3.35
O1D HEM Z . 37.95 11.60 -2.23
O2D HEM Z . 36.96 12.24 -4.11
NA HEM Z . 34.07 4.91 -3.90
NB HEM Z . 34.43 2.43 -5.35
NC HEM Z . 37.28 3.02 -5.68
ND HEM Z . 36.90 5.54 -4.38
FE HEM Z . 35.73 3.83 -4.52
N1 H4B AA . 29.75 11.94 0.58
C2 H4B AA . 30.00 11.43 -0.64
N2 H4B AA . 30.00 10.08 -0.80
N3 H4B AA . 30.22 12.24 -1.70
C4 H4B AA . 30.21 13.59 -1.56
O4 H4B AA . 30.42 14.35 -2.54
C4A H4B AA . 29.96 14.13 -0.30
C8A H4B AA . 29.73 13.28 0.77
N5 H4B AA . 29.94 15.46 -0.11
N8 H4B AA . 29.50 13.78 2.01
C6 H4B AA . 30.23 15.98 1.21
C7 H4B AA . 29.47 15.21 2.29
C9 H4B AA . 29.95 17.48 1.26
O9 H4B AA . 28.63 17.77 0.80
C10 H4B AA . 30.05 18.00 2.69
C11 H4B AA . 29.81 19.50 2.75
O10 H4B AA . 31.35 17.68 3.19
C17 A1BT5 BA . 34.28 11.14 -8.15
C11 A1BT5 BA . 33.57 7.46 -7.47
C13 A1BT5 BA . 35.66 8.09 -6.46
C14 A1BT5 BA . 35.51 9.38 -6.93
C12 A1BT5 BA . 34.68 7.14 -6.71
C15 A1BT5 BA . 34.40 9.71 -7.68
C16 A1BT5 BA . 33.41 8.77 -7.94
C19 A1BT5 BA . 34.06 13.22 -6.91
C20 A1BT5 BA . 34.39 13.91 -5.58
C21 A1BT5 BA . 34.49 15.38 -5.84
C02 A1BT5 BA . 36.24 3.75 -9.45
C04 A1BT5 BA . 34.98 5.72 -9.57
C05 A1BT5 BA . 34.15 4.97 -8.75
C06 A1BT5 BA . 32.87 5.27 -8.06
C22 A1BT5 BA . 35.64 16.08 -5.50
C23 A1BT5 BA . 35.73 17.45 -5.76
C24 A1BT5 BA . 34.66 18.12 -6.35
C25 A1BT5 BA . 33.50 17.42 -6.67
C26 A1BT5 BA . 33.42 16.06 -6.42
C28 A1BT5 BA . 34.52 20.09 -7.72
C32 A1BT5 BA . 34.97 23.95 -8.46
C34 A1BT5 BA . 36.18 22.16 -7.61
C35 A1BT5 BA . 35.00 21.49 -7.87
N03 A1BT5 BA . 36.10 5.03 -9.93
N07 A1BT5 BA . 32.60 6.54 -7.71
N08 A1BT5 BA . 32.02 4.37 -7.79
N18 A1BT5 BA . 34.78 11.94 -7.00
N27 A1BT5 BA . 34.77 19.46 -6.57
N29 A1BT5 BA . 33.90 19.55 -8.67
N33 A1BT5 BA . 36.14 23.48 -7.93
S01 A1BT5 BA . 34.84 3.43 -8.47
S31 A1BT5 BA . 33.87 22.61 -8.55
C1 BTB CA . 7.75 27.56 -7.90
O1 BTB CA . 8.57 27.53 -9.07
C2 BTB CA . 8.04 26.32 -7.04
C3 BTB CA . 8.36 25.21 -8.03
O3 BTB CA . 9.11 24.20 -7.35
C4 BTB CA . 9.25 26.62 -6.16
O4 BTB CA . 10.08 25.47 -6.02
N BTB CA . 6.86 25.93 -6.24
C5 BTB CA . 6.05 27.13 -5.90
C6 BTB CA . 4.57 26.78 -5.84
O6 BTB CA . 3.94 27.06 -7.09
C7 BTB CA . 7.22 25.29 -4.96
C8 BTB CA . 7.14 23.77 -4.99
O8 BTB CA . 6.56 23.32 -6.22
C1 GOL DA . 52.87 -8.97 -16.61
O1 GOL DA . 53.28 -9.63 -15.44
C2 GOL DA . 54.16 -8.64 -17.36
O2 GOL DA . 55.22 -9.00 -16.53
C3 GOL DA . 54.23 -7.14 -17.58
O3 GOL DA . 55.47 -6.73 -17.06
C1 GOL EA . 56.52 20.77 -30.57
O1 GOL EA . 57.04 20.45 -29.29
C2 GOL EA . 55.63 22.02 -30.52
O2 GOL EA . 56.15 22.99 -29.63
C3 GOL EA . 54.20 21.64 -30.11
O3 GOL EA . 53.75 20.55 -30.88
CL CL FA . 29.76 10.05 -10.80
ZN ZN GA . 38.04 16.25 12.98
CA CA HA . -1.61 17.24 -7.26
CA CA IA . -1.32 11.95 -15.44
CHA HEM JA . 20.32 18.27 19.75
CHB HEM JA . 16.29 19.63 17.39
CHC HEM JA . 15.36 22.83 20.91
CHD HEM JA . 19.68 21.89 22.96
C1A HEM JA . 19.25 18.26 18.89
C2A HEM JA . 18.94 17.25 17.90
C3A HEM JA . 17.81 17.61 17.25
C4A HEM JA . 17.37 18.88 17.80
CMA HEM JA . 17.09 16.83 16.12
CAA HEM JA . 19.74 15.94 17.72
CBA HEM JA . 19.15 15.04 18.80
CGA HEM JA . 19.47 13.58 18.65
O1A HEM JA . 19.78 13.16 17.51
O2A HEM JA . 19.38 12.85 19.68
C1B HEM JA . 15.67 20.61 18.14
C2B HEM JA . 14.39 21.23 17.86
C3B HEM JA . 14.13 22.12 18.82
C4B HEM JA . 15.24 22.10 19.74
CMB HEM JA . 13.45 20.97 16.67
CAB HEM JA . 12.84 22.97 18.84
CBB HEM JA . 12.78 24.11 19.56
C1C HEM JA . 16.42 22.81 21.78
C2C HEM JA . 16.46 23.55 23.01
C3C HEM JA . 17.65 23.29 23.61
C4C HEM JA . 18.41 22.40 22.73
CMC HEM JA . 15.27 24.41 23.48
CAC HEM JA . 18.23 23.83 24.93
CBC HEM JA . 17.83 24.99 25.50
C1D HEM JA . 20.21 20.80 22.27
C2D HEM JA . 21.48 20.16 22.56
C3D HEM JA . 21.66 19.18 21.68
C4D HEM JA . 20.51 19.17 20.78
CMD HEM JA . 22.44 20.58 23.70
CAD HEM JA . 22.86 18.20 21.60
CBD HEM JA . 22.42 16.85 22.17
CGD HEM JA . 23.63 15.95 22.28
O1D HEM JA . 24.76 16.45 22.07
O2D HEM JA . 23.46 14.74 22.56
NA HEM JA . 18.28 19.24 18.80
NB HEM JA . 16.17 21.17 19.31
NC HEM JA . 17.61 22.12 21.65
ND HEM JA . 19.65 20.17 21.16
FE HEM JA . 18.14 20.91 20.03
N1 H4B KA . 23.18 12.51 14.51
C2 H4B KA . 22.13 12.74 15.31
N2 H4B KA . 21.35 13.83 15.10
N3 H4B KA . 21.81 11.88 16.31
C4 H4B KA . 22.57 10.80 16.55
O4 H4B KA . 22.28 10.01 17.48
C4A H4B KA . 23.67 10.56 15.74
C8A H4B KA . 23.97 11.43 14.71
N5 H4B KA . 24.43 9.48 15.98
N8 H4B KA . 25.06 11.22 13.91
C6 H4B KA . 25.79 9.48 15.46
C7 H4B KA . 25.88 10.01 14.03
C9 H4B KA . 26.41 8.10 15.64
O9 H4B KA . 25.55 7.06 15.15
C10 H4B KA . 27.76 8.03 14.95
C11 H4B KA . 28.47 6.75 15.32
O10 H4B KA . 28.54 9.13 15.44
C17 A1BT5 LA . 18.62 13.24 23.24
C11 A1BT5 LA . 16.78 16.01 21.36
C13 A1BT5 LA . 18.79 16.88 22.39
C14 A1BT5 LA . 19.07 15.62 22.90
C12 A1BT5 LA . 17.66 17.08 21.61
C15 A1BT5 LA . 18.20 14.56 22.66
C16 A1BT5 LA . 17.05 14.75 21.88
C19 A1BT5 LA . 20.61 11.80 23.12
C20 A1BT5 LA . 22.04 11.70 22.59
C21 A1BT5 LA . 22.70 10.50 23.22
C02 A1BT5 LA . 14.72 20.07 23.36
C04 A1BT5 LA . 15.14 17.75 23.23
C05 A1BT5 LA . 14.87 18.03 21.89
C06 A1BT5 LA . 14.88 17.26 20.64
C22 A1BT5 LA . 23.90 10.61 23.91
C23 A1BT5 LA . 24.47 9.49 24.51
C24 A1BT5 LA . 23.85 8.25 24.42
C25 A1BT5 LA . 22.66 8.13 23.71
C26 A1BT5 LA . 22.08 9.25 23.13
C28 A1BT5 LA . 23.85 6.31 25.85
C32 A1BT5 LA . 25.61 3.47 27.98
C34 A1BT5 LA . 25.75 5.77 27.63
C35 A1BT5 LA . 24.71 5.50 26.76
N03 A1BT5 LA . 15.01 18.88 24.00
N07 A1BT5 LA . 15.68 16.19 20.57
N08 A1BT5 LA . 14.13 17.61 19.65
N18 A1BT5 LA . 20.05 13.14 22.88
N27 A1BT5 LA . 24.45 7.17 25.00
N29 A1BT5 LA . 22.61 6.16 25.90
N33 A1BT5 LA . 26.22 4.64 28.28
S01 A1BT5 LA . 14.58 19.70 21.69
S31 A1BT5 LA . 24.37 3.80 26.81
C1 BTB MA . -8.76 5.18 -0.03
O1 BTB MA . -9.16 4.71 -1.31
C2 BTB MA . -7.45 4.57 0.48
C3 BTB MA . -6.23 4.97 -0.34
O3 BTB MA . -5.09 4.71 0.50
C4 BTB MA . -7.15 5.22 1.83
O4 BTB MA . -7.36 4.36 2.94
N BTB MA . -7.50 3.07 0.54
C5 BTB MA . -7.03 2.48 -0.74
C6 BTB MA . -6.86 0.97 -0.63
O6 BTB MA . -5.82 0.69 0.31
C7 BTB MA . -8.81 2.51 0.93
C8 BTB MA . -8.72 1.83 2.31
O8 BTB MA . -7.77 0.77 2.33
C1 BTB NA . 19.50 14.10 55.02
O1 BTB NA . 20.57 13.95 54.08
C2 BTB NA . 18.71 12.80 55.14
C3 BTB NA . 19.53 11.68 54.49
O3 BTB NA . 20.56 11.25 55.38
C4 BTB NA . 18.54 12.50 56.64
O4 BTB NA . 18.70 11.10 56.90
N BTB NA . 17.33 12.96 54.54
C5 BTB NA . 16.77 14.12 55.22
C6 BTB NA . 15.78 14.87 54.34
O6 BTB NA . 15.66 14.23 53.06
C7 BTB NA . 16.45 11.83 54.88
C8 BTB NA . 16.50 10.57 54.01
O8 BTB NA . 16.27 9.43 54.85
C1 GOL OA . 9.20 -8.42 16.65
O1 GOL OA . 10.31 -9.23 16.94
C2 GOL OA . 8.41 -9.05 15.50
O2 GOL OA . 9.00 -8.65 14.28
C3 GOL OA . 6.96 -8.59 15.55
O3 GOL OA . 6.21 -9.24 14.55
C1 GOL PA . 23.76 7.98 20.24
O1 GOL PA . 24.09 9.20 19.62
C2 GOL PA . 23.52 6.92 19.16
O2 GOL PA . 23.05 7.53 17.97
C3 GOL PA . 22.49 5.91 19.66
O3 GOL PA . 22.25 4.95 18.65
CL CL QA . 14.08 11.16 21.71
GD GD RA . -5.50 2.57 2.15
#